data_4ISR
#
_entry.id   4ISR
#
_cell.length_a   165.244
_cell.length_b   57.781
_cell.length_c   169.555
_cell.angle_alpha   90.000
_cell.angle_beta   118.490
_cell.angle_gamma   90.000
#
_symmetry.space_group_name_H-M   'P 1 21 1'
#
loop_
_entity.id
_entity.type
_entity.pdbx_description
1 polymer Neurotoxin
2 polymer Synaptotagmin-2
3 non-polymer 'SULFATE ION'
4 water water
#
loop_
_entity_poly.entity_id
_entity_poly.type
_entity_poly.pdbx_seq_one_letter_code
_entity_poly.pdbx_strand_id
1 'polypeptide(L)'
;MHHHHHHYFSINDSKILSLQNKKNTLMDTSGYNAEVRVEGNVQLNPIFPFDFKLGSSGDDRGKVIVTQNENIVYNAMYES
FSISFWIRINKWVSNLPGYTIIDSVKNNSGWSIGIISNFLVFTLKQNENSEQDINFSYDISKNAAGYNKWFFVTITTNMM
GNMMIYINGKLIDTIKVKELTGINFSKTITFQMNKIPNTGLITSDSDNINMWIRDFYIFAKELDDKDINILFNSLQYTNV
VKDYWGNDLRYDKEYYMINVNYMNRYMSKKGNGIVFNTRKNNNDFNEGYKIIIKRIRGNTNDTRVRGENVLYFNTTIDNK
QYSLGMYKPSRNLGTDLVPLGALDQPMDEIRKYGSFIIQPCNTFDYYASQLFLSSNATTNRLGILSIGSYSFKLGDDYWF
NHEYLIPVIKIEHYASLLESTSTHWVFVPAS
;
A,B,C
2 'polypeptide(L)' GESQEDMFAKLKDKFFNEINK D,E,F
#
loop_
_chem_comp.id
_chem_comp.type
_chem_comp.name
_chem_comp.formula
SO4 non-polymer 'SULFATE ION' 'O4 S -2'
#
# COMPACT_ATOMS: atom_id res chain seq x y z
N SER A 10 1.74 -0.90 1.48
CA SER A 10 3.11 -1.43 1.17
C SER A 10 3.03 -2.81 0.53
N ILE A 11 3.80 -3.00 -0.55
CA ILE A 11 3.85 -4.28 -1.26
C ILE A 11 4.82 -5.27 -0.60
N ASN A 12 5.64 -4.76 0.30
CA ASN A 12 6.61 -5.57 1.04
C ASN A 12 5.96 -6.50 2.06
N ASP A 13 4.71 -6.21 2.41
CA ASP A 13 3.95 -7.03 3.35
C ASP A 13 3.78 -8.47 2.88
N SER A 14 3.74 -8.65 1.56
CA SER A 14 3.54 -9.97 0.96
C SER A 14 4.84 -10.62 0.48
N LYS A 15 5.97 -9.94 0.69
CA LYS A 15 7.28 -10.47 0.31
C LYS A 15 7.70 -11.59 1.26
N ILE A 16 7.83 -12.80 0.73
CA ILE A 16 8.17 -13.99 1.53
C ILE A 16 9.60 -14.49 1.31
N LEU A 17 10.24 -14.00 0.25
CA LEU A 17 11.66 -14.27 0.01
C LEU A 17 12.33 -13.05 -0.61
N SER A 18 13.52 -12.73 -0.12
CA SER A 18 14.30 -11.61 -0.63
C SER A 18 15.77 -11.99 -0.62
N LEU A 19 16.21 -12.67 -1.69
CA LEU A 19 17.59 -13.11 -1.81
C LEU A 19 18.49 -11.95 -2.24
N GLN A 20 19.36 -11.54 -1.32
CA GLN A 20 20.22 -10.38 -1.55
C GLN A 20 21.64 -10.64 -1.05
N ASN A 21 22.62 -10.06 -1.73
CA ASN A 21 24.00 -10.05 -1.25
C ASN A 21 24.13 -8.93 -0.22
N LYS A 22 24.57 -9.31 0.97
CA LYS A 22 24.68 -8.39 2.09
C LYS A 22 26.00 -8.62 2.81
N LYS A 23 26.88 -7.62 2.75
CA LYS A 23 28.24 -7.70 3.31
C LYS A 23 28.95 -9.00 2.89
N ASN A 24 29.04 -9.20 1.57
CA ASN A 24 29.69 -10.37 0.96
C ASN A 24 29.09 -11.73 1.35
N THR A 25 27.79 -11.73 1.64
CA THR A 25 27.09 -12.94 2.01
C THR A 25 25.68 -12.93 1.39
N LEU A 26 25.34 -14.00 0.69
CA LEU A 26 23.99 -14.18 0.18
C LEU A 26 23.06 -14.64 1.29
N MET A 27 21.95 -13.92 1.47
CA MET A 27 21.00 -14.23 2.52
C MET A 27 19.58 -13.83 2.17
N ASP A 28 18.62 -14.37 2.91
CA ASP A 28 17.23 -13.95 2.79
C ASP A 28 17.01 -12.80 3.76
N THR A 29 16.52 -11.69 3.24
CA THR A 29 16.31 -10.48 4.04
C THR A 29 14.82 -10.18 4.24
N SER A 30 13.97 -11.13 3.90
CA SER A 30 12.52 -10.96 3.98
C SER A 30 11.99 -11.03 5.42
N GLY A 31 12.82 -11.52 6.33
CA GLY A 31 12.42 -11.71 7.72
C GLY A 31 11.96 -13.14 7.99
N TYR A 32 11.82 -13.92 6.92
CA TYR A 32 11.37 -15.30 7.01
C TYR A 32 12.53 -16.29 7.18
N ASN A 33 13.75 -15.76 7.12
CA ASN A 33 15.00 -16.49 7.43
C ASN A 33 15.18 -17.84 6.74
N ALA A 34 15.14 -17.83 5.41
CA ALA A 34 15.41 -19.03 4.62
C ALA A 34 16.91 -19.37 4.67
N GLU A 35 17.21 -20.66 4.61
CA GLU A 35 18.60 -21.10 4.53
C GLU A 35 19.12 -20.89 3.12
N VAL A 36 20.28 -20.23 3.02
CA VAL A 36 20.93 -19.97 1.74
C VAL A 36 22.30 -20.63 1.72
N ARG A 37 22.42 -21.71 0.94
CA ARG A 37 23.64 -22.49 0.85
C ARG A 37 24.32 -22.22 -0.48
N VAL A 38 25.60 -21.86 -0.43
CA VAL A 38 26.33 -21.51 -1.65
C VAL A 38 27.52 -22.47 -1.90
N GLU A 39 27.55 -23.04 -3.10
CA GLU A 39 28.55 -24.05 -3.47
C GLU A 39 29.21 -23.74 -4.80
N GLY A 40 30.48 -24.14 -4.93
CA GLY A 40 31.20 -24.05 -6.19
C GLY A 40 31.65 -22.64 -6.55
N ASN A 41 31.74 -22.37 -7.85
CA ASN A 41 32.19 -21.08 -8.36
C ASN A 41 31.06 -20.05 -8.44
N VAL A 42 30.86 -19.34 -7.33
CA VAL A 42 29.88 -18.26 -7.26
C VAL A 42 30.60 -16.99 -6.84
N GLN A 43 30.56 -15.98 -7.72
CA GLN A 43 31.23 -14.70 -7.46
C GLN A 43 30.23 -13.65 -7.04
N LEU A 44 30.55 -12.91 -5.98
CA LEU A 44 29.70 -11.82 -5.49
C LEU A 44 30.31 -10.47 -5.82
N ASN A 45 29.52 -9.58 -6.41
CA ASN A 45 29.96 -8.23 -6.72
C ASN A 45 29.97 -7.35 -5.45
N PRO A 46 31.16 -6.83 -5.09
CA PRO A 46 31.27 -5.97 -3.89
C PRO A 46 30.62 -4.59 -4.06
N ILE A 47 30.38 -4.18 -5.30
CA ILE A 47 29.70 -2.93 -5.60
C ILE A 47 28.36 -3.14 -6.26
N PHE A 48 27.56 -2.07 -6.34
CA PHE A 48 26.24 -2.10 -6.96
C PHE A 48 26.30 -2.70 -8.38
N PRO A 49 25.32 -3.55 -8.74
CA PRO A 49 24.11 -3.92 -7.99
C PRO A 49 24.26 -5.12 -7.05
N PHE A 50 25.47 -5.38 -6.58
CA PHE A 50 25.74 -6.48 -5.63
C PHE A 50 25.19 -7.82 -6.11
N ASP A 51 25.36 -8.09 -7.40
CA ASP A 51 24.83 -9.28 -8.06
C ASP A 51 25.66 -10.52 -7.71
N PHE A 52 25.12 -11.69 -8.02
CA PHE A 52 25.91 -12.91 -7.99
C PHE A 52 26.06 -13.52 -9.38
N LYS A 53 27.21 -14.15 -9.63
CA LYS A 53 27.56 -14.65 -10.96
C LYS A 53 27.74 -16.17 -10.98
N LEU A 54 27.09 -16.81 -11.94
CA LEU A 54 27.14 -18.26 -12.15
C LEU A 54 27.57 -18.58 -13.57
N GLY A 55 28.22 -19.73 -13.75
CA GLY A 55 28.61 -20.20 -15.08
C GLY A 55 28.07 -21.57 -15.41
N SER A 56 28.23 -21.98 -16.67
CA SER A 56 27.88 -23.34 -17.09
C SER A 56 29.12 -24.23 -17.14
N SER A 57 30.29 -23.61 -16.89
CA SER A 57 31.59 -24.25 -17.05
C SER A 57 31.95 -25.21 -15.92
N GLY A 58 32.49 -26.37 -16.30
CA GLY A 58 33.11 -27.29 -15.37
C GLY A 58 32.19 -28.05 -14.45
N ASP A 59 32.76 -29.02 -13.74
CA ASP A 59 32.03 -29.83 -12.77
C ASP A 59 31.84 -29.07 -11.47
N ASP A 60 32.67 -28.04 -11.26
CA ASP A 60 32.62 -27.21 -10.06
C ASP A 60 31.89 -25.86 -10.30
N ARG A 61 30.89 -25.88 -11.18
CA ARG A 61 30.08 -24.69 -11.45
C ARG A 61 29.28 -24.27 -10.22
N GLY A 62 28.85 -23.01 -10.20
CA GLY A 62 28.16 -22.44 -9.05
C GLY A 62 26.80 -23.03 -8.77
N LYS A 63 26.43 -23.05 -7.49
CA LYS A 63 25.14 -23.59 -7.06
C LYS A 63 24.68 -22.85 -5.81
N VAL A 64 23.51 -22.23 -5.90
CA VAL A 64 22.88 -21.58 -4.74
C VAL A 64 21.59 -22.32 -4.40
N ILE A 65 21.53 -22.85 -3.18
CA ILE A 65 20.36 -23.58 -2.69
C ILE A 65 19.62 -22.73 -1.67
N VAL A 66 18.36 -22.42 -1.96
CA VAL A 66 17.52 -21.70 -1.01
C VAL A 66 16.48 -22.65 -0.44
N THR A 67 16.53 -22.86 0.88
CA THR A 67 15.55 -23.70 1.58
C THR A 67 14.67 -22.82 2.46
N GLN A 68 13.40 -22.71 2.10
CA GLN A 68 12.44 -21.88 2.83
C GLN A 68 11.87 -22.62 4.03
N ASN A 69 11.56 -21.88 5.09
CA ASN A 69 10.84 -22.44 6.22
C ASN A 69 9.48 -22.94 5.74
N GLU A 70 9.21 -24.22 5.98
CA GLU A 70 8.03 -24.90 5.42
C GLU A 70 6.68 -24.31 5.85
N ASN A 71 6.63 -23.77 7.07
CA ASN A 71 5.38 -23.28 7.64
C ASN A 71 5.01 -21.83 7.32
N ILE A 72 5.68 -20.91 8.01
CA ILE A 72 5.29 -19.50 8.10
C ILE A 72 5.04 -18.77 6.76
N VAL A 73 5.76 -19.17 5.71
CA VAL A 73 5.71 -18.46 4.41
C VAL A 73 4.39 -18.56 3.64
N TYR A 74 3.57 -19.55 3.99
CA TYR A 74 2.34 -19.80 3.24
C TYR A 74 1.06 -19.33 3.95
N ASN A 75 1.21 -18.69 5.11
CA ASN A 75 0.07 -18.20 5.90
C ASN A 75 -0.75 -17.11 5.19
N ALA A 76 -0.07 -16.28 4.40
CA ALA A 76 -0.70 -15.18 3.70
C ALA A 76 -1.06 -15.55 2.25
N MET A 77 -0.47 -16.63 1.74
CA MET A 77 -0.70 -17.06 0.37
C MET A 77 -2.05 -17.78 0.25
N TYR A 78 -2.74 -17.52 -0.84
N TYR A 78 -2.75 -17.52 -0.84
CA TYR A 78 -4.03 -18.16 -1.09
CA TYR A 78 -4.05 -18.12 -1.09
C TYR A 78 -4.04 -18.89 -2.44
C TYR A 78 -4.12 -18.86 -2.42
N GLU A 79 -4.03 -18.12 -3.52
CA GLU A 79 -4.17 -18.69 -4.86
C GLU A 79 -3.15 -18.08 -5.81
N SER A 80 -2.37 -17.13 -5.30
CA SER A 80 -1.55 -16.26 -6.13
C SER A 80 -0.14 -16.07 -5.59
N PHE A 81 0.81 -15.97 -6.51
CA PHE A 81 2.20 -15.65 -6.17
C PHE A 81 2.95 -14.99 -7.33
N SER A 82 3.96 -14.18 -6.98
CA SER A 82 4.76 -13.45 -7.96
C SER A 82 6.26 -13.65 -7.74
N ILE A 83 7.01 -13.77 -8.83
CA ILE A 83 8.46 -13.87 -8.78
C ILE A 83 9.08 -12.70 -9.56
N SER A 84 9.99 -11.99 -8.92
CA SER A 84 10.70 -10.89 -9.59
C SER A 84 12.21 -10.95 -9.37
N PHE A 85 12.97 -10.62 -10.42
CA PHE A 85 14.43 -10.58 -10.35
C PHE A 85 15.09 -9.86 -11.52
N TRP A 86 16.30 -9.35 -11.28
CA TRP A 86 17.15 -8.85 -12.35
C TRP A 86 18.06 -9.97 -12.83
N ILE A 87 18.22 -10.05 -14.15
CA ILE A 87 19.03 -11.11 -14.76
C ILE A 87 19.80 -10.60 -15.97
N ARG A 88 21.00 -11.14 -16.14
CA ARG A 88 21.81 -10.90 -17.33
C ARG A 88 22.47 -12.19 -17.75
N ILE A 89 22.35 -12.54 -19.02
CA ILE A 89 22.96 -13.73 -19.59
C ILE A 89 23.95 -13.33 -20.69
N ASN A 90 25.22 -13.71 -20.55
CA ASN A 90 26.22 -13.31 -21.53
C ASN A 90 26.46 -14.33 -22.63
N LYS A 91 26.43 -13.81 -23.86
CA LYS A 91 26.33 -14.58 -25.09
C LYS A 91 25.04 -15.40 -25.08
N TRP A 92 23.92 -14.70 -24.92
CA TRP A 92 22.61 -15.29 -25.14
C TRP A 92 22.33 -15.25 -26.63
N VAL A 93 22.92 -16.22 -27.32
CA VAL A 93 22.75 -16.38 -28.76
C VAL A 93 21.37 -16.93 -29.07
N SER A 94 20.86 -16.63 -30.26
CA SER A 94 19.50 -17.05 -30.64
C SER A 94 19.38 -18.54 -30.88
N ASN A 95 20.51 -19.22 -31.04
CA ASN A 95 20.51 -20.68 -31.19
C ASN A 95 21.00 -21.41 -29.94
N LEU A 96 20.84 -20.75 -28.79
CA LEU A 96 21.32 -21.29 -27.51
C LEU A 96 20.66 -22.62 -27.18
N PRO A 97 21.47 -23.61 -26.76
CA PRO A 97 20.90 -24.89 -26.27
C PRO A 97 20.09 -24.69 -24.99
N GLY A 98 19.26 -25.68 -24.64
CA GLY A 98 18.39 -25.58 -23.47
C GLY A 98 19.12 -25.66 -22.14
N TYR A 99 18.81 -24.72 -21.24
CA TYR A 99 19.36 -24.69 -19.88
C TYR A 99 18.24 -24.45 -18.88
N THR A 100 18.27 -25.18 -17.77
CA THR A 100 17.47 -24.85 -16.59
C THR A 100 18.32 -23.98 -15.69
N ILE A 101 17.80 -22.82 -15.30
CA ILE A 101 18.62 -21.86 -14.53
C ILE A 101 18.15 -21.64 -13.09
N ILE A 102 16.84 -21.63 -12.88
CA ILE A 102 16.27 -21.52 -11.55
C ILE A 102 15.18 -22.59 -11.40
N ASP A 103 15.47 -23.59 -10.59
CA ASP A 103 14.60 -24.75 -10.44
C ASP A 103 13.98 -24.84 -9.05
N SER A 104 12.67 -25.09 -9.02
CA SER A 104 11.97 -25.28 -7.77
C SER A 104 10.90 -26.36 -7.95
N VAL A 105 11.34 -27.52 -8.44
CA VAL A 105 10.48 -28.65 -8.68
C VAL A 105 10.94 -29.81 -7.80
N LYS A 106 10.02 -30.39 -7.06
CA LYS A 106 10.28 -31.62 -6.33
C LYS A 106 9.16 -32.61 -6.60
N ASN A 107 9.53 -33.85 -6.91
CA ASN A 107 8.57 -34.89 -7.25
C ASN A 107 7.57 -34.46 -8.33
N ASN A 108 8.10 -33.87 -9.39
CA ASN A 108 7.30 -33.40 -10.53
C ASN A 108 6.27 -32.33 -10.19
N SER A 109 6.53 -31.55 -9.14
CA SER A 109 5.62 -30.51 -8.68
C SER A 109 6.38 -29.26 -8.25
N GLY A 110 5.84 -28.10 -8.62
CA GLY A 110 6.47 -26.80 -8.34
C GLY A 110 6.62 -25.95 -9.60
N TRP A 111 7.69 -25.15 -9.65
CA TRP A 111 7.95 -24.31 -10.83
C TRP A 111 9.42 -24.31 -11.24
N SER A 112 9.66 -23.93 -12.50
CA SER A 112 11.01 -23.90 -13.04
C SER A 112 11.19 -22.78 -14.06
N ILE A 113 12.37 -22.17 -14.05
CA ILE A 113 12.73 -21.15 -15.03
C ILE A 113 13.92 -21.62 -15.86
N GLY A 114 13.74 -21.62 -17.18
CA GLY A 114 14.77 -22.10 -18.10
C GLY A 114 14.96 -21.19 -19.30
N ILE A 115 16.03 -21.43 -20.04
CA ILE A 115 16.32 -20.71 -21.28
C ILE A 115 16.66 -21.67 -22.42
N ILE A 116 16.09 -21.38 -23.59
CA ILE A 116 16.34 -22.16 -24.81
C ILE A 116 16.16 -21.24 -26.02
N SER A 117 17.11 -21.30 -26.94
CA SER A 117 17.15 -20.38 -28.09
C SER A 117 17.05 -18.94 -27.58
N ASN A 118 16.06 -18.20 -28.08
CA ASN A 118 15.85 -16.82 -27.65
C ASN A 118 14.70 -16.69 -26.65
N PHE A 119 14.37 -17.79 -25.96
CA PHE A 119 13.24 -17.86 -25.04
C PHE A 119 13.68 -17.97 -23.59
N LEU A 120 13.04 -17.18 -22.72
CA LEU A 120 13.08 -17.42 -21.29
C LEU A 120 11.72 -18.03 -20.92
N VAL A 121 11.74 -19.25 -20.40
CA VAL A 121 10.50 -20.01 -20.17
C VAL A 121 10.24 -20.25 -18.68
N PHE A 122 9.03 -19.88 -18.24
CA PHE A 122 8.56 -20.23 -16.90
C PHE A 122 7.59 -21.39 -17.02
N THR A 123 7.92 -22.50 -16.35
CA THR A 123 7.08 -23.70 -16.34
C THR A 123 6.45 -23.89 -14.95
N LEU A 124 5.15 -24.17 -14.93
CA LEU A 124 4.42 -24.45 -13.71
C LEU A 124 3.90 -25.89 -13.76
N LYS A 125 4.37 -26.73 -12.83
CA LYS A 125 4.06 -28.17 -12.82
C LYS A 125 3.16 -28.59 -11.66
N GLN A 126 1.99 -29.13 -11.97
CA GLN A 126 1.15 -29.74 -10.95
C GLN A 126 1.66 -31.15 -10.64
N ASN A 127 1.85 -31.95 -11.68
CA ASN A 127 2.42 -33.29 -11.54
C ASN A 127 3.12 -33.71 -12.84
N GLU A 128 3.49 -34.98 -12.94
CA GLU A 128 4.18 -35.48 -14.12
C GLU A 128 3.31 -35.43 -15.39
N ASN A 129 2.00 -35.39 -15.21
CA ASN A 129 1.06 -35.39 -16.34
C ASN A 129 0.49 -34.02 -16.71
N SER A 130 0.61 -33.04 -15.82
CA SER A 130 0.02 -31.74 -16.08
C SER A 130 0.92 -30.56 -15.71
N GLU A 131 1.13 -29.69 -16.69
CA GLU A 131 1.94 -28.49 -16.53
C GLU A 131 1.58 -27.45 -17.58
N GLN A 132 1.90 -26.19 -17.29
CA GLN A 132 1.71 -25.10 -18.23
C GLN A 132 2.94 -24.21 -18.23
N ASP A 133 3.26 -23.61 -19.37
CA ASP A 133 4.39 -22.70 -19.45
C ASP A 133 4.05 -21.38 -20.14
N ILE A 134 4.83 -20.35 -19.81
CA ILE A 134 4.71 -19.03 -20.41
C ILE A 134 6.13 -18.56 -20.72
N ASN A 135 6.30 -17.70 -21.72
CA ASN A 135 7.65 -17.30 -22.13
C ASN A 135 7.81 -15.88 -22.65
N PHE A 136 9.06 -15.42 -22.60
CA PHE A 136 9.48 -14.21 -23.28
C PHE A 136 10.50 -14.60 -24.34
N SER A 137 10.24 -14.20 -25.59
CA SER A 137 11.21 -14.39 -26.66
C SER A 137 11.71 -13.04 -27.13
N TYR A 138 13.02 -12.81 -27.01
CA TYR A 138 13.60 -11.54 -27.39
C TYR A 138 13.66 -11.36 -28.91
N ASP A 139 13.61 -10.11 -29.33
CA ASP A 139 13.64 -9.75 -30.74
C ASP A 139 15.05 -10.00 -31.31
N ILE A 140 15.18 -11.03 -32.13
CA ILE A 140 16.47 -11.42 -32.70
C ILE A 140 17.08 -10.32 -33.57
N SER A 141 16.26 -9.68 -34.39
CA SER A 141 16.72 -8.63 -35.30
C SER A 141 17.29 -7.41 -34.58
N LYS A 142 16.76 -7.13 -33.39
CA LYS A 142 17.23 -6.01 -32.57
C LYS A 142 18.40 -6.39 -31.66
N ASN A 143 18.79 -7.66 -31.69
CA ASN A 143 19.82 -8.19 -30.79
C ASN A 143 20.70 -9.22 -31.50
N ALA A 144 21.24 -8.82 -32.64
CA ALA A 144 22.01 -9.72 -33.50
C ALA A 144 23.28 -10.26 -32.84
N ALA A 145 23.85 -9.49 -31.91
CA ALA A 145 25.05 -9.90 -31.20
C ALA A 145 24.74 -10.59 -29.86
N GLY A 146 23.49 -10.98 -29.68
CA GLY A 146 23.04 -11.65 -28.46
C GLY A 146 22.32 -10.72 -27.51
N TYR A 147 21.38 -11.27 -26.75
CA TYR A 147 20.65 -10.49 -25.75
C TYR A 147 21.42 -10.54 -24.44
N ASN A 148 22.44 -9.69 -24.34
CA ASN A 148 23.43 -9.77 -23.27
C ASN A 148 23.32 -8.66 -22.23
N LYS A 149 22.15 -8.03 -22.17
CA LYS A 149 21.93 -6.92 -21.26
C LYS A 149 21.12 -7.33 -20.02
N TRP A 150 21.24 -6.52 -18.97
CA TRP A 150 20.39 -6.66 -17.79
C TRP A 150 18.93 -6.43 -18.16
N PHE A 151 18.06 -7.30 -17.67
CA PHE A 151 16.63 -7.07 -17.76
C PHE A 151 15.92 -7.51 -16.49
N PHE A 152 14.73 -6.95 -16.27
CA PHE A 152 13.95 -7.21 -15.08
C PHE A 152 12.78 -8.14 -15.40
N VAL A 153 12.74 -9.28 -14.73
CA VAL A 153 11.70 -10.28 -14.93
C VAL A 153 10.66 -10.21 -13.80
N THR A 154 9.39 -10.29 -14.18
CA THR A 154 8.30 -10.44 -13.20
C THR A 154 7.29 -11.45 -13.70
N ILE A 155 7.08 -12.49 -12.91
CA ILE A 155 6.13 -13.55 -13.26
C ILE A 155 5.05 -13.59 -12.19
N THR A 156 3.81 -13.37 -12.60
CA THR A 156 2.67 -13.45 -11.68
C THR A 156 1.77 -14.64 -12.06
N THR A 157 1.26 -15.33 -11.04
CA THR A 157 0.36 -16.45 -11.24
C THR A 157 -0.82 -16.37 -10.28
N ASN A 158 -2.01 -16.52 -10.85
CA ASN A 158 -3.24 -16.74 -10.09
C ASN A 158 -3.80 -18.08 -10.54
N MET A 159 -3.94 -19.02 -9.60
CA MET A 159 -4.38 -20.38 -9.91
C MET A 159 -5.81 -20.45 -10.43
N MET A 160 -6.60 -19.44 -10.10
CA MET A 160 -7.97 -19.32 -10.60
C MET A 160 -8.09 -18.18 -11.62
N GLY A 161 -6.96 -17.81 -12.21
CA GLY A 161 -6.91 -16.75 -13.21
C GLY A 161 -5.85 -16.99 -14.27
N ASN A 162 -4.90 -16.05 -14.36
CA ASN A 162 -3.88 -16.10 -15.41
C ASN A 162 -2.46 -16.28 -14.90
N MET A 163 -1.60 -16.83 -15.75
CA MET A 163 -0.16 -16.69 -15.65
C MET A 163 0.22 -15.49 -16.49
N MET A 164 1.11 -14.65 -15.97
CA MET A 164 1.56 -13.47 -16.69
C MET A 164 3.06 -13.28 -16.56
N ILE A 165 3.69 -12.84 -17.65
CA ILE A 165 5.12 -12.54 -17.66
C ILE A 165 5.39 -11.09 -18.08
N TYR A 166 6.24 -10.42 -17.32
CA TYR A 166 6.63 -9.05 -17.57
C TYR A 166 8.14 -8.96 -17.75
N ILE A 167 8.57 -8.15 -18.73
CA ILE A 167 9.98 -7.81 -18.90
C ILE A 167 10.10 -6.30 -18.85
N ASN A 168 10.98 -5.81 -17.97
CA ASN A 168 11.20 -4.37 -17.78
C ASN A 168 9.93 -3.57 -17.50
N GLY A 169 9.02 -4.17 -16.73
CA GLY A 169 7.74 -3.54 -16.38
C GLY A 169 6.67 -3.68 -17.44
N LYS A 170 7.03 -4.22 -18.61
CA LYS A 170 6.09 -4.36 -19.72
C LYS A 170 5.50 -5.78 -19.79
N LEU A 171 4.19 -5.85 -19.90
CA LEU A 171 3.47 -7.12 -20.05
C LEU A 171 3.80 -7.75 -21.41
N ILE A 172 4.30 -8.98 -21.36
CA ILE A 172 4.74 -9.69 -22.58
C ILE A 172 3.71 -10.73 -23.02
N ASP A 173 3.22 -11.52 -22.07
CA ASP A 173 2.25 -12.57 -22.37
C ASP A 173 1.33 -12.85 -21.19
N THR A 174 0.11 -13.32 -21.51
CA THR A 174 -0.92 -13.66 -20.54
C THR A 174 -1.57 -14.98 -20.95
N ILE A 175 -1.44 -16.01 -20.12
CA ILE A 175 -2.05 -17.30 -20.43
C ILE A 175 -2.97 -17.77 -19.31
N LYS A 176 -4.18 -18.17 -19.70
CA LYS A 176 -5.18 -18.66 -18.77
C LYS A 176 -4.78 -20.01 -18.19
N VAL A 177 -4.68 -20.08 -16.87
CA VAL A 177 -4.45 -21.34 -16.17
C VAL A 177 -5.69 -22.21 -16.35
N LYS A 178 -5.55 -23.33 -17.06
CA LYS A 178 -6.68 -24.19 -17.35
C LYS A 178 -6.44 -25.64 -16.91
N GLU A 179 -5.30 -26.19 -17.27
CA GLU A 179 -4.93 -27.56 -16.92
C GLU A 179 -4.74 -27.74 -15.43
N LEU A 180 -3.93 -26.86 -14.84
CA LEU A 180 -3.56 -26.93 -13.43
C LEU A 180 -4.73 -26.60 -12.51
N THR A 181 -4.86 -27.38 -11.43
CA THR A 181 -5.91 -27.16 -10.44
C THR A 181 -5.33 -26.91 -9.04
N GLY A 182 -4.01 -26.85 -8.95
CA GLY A 182 -3.31 -26.64 -7.69
C GLY A 182 -1.84 -27.05 -7.78
N ILE A 183 -1.00 -26.42 -6.96
CA ILE A 183 0.44 -26.74 -6.96
C ILE A 183 0.93 -27.01 -5.55
N ASN A 184 1.60 -28.15 -5.37
CA ASN A 184 2.38 -28.39 -4.17
C ASN A 184 3.81 -27.90 -4.38
N PHE A 185 4.10 -26.74 -3.81
CA PHE A 185 5.39 -26.08 -4.02
C PHE A 185 6.54 -26.79 -3.32
N SER A 186 7.74 -26.63 -3.86
CA SER A 186 8.95 -27.17 -3.26
C SER A 186 9.47 -26.25 -2.16
N LYS A 187 10.16 -26.83 -1.18
CA LYS A 187 10.86 -26.07 -0.15
C LYS A 187 12.06 -25.34 -0.75
N THR A 188 12.58 -25.91 -1.84
CA THR A 188 13.90 -25.57 -2.33
C THR A 188 13.89 -24.87 -3.68
N ILE A 189 14.71 -23.82 -3.78
CA ILE A 189 14.98 -23.16 -5.04
C ILE A 189 16.47 -23.28 -5.33
N THR A 190 16.79 -23.80 -6.51
CA THR A 190 18.17 -24.02 -6.91
C THR A 190 18.58 -23.12 -8.08
N PHE A 191 19.52 -22.22 -7.81
CA PHE A 191 20.12 -21.39 -8.85
C PHE A 191 21.37 -22.13 -9.34
N GLN A 192 21.29 -22.65 -10.57
CA GLN A 192 22.40 -23.39 -11.17
C GLN A 192 22.15 -23.57 -12.65
N MET A 193 23.20 -23.44 -13.44
CA MET A 193 23.10 -23.54 -14.89
C MET A 193 23.27 -24.98 -15.35
N ASN A 194 22.15 -25.63 -15.63
CA ASN A 194 22.15 -27.04 -16.01
C ASN A 194 21.64 -27.26 -17.42
N LYS A 195 22.50 -27.84 -18.26
CA LYS A 195 22.19 -28.13 -19.65
C LYS A 195 21.18 -29.29 -19.72
N ILE A 196 20.15 -29.13 -20.55
CA ILE A 196 19.18 -30.18 -20.80
C ILE A 196 19.83 -31.29 -21.64
N PRO A 197 19.71 -32.55 -21.17
CA PRO A 197 20.33 -33.70 -21.85
C PRO A 197 19.83 -33.86 -23.29
N ASN A 198 20.76 -33.87 -24.23
CA ASN A 198 20.42 -33.96 -25.65
C ASN A 198 20.92 -35.25 -26.31
N ASP A 207 30.83 -21.09 -26.50
CA ASP A 207 29.97 -22.22 -26.13
C ASP A 207 29.58 -22.18 -24.65
N ASN A 208 30.38 -21.47 -23.86
CA ASN A 208 30.19 -21.40 -22.41
C ASN A 208 29.53 -20.09 -21.96
N ILE A 209 28.50 -20.20 -21.12
CA ILE A 209 27.69 -19.03 -20.73
C ILE A 209 27.74 -18.63 -19.26
N ASN A 210 27.59 -17.32 -19.02
CA ASN A 210 27.48 -16.78 -17.68
C ASN A 210 26.11 -16.16 -17.39
N MET A 211 25.77 -16.10 -16.11
CA MET A 211 24.50 -15.50 -15.68
C MET A 211 24.70 -14.67 -14.43
N TRP A 212 24.11 -13.48 -14.42
CA TRP A 212 24.15 -12.60 -13.25
C TRP A 212 22.73 -12.38 -12.75
N ILE A 213 22.52 -12.55 -11.44
CA ILE A 213 21.23 -12.31 -10.80
C ILE A 213 21.38 -11.34 -9.64
N ARG A 214 20.40 -10.45 -9.47
CA ARG A 214 20.33 -9.63 -8.25
C ARG A 214 18.88 -9.32 -7.85
N ASP A 215 18.65 -9.24 -6.54
CA ASP A 215 17.32 -8.96 -5.95
C ASP A 215 16.24 -9.93 -6.40
N PHE A 216 16.42 -11.21 -6.06
CA PHE A 216 15.43 -12.22 -6.37
C PHE A 216 14.33 -12.21 -5.30
N TYR A 217 13.13 -11.80 -5.68
CA TYR A 217 12.01 -11.69 -4.74
C TYR A 217 10.86 -12.62 -5.09
N ILE A 218 10.25 -13.19 -4.05
CA ILE A 218 8.97 -13.90 -4.19
C ILE A 218 7.91 -13.24 -3.33
N PHE A 219 6.74 -12.99 -3.93
CA PHE A 219 5.63 -12.37 -3.23
C PHE A 219 4.45 -13.34 -3.08
N ALA A 220 3.73 -13.22 -1.97
CA ALA A 220 2.60 -14.08 -1.68
C ALA A 220 1.29 -13.53 -2.24
N LYS A 221 1.39 -12.70 -3.28
CA LYS A 221 0.23 -12.16 -3.98
C LYS A 221 0.50 -12.00 -5.48
N GLU A 222 -0.55 -11.63 -6.22
CA GLU A 222 -0.47 -11.35 -7.64
C GLU A 222 -0.29 -9.84 -7.85
N LEU A 223 0.92 -9.43 -8.22
CA LEU A 223 1.24 -8.02 -8.44
C LEU A 223 0.61 -7.50 -9.73
N ASP A 224 0.06 -6.29 -9.67
CA ASP A 224 -0.50 -5.65 -10.87
C ASP A 224 0.55 -4.81 -11.61
N ASP A 225 0.19 -4.36 -12.82
CA ASP A 225 1.07 -3.58 -13.69
C ASP A 225 1.71 -2.41 -12.95
N LYS A 226 0.91 -1.73 -12.13
CA LYS A 226 1.35 -0.57 -11.37
C LYS A 226 2.42 -0.94 -10.35
N ASP A 227 2.17 -2.02 -9.60
CA ASP A 227 3.09 -2.50 -8.57
C ASP A 227 4.43 -2.92 -9.17
N ILE A 228 4.37 -3.58 -10.31
CA ILE A 228 5.57 -4.07 -10.99
C ILE A 228 6.44 -2.91 -11.45
N ASN A 229 5.82 -1.84 -11.94
CA ASN A 229 6.57 -0.66 -12.38
C ASN A 229 7.19 0.16 -11.25
N ILE A 230 6.48 0.27 -10.13
CA ILE A 230 7.04 0.90 -8.94
C ILE A 230 8.24 0.09 -8.48
N LEU A 231 8.10 -1.24 -8.46
CA LEU A 231 9.18 -2.15 -8.11
C LEU A 231 10.36 -2.01 -9.07
N PHE A 232 10.07 -2.09 -10.36
CA PHE A 232 11.07 -2.01 -11.44
C PHE A 232 11.93 -0.74 -11.33
N ASN A 233 11.29 0.40 -11.09
CA ASN A 233 12.01 1.67 -10.97
C ASN A 233 12.76 1.84 -9.66
N SER A 234 12.23 1.29 -8.56
CA SER A 234 12.82 1.46 -7.24
C SER A 234 14.11 0.67 -7.06
N LEU A 235 14.35 -0.28 -7.97
CA LEU A 235 15.57 -1.09 -7.94
C LEU A 235 16.65 -0.51 -8.85
N GLN A 236 16.41 0.71 -9.36
CA GLN A 236 17.33 1.38 -10.28
C GLN A 236 17.75 2.74 -9.76
N TYR A 237 18.95 3.17 -10.13
CA TYR A 237 19.36 4.56 -9.99
C TYR A 237 19.16 5.24 -11.34
N THR A 238 17.98 5.79 -11.55
CA THR A 238 17.62 6.35 -12.86
C THR A 238 18.46 7.54 -13.33
N ASN A 239 19.14 8.20 -12.39
CA ASN A 239 20.04 9.32 -12.71
C ASN A 239 21.40 8.85 -13.26
N VAL A 240 21.73 7.59 -13.03
CA VAL A 240 22.98 7.00 -13.51
C VAL A 240 22.80 6.47 -14.94
N VAL A 241 23.56 7.03 -15.87
CA VAL A 241 23.55 6.57 -17.27
C VAL A 241 24.11 5.16 -17.36
N LYS A 242 23.55 4.35 -18.24
CA LYS A 242 23.96 2.94 -18.40
C LYS A 242 24.64 2.68 -19.75
N ASP A 243 25.54 1.70 -19.76
CA ASP A 243 26.10 1.22 -21.02
C ASP A 243 25.11 0.28 -21.71
N TYR A 244 25.48 -0.22 -22.87
CA TYR A 244 24.59 -1.05 -23.68
C TYR A 244 24.06 -2.28 -22.94
N TRP A 245 24.87 -2.84 -22.04
CA TRP A 245 24.49 -4.04 -21.31
C TRP A 245 23.72 -3.75 -20.01
N GLY A 246 23.58 -2.47 -19.67
CA GLY A 246 22.83 -2.08 -18.49
C GLY A 246 23.68 -1.82 -17.26
N ASN A 247 25.00 -1.98 -17.38
CA ASN A 247 25.92 -1.62 -16.31
C ASN A 247 26.15 -0.12 -16.26
N ASP A 248 26.60 0.39 -15.11
CA ASP A 248 26.84 1.82 -14.93
C ASP A 248 27.85 2.32 -15.95
N LEU A 249 27.51 3.41 -16.64
CA LEU A 249 28.44 4.04 -17.58
C LEU A 249 29.54 4.75 -16.79
N ARG A 250 30.77 4.62 -17.27
CA ARG A 250 31.92 5.13 -16.53
C ARG A 250 32.81 6.06 -17.36
N TYR A 251 33.47 6.98 -16.66
CA TYR A 251 34.50 7.80 -17.26
C TYR A 251 35.80 7.01 -17.35
N ASP A 252 36.71 7.48 -18.19
CA ASP A 252 38.06 6.89 -18.33
C ASP A 252 38.02 5.42 -18.74
N LYS A 253 37.06 5.07 -19.59
CA LYS A 253 36.88 3.70 -20.06
C LYS A 253 36.54 3.68 -21.55
N GLU A 254 37.20 2.79 -22.30
CA GLU A 254 36.95 2.64 -23.73
C GLU A 254 35.57 2.08 -24.02
N TYR A 255 34.85 2.77 -24.91
CA TYR A 255 33.55 2.28 -25.37
C TYR A 255 33.44 2.40 -26.89
N TYR A 256 32.66 1.52 -27.49
CA TYR A 256 32.20 1.72 -28.86
C TYR A 256 30.91 2.54 -28.80
N MET A 257 30.97 3.75 -29.35
CA MET A 257 29.82 4.65 -29.41
C MET A 257 29.02 4.37 -30.67
N ILE A 258 27.74 4.04 -30.50
CA ILE A 258 26.87 3.67 -31.62
C ILE A 258 25.55 4.42 -31.54
N ASN A 259 24.95 4.71 -32.70
CA ASN A 259 23.63 5.30 -32.77
C ASN A 259 22.56 4.22 -32.89
N VAL A 260 21.51 4.35 -32.08
CA VAL A 260 20.42 3.37 -32.01
C VAL A 260 19.84 3.02 -33.38
N ASN A 261 19.74 4.01 -34.27
CA ASN A 261 19.21 3.80 -35.62
C ASN A 261 20.20 3.18 -36.60
N TYR A 262 21.45 3.04 -36.18
CA TYR A 262 22.53 2.57 -37.05
C TYR A 262 23.44 1.58 -36.32
N MET A 263 22.87 0.48 -35.85
CA MET A 263 23.64 -0.52 -35.09
C MET A 263 24.69 -1.23 -35.93
N ASN A 264 24.45 -1.31 -37.23
CA ASN A 264 25.41 -1.90 -38.17
C ASN A 264 26.46 -0.91 -38.69
N ARG A 265 26.73 0.12 -37.89
CA ARG A 265 27.74 1.11 -38.22
C ARG A 265 28.77 1.25 -37.12
N TYR A 266 30.04 1.38 -37.50
CA TYR A 266 31.13 1.63 -36.57
C TYR A 266 31.79 2.97 -36.89
N MET A 267 32.63 3.45 -35.97
CA MET A 267 33.28 4.74 -36.11
C MET A 267 34.60 4.67 -36.86
N SER A 268 34.77 5.61 -37.79
CA SER A 268 35.99 5.75 -38.55
C SER A 268 36.32 7.24 -38.71
N LYS A 269 37.43 7.53 -39.38
CA LYS A 269 37.90 8.90 -39.55
C LYS A 269 38.38 9.17 -40.97
N LYS A 270 37.96 10.29 -41.52
CA LYS A 270 38.51 10.80 -42.78
C LYS A 270 38.71 12.31 -42.65
N GLY A 271 39.97 12.74 -42.77
CA GLY A 271 40.34 14.13 -42.52
C GLY A 271 39.92 14.53 -41.13
N ASN A 272 39.24 15.68 -41.02
CA ASN A 272 38.74 16.15 -39.73
C ASN A 272 37.54 15.37 -39.23
N GLY A 273 36.83 14.72 -40.14
CA GLY A 273 35.51 14.17 -39.86
C GLY A 273 35.47 12.77 -39.29
N ILE A 274 34.51 12.55 -38.40
CA ILE A 274 34.15 11.20 -37.96
C ILE A 274 33.15 10.67 -38.98
N VAL A 275 33.42 9.48 -39.52
CA VAL A 275 32.53 8.86 -40.50
C VAL A 275 32.09 7.48 -40.05
N PHE A 276 30.89 7.08 -40.47
CA PHE A 276 30.35 5.78 -40.08
C PHE A 276 30.41 4.77 -41.23
N ASN A 277 31.08 3.64 -40.99
CA ASN A 277 31.17 2.56 -41.96
C ASN A 277 30.36 1.35 -41.54
N THR A 278 29.90 0.57 -42.53
CA THR A 278 29.14 -0.65 -42.26
C THR A 278 30.04 -1.71 -41.67
N ARG A 279 29.62 -2.29 -40.54
CA ARG A 279 30.43 -3.30 -39.85
C ARG A 279 30.46 -4.63 -40.59
N LYS A 280 31.51 -5.40 -40.37
CA LYS A 280 31.76 -6.66 -41.06
C LYS A 280 30.69 -7.71 -40.76
N ASN A 281 30.42 -7.94 -39.48
CA ASN A 281 29.40 -8.88 -39.03
C ASN A 281 28.91 -8.53 -37.62
N ASN A 282 27.99 -9.35 -37.10
CA ASN A 282 27.44 -9.13 -35.76
C ASN A 282 27.90 -10.17 -34.73
N ASN A 283 29.14 -10.66 -34.88
CA ASN A 283 29.74 -11.53 -33.87
C ASN A 283 29.80 -10.80 -32.54
N ASP A 284 30.23 -9.53 -32.62
CA ASP A 284 30.32 -8.63 -31.48
C ASP A 284 30.32 -7.21 -32.02
N PHE A 285 30.71 -6.25 -31.20
CA PHE A 285 30.78 -4.86 -31.63
C PHE A 285 32.21 -4.37 -31.78
N ASN A 286 33.17 -5.30 -31.72
CA ASN A 286 34.58 -4.95 -31.72
C ASN A 286 35.16 -4.62 -33.10
N GLU A 287 34.83 -3.43 -33.59
CA GLU A 287 35.33 -2.91 -34.86
C GLU A 287 35.34 -1.38 -34.86
N GLY A 288 36.37 -0.80 -35.46
CA GLY A 288 36.48 0.65 -35.58
C GLY A 288 37.09 1.30 -34.35
N TYR A 289 37.02 2.62 -34.29
CA TYR A 289 37.63 3.38 -33.19
C TYR A 289 36.72 3.46 -31.96
N LYS A 290 37.36 3.60 -30.80
CA LYS A 290 36.65 3.64 -29.53
C LYS A 290 36.77 5.02 -28.90
N ILE A 291 35.77 5.38 -28.11
CA ILE A 291 35.81 6.65 -27.38
C ILE A 291 36.09 6.44 -25.89
N ILE A 292 36.67 7.47 -25.27
CA ILE A 292 36.78 7.55 -23.83
C ILE A 292 36.01 8.79 -23.36
N ILE A 293 35.15 8.62 -22.36
CA ILE A 293 34.36 9.73 -21.84
C ILE A 293 35.12 10.40 -20.71
N LYS A 294 35.21 11.72 -20.77
CA LYS A 294 35.94 12.50 -19.77
C LYS A 294 35.05 13.50 -19.08
N ARG A 295 35.12 13.55 -17.76
CA ARG A 295 34.30 14.46 -16.96
C ARG A 295 34.84 15.89 -16.97
N ILE A 296 33.92 16.85 -17.08
CA ILE A 296 34.24 18.25 -16.83
C ILE A 296 33.49 18.72 -15.58
N ARG A 297 32.20 18.39 -15.51
CA ARG A 297 31.32 18.91 -14.48
C ARG A 297 30.31 17.86 -14.03
N GLY A 298 30.00 17.87 -12.75
CA GLY A 298 28.99 16.98 -12.18
C GLY A 298 28.88 17.15 -10.67
N ASN A 299 27.75 16.72 -10.12
CA ASN A 299 27.49 16.86 -8.67
C ASN A 299 28.28 15.87 -7.82
N THR A 300 28.44 14.65 -8.32
CA THR A 300 29.21 13.60 -7.66
C THR A 300 30.47 13.32 -8.44
N ASN A 301 31.53 12.87 -7.75
CA ASN A 301 32.78 12.51 -8.41
C ASN A 301 33.23 11.09 -8.03
N ASP A 302 32.63 10.09 -8.68
CA ASP A 302 32.88 8.69 -8.34
C ASP A 302 33.09 7.78 -9.57
N THR A 303 33.45 8.39 -10.71
CA THR A 303 33.70 7.67 -11.97
C THR A 303 32.43 7.36 -12.77
N ARG A 304 31.27 7.36 -12.12
CA ARG A 304 29.99 7.07 -12.80
C ARG A 304 29.47 8.28 -13.55
N VAL A 305 28.94 8.04 -14.74
CA VAL A 305 28.36 9.11 -15.55
C VAL A 305 26.90 9.31 -15.14
N ARG A 306 26.56 10.52 -14.74
CA ARG A 306 25.21 10.83 -14.29
C ARG A 306 24.50 11.87 -15.15
N GLY A 307 23.17 11.85 -15.11
CA GLY A 307 22.34 12.82 -15.83
C GLY A 307 22.74 14.24 -15.51
N GLU A 308 22.82 15.07 -16.54
CA GLU A 308 23.18 16.49 -16.44
C GLU A 308 24.67 16.78 -16.27
N ASN A 309 25.50 15.73 -16.34
CA ASN A 309 26.96 15.90 -16.34
C ASN A 309 27.44 16.57 -17.63
N VAL A 310 28.49 17.38 -17.51
CA VAL A 310 29.14 17.96 -18.66
C VAL A 310 30.41 17.17 -18.94
N LEU A 311 30.56 16.74 -20.19
CA LEU A 311 31.63 15.82 -20.57
C LEU A 311 32.17 16.07 -21.98
N TYR A 312 33.30 15.43 -22.29
CA TYR A 312 33.81 15.40 -23.66
C TYR A 312 34.31 13.99 -24.01
N PHE A 313 34.66 13.78 -25.27
CA PHE A 313 35.06 12.46 -25.76
C PHE A 313 36.45 12.47 -26.36
N ASN A 314 37.31 11.56 -25.86
CA ASN A 314 38.61 11.31 -26.47
C ASN A 314 38.56 10.08 -27.36
N THR A 315 39.44 10.03 -28.35
CA THR A 315 39.60 8.83 -29.18
C THR A 315 41.02 8.68 -29.71
N THR A 316 41.55 7.47 -29.66
CA THR A 316 42.89 7.19 -30.16
C THR A 316 42.84 6.63 -31.56
N ILE A 317 43.51 7.33 -32.48
CA ILE A 317 43.57 6.93 -33.88
C ILE A 317 45.01 7.07 -34.37
N ASP A 318 45.60 5.94 -34.76
CA ASP A 318 46.97 5.88 -35.29
C ASP A 318 47.99 6.55 -34.38
N ASN A 319 48.03 6.10 -33.13
CA ASN A 319 49.00 6.59 -32.12
C ASN A 319 48.92 8.09 -31.84
N LYS A 320 47.74 8.66 -32.07
CA LYS A 320 47.43 10.03 -31.68
C LYS A 320 46.07 10.03 -31.00
N GLN A 321 45.91 10.90 -30.01
CA GLN A 321 44.62 11.05 -29.35
C GLN A 321 43.93 12.33 -29.80
N TYR A 322 42.68 12.19 -30.22
CA TYR A 322 41.85 13.30 -30.66
C TYR A 322 40.70 13.48 -29.68
N SER A 323 40.07 14.64 -29.73
CA SER A 323 38.82 14.85 -29.03
C SER A 323 37.75 15.17 -30.06
N LEU A 324 36.50 14.78 -29.77
CA LEU A 324 35.40 15.11 -30.66
C LEU A 324 35.05 16.59 -30.54
N GLY A 325 34.75 17.22 -31.67
CA GLY A 325 34.50 18.65 -31.71
C GLY A 325 33.96 19.08 -33.05
N MET A 326 33.33 20.25 -33.09
CA MET A 326 32.77 20.79 -34.30
C MET A 326 33.85 21.26 -35.27
N TYR A 327 33.54 21.20 -36.57
CA TYR A 327 34.43 21.71 -37.60
C TYR A 327 33.62 22.25 -38.76
N LYS A 328 34.19 23.21 -39.50
CA LYS A 328 33.54 23.77 -40.68
C LYS A 328 33.67 22.80 -41.85
N PRO A 329 32.53 22.31 -42.38
CA PRO A 329 32.55 21.38 -43.52
C PRO A 329 32.86 22.12 -44.82
N SER A 330 33.30 21.37 -45.84
CA SER A 330 33.69 21.94 -47.13
C SER A 330 32.58 22.77 -47.78
N ARG A 331 31.34 22.32 -47.61
CA ARG A 331 30.16 23.10 -47.98
C ARG A 331 29.05 22.84 -46.98
N ASN A 332 28.03 23.70 -46.98
CA ASN A 332 26.91 23.59 -46.03
C ASN A 332 26.14 22.28 -46.15
N LEU A 333 25.75 21.73 -45.02
CA LEU A 333 25.06 20.44 -44.99
C LEU A 333 23.55 20.62 -44.85
N GLY A 334 23.15 21.74 -44.25
CA GLY A 334 21.75 22.03 -43.96
C GLY A 334 21.64 23.10 -42.89
N THR A 335 20.45 23.71 -42.78
CA THR A 335 20.21 24.75 -41.80
C THR A 335 20.44 24.22 -40.38
N ASP A 336 21.20 24.98 -39.59
CA ASP A 336 21.49 24.67 -38.19
C ASP A 336 22.28 23.37 -37.97
N LEU A 337 22.94 22.87 -39.00
CA LEU A 337 23.71 21.64 -38.88
C LEU A 337 25.23 21.88 -38.87
N VAL A 338 25.88 21.38 -37.83
CA VAL A 338 27.34 21.43 -37.70
C VAL A 338 27.87 20.01 -37.51
N PRO A 339 28.81 19.59 -38.37
CA PRO A 339 29.37 18.23 -38.25
C PRO A 339 30.30 18.09 -37.06
N LEU A 340 30.33 16.90 -36.48
CA LEU A 340 31.22 16.59 -35.37
C LEU A 340 32.38 15.75 -35.89
N GLY A 341 33.60 16.21 -35.62
CA GLY A 341 34.80 15.51 -36.07
C GLY A 341 35.79 15.17 -34.97
N ALA A 342 36.94 14.64 -35.36
CA ALA A 342 38.02 14.28 -34.45
C ALA A 342 39.16 15.28 -34.58
N LEU A 343 39.43 16.01 -33.52
CA LEU A 343 40.39 17.12 -33.58
C LEU A 343 41.45 17.03 -32.51
N ASP A 344 42.68 17.40 -32.88
CA ASP A 344 43.76 17.48 -31.92
C ASP A 344 43.80 18.90 -31.37
N GLN A 345 43.05 19.11 -30.29
CA GLN A 345 42.78 20.45 -29.78
C GLN A 345 43.07 20.61 -28.29
N PRO A 346 43.45 21.83 -27.87
CA PRO A 346 43.63 22.09 -26.45
C PRO A 346 42.28 22.19 -25.71
N MET A 347 42.34 22.23 -24.37
CA MET A 347 41.14 22.20 -23.53
C MET A 347 40.20 23.39 -23.75
N ASP A 348 40.76 24.59 -23.99
CA ASP A 348 39.97 25.79 -24.26
C ASP A 348 39.03 25.60 -25.44
N GLU A 349 39.52 24.92 -26.48
CA GLU A 349 38.72 24.64 -27.67
C GLU A 349 37.68 23.56 -27.42
N ILE A 350 38.03 22.57 -26.59
CA ILE A 350 37.13 21.50 -26.20
C ILE A 350 35.91 22.07 -25.44
N ARG A 351 36.16 22.99 -24.52
CA ARG A 351 35.11 23.62 -23.74
C ARG A 351 34.17 24.45 -24.61
N LYS A 352 34.73 25.13 -25.60
CA LYS A 352 33.93 25.98 -26.50
C LYS A 352 33.12 25.21 -27.53
N TYR A 353 33.69 24.13 -28.07
CA TYR A 353 33.11 23.49 -29.26
C TYR A 353 32.99 21.96 -29.22
N GLY A 354 33.34 21.34 -28.09
CA GLY A 354 33.32 19.88 -27.98
C GLY A 354 32.77 19.31 -26.68
N SER A 355 32.09 20.15 -25.90
CA SER A 355 31.53 19.69 -24.63
C SER A 355 30.06 19.35 -24.75
N PHE A 356 29.65 18.31 -24.03
CA PHE A 356 28.29 17.82 -24.09
C PHE A 356 27.65 17.60 -22.72
N ILE A 357 26.33 17.80 -22.66
CA ILE A 357 25.54 17.51 -21.49
C ILE A 357 24.77 16.22 -21.76
N ILE A 358 24.96 15.23 -20.90
CA ILE A 358 24.33 13.93 -21.08
C ILE A 358 23.04 13.80 -20.28
N GLN A 359 22.10 13.05 -20.85
CA GLN A 359 20.80 12.81 -20.26
C GLN A 359 20.42 11.38 -20.63
N PRO A 360 20.20 10.51 -19.62
CA PRO A 360 19.83 9.14 -19.95
C PRO A 360 18.44 9.06 -20.58
N CYS A 361 18.27 8.14 -21.51
CA CYS A 361 16.93 7.76 -21.97
C CYS A 361 16.90 6.26 -22.25
N ASN A 362 16.25 5.53 -21.35
CA ASN A 362 16.13 4.10 -21.46
C ASN A 362 14.74 3.71 -21.97
N THR A 363 14.72 2.71 -22.84
CA THR A 363 13.48 2.15 -23.35
C THR A 363 13.52 0.66 -23.10
N PHE A 364 12.44 -0.03 -23.45
CA PHE A 364 12.41 -1.49 -23.37
C PHE A 364 13.53 -2.10 -24.19
N ASP A 365 13.81 -1.51 -25.35
CA ASP A 365 14.76 -2.07 -26.29
C ASP A 365 16.23 -1.84 -25.92
N TYR A 366 16.54 -0.69 -25.36
CA TYR A 366 17.94 -0.32 -25.14
C TYR A 366 18.21 0.61 -23.96
N TYR A 367 19.42 0.53 -23.43
CA TYR A 367 19.95 1.53 -22.52
C TYR A 367 20.74 2.55 -23.33
N ALA A 368 20.23 3.77 -23.40
CA ALA A 368 20.84 4.81 -24.22
C ALA A 368 20.85 6.16 -23.52
N SER A 369 21.33 7.18 -24.23
CA SER A 369 21.37 8.53 -23.70
C SER A 369 21.33 9.54 -24.84
N GLN A 370 20.94 10.77 -24.51
CA GLN A 370 21.00 11.89 -25.44
C GLN A 370 22.12 12.83 -25.04
N LEU A 371 22.72 13.48 -26.04
CA LEU A 371 23.83 14.40 -25.81
C LEU A 371 23.51 15.77 -26.38
N PHE A 372 23.60 16.78 -25.52
CA PHE A 372 23.30 18.15 -25.90
C PHE A 372 24.57 18.98 -25.89
N LEU A 373 24.76 19.78 -26.94
CA LEU A 373 25.93 20.66 -27.05
C LEU A 373 25.94 21.65 -25.90
N SER A 374 27.06 21.72 -25.20
CA SER A 374 27.22 22.60 -24.05
C SER A 374 27.70 23.97 -24.45
N SER A 375 27.19 24.99 -23.75
CA SER A 375 27.67 26.36 -23.89
C SER A 375 28.84 26.57 -22.93
N ASN A 376 30.06 26.60 -23.47
CA ASN A 376 31.29 26.83 -22.69
C ASN A 376 31.45 25.89 -21.48
N ALA A 377 31.15 24.61 -21.68
CA ALA A 377 31.23 23.59 -20.62
C ALA A 377 30.31 23.87 -19.42
N THR A 378 29.21 24.58 -19.66
CA THR A 378 28.16 24.76 -18.65
C THR A 378 26.97 23.83 -18.95
N THR A 379 25.96 23.88 -18.10
CA THR A 379 24.76 23.08 -18.30
C THR A 379 23.76 23.75 -19.25
N ASN A 380 24.13 24.90 -19.82
CA ASN A 380 23.31 25.56 -20.83
C ASN A 380 23.42 24.86 -22.18
N ARG A 381 22.27 24.57 -22.79
CA ARG A 381 22.21 23.78 -24.02
C ARG A 381 22.19 24.64 -25.29
N LEU A 382 22.87 24.15 -26.33
CA LEU A 382 22.94 24.87 -27.61
C LEU A 382 22.44 24.04 -28.78
N GLY A 383 22.46 22.73 -28.63
CA GLY A 383 22.00 21.82 -29.68
C GLY A 383 21.91 20.38 -29.22
N ILE A 384 21.49 19.50 -30.13
CA ILE A 384 21.40 18.07 -29.85
C ILE A 384 22.27 17.27 -30.84
N LEU A 385 22.96 16.25 -30.34
CA LEU A 385 23.79 15.41 -31.22
C LEU A 385 22.95 14.36 -31.93
N SER A 386 23.01 14.40 -33.27
CA SER A 386 22.24 13.49 -34.10
C SER A 386 23.13 12.82 -35.14
N ILE A 387 22.54 12.29 -36.20
CA ILE A 387 23.27 11.55 -37.22
C ILE A 387 22.55 11.67 -38.57
N GLY A 388 23.33 11.68 -39.65
CA GLY A 388 22.77 11.78 -41.00
C GLY A 388 23.81 11.68 -42.09
N SER A 389 23.36 11.41 -43.32
CA SER A 389 24.24 11.32 -44.47
C SER A 389 24.24 12.63 -45.25
N TYR A 390 25.44 13.16 -45.52
CA TYR A 390 25.57 14.43 -46.25
C TYR A 390 26.69 14.40 -47.29
N SER A 391 26.48 15.12 -48.39
CA SER A 391 27.40 15.13 -49.52
C SER A 391 28.36 16.31 -49.47
N PHE A 392 29.61 16.02 -49.09
CA PHE A 392 30.66 17.03 -49.03
C PHE A 392 32.04 16.41 -49.20
N LYS A 393 33.09 17.16 -48.85
CA LYS A 393 34.46 16.70 -49.07
C LYS A 393 35.26 16.59 -47.78
N LEU A 394 35.88 15.43 -47.58
CA LEU A 394 36.73 15.16 -46.43
C LEU A 394 38.06 14.57 -46.87
N GLY A 395 39.09 14.73 -46.04
CA GLY A 395 40.41 14.17 -46.31
C GLY A 395 40.96 14.65 -47.63
N ASP A 396 41.26 13.72 -48.53
CA ASP A 396 41.85 14.07 -49.82
C ASP A 396 40.84 14.08 -50.98
N ASP A 397 39.54 14.12 -50.67
CA ASP A 397 38.50 14.36 -51.68
C ASP A 397 38.80 15.66 -52.40
N TYR A 398 38.78 15.63 -53.73
CA TYR A 398 39.10 16.82 -54.50
C TYR A 398 38.07 17.14 -55.57
N TRP A 399 37.93 16.24 -56.54
CA TRP A 399 37.09 16.49 -57.72
C TRP A 399 35.59 16.41 -57.43
N PHE A 400 35.20 15.53 -56.51
CA PHE A 400 33.78 15.26 -56.28
C PHE A 400 33.38 15.32 -54.82
N ASN A 401 32.11 15.66 -54.58
CA ASN A 401 31.50 15.53 -53.27
C ASN A 401 31.08 14.09 -53.03
N HIS A 402 31.19 13.64 -51.80
CA HIS A 402 30.85 12.26 -51.46
C HIS A 402 29.87 12.24 -50.30
N GLU A 403 28.94 11.29 -50.35
CA GLU A 403 27.99 11.06 -49.25
C GLU A 403 28.69 10.44 -48.05
N TYR A 404 28.59 11.08 -46.89
CA TYR A 404 29.17 10.58 -45.66
C TYR A 404 28.13 10.53 -44.54
N LEU A 405 28.03 9.38 -43.88
CA LEU A 405 27.23 9.24 -42.68
C LEU A 405 28.04 9.74 -41.49
N ILE A 406 27.60 10.85 -40.90
CA ILE A 406 28.40 11.57 -39.90
C ILE A 406 27.60 11.92 -38.65
N PRO A 407 28.29 12.06 -37.50
CA PRO A 407 27.60 12.63 -36.34
C PRO A 407 27.43 14.13 -36.55
N VAL A 408 26.22 14.63 -36.31
CA VAL A 408 25.90 16.02 -36.62
C VAL A 408 25.12 16.68 -35.48
N ILE A 409 25.45 17.94 -35.20
CA ILE A 409 24.77 18.71 -34.18
C ILE A 409 23.76 19.65 -34.81
N LYS A 410 22.50 19.54 -34.38
CA LYS A 410 21.46 20.48 -34.77
C LYS A 410 21.39 21.57 -33.72
N ILE A 411 21.71 22.80 -34.12
CA ILE A 411 21.80 23.89 -33.15
C ILE A 411 20.55 24.78 -33.15
N GLU A 412 20.30 25.39 -31.99
CA GLU A 412 19.19 26.33 -31.77
C GLU A 412 17.79 25.70 -31.87
N HIS A 413 17.39 25.30 -33.08
CA HIS A 413 16.06 24.73 -33.31
C HIS A 413 16.14 23.22 -33.53
N TYR A 414 15.74 22.46 -32.52
CA TYR A 414 15.85 21.01 -32.55
C TYR A 414 14.73 20.31 -31.76
N ALA A 415 13.60 21.00 -31.60
CA ALA A 415 12.46 20.49 -30.85
C ALA A 415 11.90 19.18 -31.43
N SER A 416 11.85 19.09 -32.76
CA SER A 416 11.35 17.90 -33.42
C SER A 416 12.37 16.75 -33.44
N LEU A 417 13.55 17.00 -32.90
CA LEU A 417 14.58 15.96 -32.76
C LEU A 417 14.62 15.35 -31.36
N LEU A 418 14.00 16.00 -30.39
CA LEU A 418 13.97 15.52 -29.00
C LEU A 418 13.39 14.11 -28.83
N GLU A 419 12.36 13.80 -29.62
CA GLU A 419 11.68 12.51 -29.53
C GLU A 419 12.15 11.54 -30.61
N SER A 420 13.20 11.93 -31.32
CA SER A 420 13.74 11.11 -32.41
C SER A 420 14.79 10.14 -31.88
N THR A 421 14.69 8.88 -32.30
CA THR A 421 15.63 7.85 -31.87
C THR A 421 17.02 8.03 -32.49
N SER A 422 17.11 8.87 -33.52
CA SER A 422 18.40 9.19 -34.14
C SER A 422 19.27 10.08 -33.24
N THR A 423 18.74 10.48 -32.09
CA THR A 423 19.49 11.25 -31.10
C THR A 423 19.84 10.37 -29.90
N HIS A 424 19.52 9.09 -29.97
CA HIS A 424 19.80 8.14 -28.90
C HIS A 424 21.14 7.45 -29.16
N TRP A 425 22.07 7.58 -28.24
CA TRP A 425 23.39 7.01 -28.38
C TRP A 425 23.66 5.93 -27.35
N VAL A 426 24.31 4.85 -27.76
CA VAL A 426 24.68 3.75 -26.86
C VAL A 426 26.20 3.59 -26.76
N PHE A 427 26.65 3.01 -25.66
CA PHE A 427 28.07 2.74 -25.44
C PHE A 427 28.29 1.27 -25.09
N VAL A 428 28.95 0.54 -25.98
CA VAL A 428 29.28 -0.86 -25.73
C VAL A 428 30.71 -0.93 -25.20
N PRO A 429 30.90 -1.59 -24.03
CA PRO A 429 32.25 -1.75 -23.48
C PRO A 429 33.19 -2.48 -24.44
N ALA A 430 34.42 -1.97 -24.56
CA ALA A 430 35.44 -2.59 -25.39
C ALA A 430 36.04 -3.77 -24.64
N SER A 431 36.33 -3.57 -23.36
CA SER A 431 36.93 -4.57 -22.47
C SER A 431 38.23 -5.18 -23.00
N SER B 10 -16.92 -1.42 -11.05
CA SER B 10 -16.85 -1.98 -9.66
C SER B 10 -18.24 -2.02 -9.02
N ILE B 11 -18.57 -3.17 -8.44
CA ILE B 11 -19.85 -3.38 -7.77
C ILE B 11 -19.84 -2.86 -6.32
N ASN B 12 -18.65 -2.64 -5.79
CA ASN B 12 -18.47 -2.12 -4.43
C ASN B 12 -18.88 -0.65 -4.28
N ASP B 13 -18.99 0.04 -5.41
CA ASP B 13 -19.39 1.45 -5.43
C ASP B 13 -20.83 1.65 -4.97
N SER B 14 -21.70 0.71 -5.31
CA SER B 14 -23.13 0.80 -5.00
C SER B 14 -23.49 0.21 -3.63
N LYS B 15 -22.49 -0.25 -2.89
CA LYS B 15 -22.70 -0.88 -1.59
C LYS B 15 -23.10 0.17 -0.54
N ILE B 16 -24.34 0.07 -0.05
CA ILE B 16 -24.87 1.04 0.92
C ILE B 16 -24.93 0.49 2.35
N LEU B 17 -24.78 -0.82 2.49
CA LEU B 17 -24.72 -1.47 3.80
C LEU B 17 -23.84 -2.70 3.74
N SER B 18 -22.92 -2.80 4.70
CA SER B 18 -22.03 -3.95 4.80
C SER B 18 -21.89 -4.37 6.27
N LEU B 19 -22.83 -5.20 6.72
CA LEU B 19 -22.86 -5.65 8.11
C LEU B 19 -21.84 -6.77 8.33
N GLN B 20 -20.82 -6.47 9.12
CA GLN B 20 -19.72 -7.41 9.33
C GLN B 20 -19.25 -7.46 10.78
N ASN B 21 -18.72 -8.62 11.18
CA ASN B 21 -18.06 -8.78 12.47
C ASN B 21 -16.60 -8.37 12.33
N LYS B 22 -16.24 -7.27 12.97
CA LYS B 22 -14.89 -6.74 12.90
C LYS B 22 -14.38 -6.51 14.31
N LYS B 23 -13.35 -7.27 14.69
CA LYS B 23 -12.75 -7.23 16.03
C LYS B 23 -13.80 -7.38 17.16
N ASN B 24 -14.48 -8.52 17.14
CA ASN B 24 -15.50 -8.90 18.13
C ASN B 24 -16.67 -7.91 18.30
N THR B 25 -16.97 -7.16 17.24
CA THR B 25 -18.12 -6.26 17.25
C THR B 25 -18.75 -6.15 15.86
N LEU B 26 -20.08 -6.20 15.82
CA LEU B 26 -20.83 -6.06 14.57
C LEU B 26 -20.99 -4.59 14.20
N MET B 27 -20.67 -4.27 12.95
CA MET B 27 -20.75 -2.90 12.47
C MET B 27 -21.00 -2.83 10.97
N ASP B 28 -21.37 -1.64 10.50
CA ASP B 28 -21.46 -1.34 9.08
C ASP B 28 -20.09 -0.86 8.58
N THR B 29 -19.59 -1.47 7.51
CA THR B 29 -18.29 -1.11 6.94
C THR B 29 -18.41 -0.48 5.56
N SER B 30 -19.63 -0.10 5.18
CA SER B 30 -19.90 0.50 3.87
C SER B 30 -19.45 1.96 3.78
N GLY B 31 -19.21 2.57 4.93
CA GLY B 31 -18.88 3.99 5.01
C GLY B 31 -20.10 4.85 5.28
N TYR B 32 -21.26 4.20 5.42
CA TYR B 32 -22.50 4.91 5.69
C TYR B 32 -22.93 4.83 7.17
N ASN B 33 -22.02 4.33 8.00
CA ASN B 33 -22.14 4.40 9.47
C ASN B 33 -23.52 4.08 10.04
N ALA B 34 -24.10 2.97 9.61
CA ALA B 34 -25.39 2.53 10.14
C ALA B 34 -25.24 2.07 11.59
N GLU B 35 -26.24 2.39 12.41
CA GLU B 35 -26.23 2.02 13.83
C GLU B 35 -26.55 0.53 13.99
N VAL B 36 -25.70 -0.19 14.72
CA VAL B 36 -25.91 -1.62 14.95
C VAL B 36 -26.02 -1.91 16.45
N ARG B 37 -27.20 -2.33 16.87
CA ARG B 37 -27.47 -2.66 18.27
C ARG B 37 -27.67 -4.17 18.43
N VAL B 38 -26.82 -4.78 19.23
CA VAL B 38 -26.86 -6.24 19.46
C VAL B 38 -27.37 -6.54 20.87
N GLU B 39 -28.41 -7.36 20.95
CA GLU B 39 -29.05 -7.69 22.23
C GLU B 39 -29.25 -9.19 22.41
N GLY B 40 -29.17 -9.64 23.66
CA GLY B 40 -29.44 -11.03 24.02
C GLY B 40 -28.35 -12.00 23.60
N ASN B 41 -28.76 -13.22 23.30
CA ASN B 41 -27.84 -14.30 22.95
C ASN B 41 -27.40 -14.25 21.49
N VAL B 42 -26.41 -13.41 21.21
CA VAL B 42 -25.80 -13.33 19.89
C VAL B 42 -24.32 -13.68 20.01
N GLN B 43 -23.94 -14.80 19.38
CA GLN B 43 -22.56 -15.27 19.44
C GLN B 43 -21.81 -14.91 18.16
N LEU B 44 -20.62 -14.36 18.33
CA LEU B 44 -19.80 -13.94 17.20
C LEU B 44 -18.63 -14.89 16.99
N ASN B 45 -18.45 -15.36 15.77
CA ASN B 45 -17.36 -16.26 15.43
C ASN B 45 -16.04 -15.49 15.28
N PRO B 46 -15.04 -15.80 16.13
CA PRO B 46 -13.73 -15.13 16.07
C PRO B 46 -12.90 -15.50 14.84
N ILE B 47 -13.19 -16.64 14.22
CA ILE B 47 -12.53 -17.06 12.99
C ILE B 47 -13.45 -17.00 11.80
N PHE B 48 -12.87 -17.07 10.60
CA PHE B 48 -13.61 -17.10 9.34
C PHE B 48 -14.72 -18.15 9.38
N PRO B 49 -15.91 -17.82 8.85
CA PRO B 49 -16.31 -16.62 8.12
C PRO B 49 -16.80 -15.45 8.99
N PHE B 50 -16.41 -15.45 10.27
CA PHE B 50 -16.78 -14.39 11.20
C PHE B 50 -18.29 -14.16 11.28
N ASP B 51 -19.03 -15.26 11.30
CA ASP B 51 -20.49 -15.22 11.29
C ASP B 51 -21.06 -14.81 12.66
N PHE B 52 -22.34 -14.45 12.67
CA PHE B 52 -23.07 -14.30 13.92
C PHE B 52 -24.22 -15.31 14.05
N LYS B 53 -24.39 -15.84 15.25
CA LYS B 53 -25.32 -16.92 15.51
C LYS B 53 -26.54 -16.45 16.29
N LEU B 54 -27.72 -16.85 15.83
CA LEU B 54 -28.98 -16.52 16.47
C LEU B 54 -29.80 -17.77 16.75
N GLY B 55 -30.62 -17.72 17.81
CA GLY B 55 -31.49 -18.83 18.18
C GLY B 55 -32.95 -18.44 18.23
N SER B 56 -33.81 -19.42 18.52
CA SER B 56 -35.26 -19.19 18.60
C SER B 56 -35.81 -19.43 20.00
N SER B 57 -35.07 -20.15 20.83
CA SER B 57 -35.52 -20.47 22.19
C SER B 57 -35.19 -19.38 23.21
N GLY B 58 -36.01 -19.29 24.24
CA GLY B 58 -35.80 -18.37 25.36
C GLY B 58 -36.13 -16.92 25.08
N ASP B 59 -36.46 -16.18 26.14
CA ASP B 59 -36.66 -14.73 26.05
C ASP B 59 -35.33 -14.01 25.85
N ASP B 60 -34.24 -14.73 26.11
CA ASP B 60 -32.89 -14.19 26.02
C ASP B 60 -32.30 -14.36 24.61
N ARG B 61 -33.13 -14.78 23.65
CA ARG B 61 -32.69 -15.02 22.29
C ARG B 61 -32.16 -13.76 21.61
N GLY B 62 -31.24 -13.95 20.67
CA GLY B 62 -30.55 -12.85 20.01
C GLY B 62 -31.42 -11.92 19.18
N LYS B 63 -31.06 -10.65 19.19
CA LYS B 63 -31.73 -9.64 18.39
C LYS B 63 -30.69 -8.62 17.92
N VAL B 64 -30.58 -8.46 16.60
CA VAL B 64 -29.68 -7.48 16.01
C VAL B 64 -30.50 -6.40 15.30
N ILE B 65 -30.36 -5.17 15.78
CA ILE B 65 -31.07 -4.02 15.21
C ILE B 65 -30.11 -3.17 14.40
N VAL B 66 -30.39 -3.06 13.10
CA VAL B 66 -29.60 -2.22 12.21
C VAL B 66 -30.39 -0.96 11.83
N THR B 67 -29.92 0.19 12.29
CA THR B 67 -30.60 1.45 12.03
C THR B 67 -29.81 2.28 11.03
N GLN B 68 -30.34 2.38 9.81
CA GLN B 68 -29.66 3.08 8.73
C GLN B 68 -29.96 4.58 8.77
N ASN B 69 -29.00 5.38 8.33
CA ASN B 69 -29.22 6.79 8.10
C ASN B 69 -30.32 6.96 7.06
N GLU B 70 -31.37 7.70 7.45
CA GLU B 70 -32.60 7.78 6.69
C GLU B 70 -32.42 8.28 5.25
N ASN B 71 -31.37 9.07 5.02
CA ASN B 71 -31.06 9.59 3.69
C ASN B 71 -30.69 8.49 2.68
N ILE B 72 -29.85 7.54 3.11
CA ILE B 72 -29.35 6.46 2.24
C ILE B 72 -30.44 5.50 1.76
N VAL B 73 -31.44 5.27 2.59
CA VAL B 73 -32.57 4.39 2.25
C VAL B 73 -33.63 5.11 1.41
N TYR B 74 -33.76 6.42 1.60
CA TYR B 74 -34.75 7.24 0.88
C TYR B 74 -34.62 7.23 -0.64
N ASN B 75 -33.40 7.07 -1.15
CA ASN B 75 -33.15 7.19 -2.59
C ASN B 75 -32.75 5.90 -3.32
N ALA B 76 -32.36 4.87 -2.55
CA ALA B 76 -31.90 3.63 -3.15
C ALA B 76 -33.00 2.56 -3.23
N MET B 77 -33.69 2.37 -2.11
CA MET B 77 -34.74 1.34 -1.98
C MET B 77 -35.92 1.49 -2.95
N TYR B 78 -36.22 2.73 -3.36
CA TYR B 78 -37.38 3.02 -4.20
C TYR B 78 -37.11 2.88 -5.70
N GLU B 79 -35.86 2.59 -6.06
CA GLU B 79 -35.47 2.42 -7.46
C GLU B 79 -35.02 0.98 -7.72
N SER B 80 -33.72 0.71 -7.49
CA SER B 80 -33.14 -0.62 -7.64
C SER B 80 -32.23 -0.95 -6.47
N PHE B 81 -32.41 -2.14 -5.91
CA PHE B 81 -31.53 -2.59 -4.81
C PHE B 81 -31.32 -4.10 -4.81
N SER B 82 -30.19 -4.53 -4.28
CA SER B 82 -29.87 -5.95 -4.15
C SER B 82 -29.49 -6.28 -2.72
N ILE B 83 -29.93 -7.45 -2.25
CA ILE B 83 -29.58 -7.95 -0.92
C ILE B 83 -28.85 -9.28 -1.09
N SER B 84 -27.67 -9.38 -0.48
CA SER B 84 -26.90 -10.61 -0.52
C SER B 84 -26.35 -10.94 0.86
N PHE B 85 -26.33 -12.24 1.18
CA PHE B 85 -25.79 -12.71 2.45
C PHE B 85 -25.59 -14.23 2.45
N TRP B 86 -24.67 -14.69 3.30
CA TRP B 86 -24.52 -16.12 3.56
C TRP B 86 -25.37 -16.49 4.77
N ILE B 87 -26.07 -17.61 4.66
CA ILE B 87 -26.96 -18.06 5.72
C ILE B 87 -26.87 -19.57 5.91
N ARG B 88 -27.03 -20.01 7.16
CA ARG B 88 -27.12 -21.42 7.50
C ARG B 88 -28.18 -21.60 8.59
N ILE B 89 -29.08 -22.56 8.38
CA ILE B 89 -30.14 -22.86 9.33
C ILE B 89 -30.02 -24.32 9.78
N ASN B 90 -30.10 -24.53 11.09
CA ASN B 90 -30.05 -25.87 11.67
C ASN B 90 -31.01 -25.95 12.85
N LYS B 91 -31.93 -26.92 12.83
CA LYS B 91 -32.05 -27.94 11.80
C LYS B 91 -33.25 -27.66 10.89
N TRP B 92 -32.99 -27.28 9.64
CA TRP B 92 -34.05 -26.88 8.70
C TRP B 92 -34.84 -28.09 8.15
N VAL B 93 -35.78 -28.58 8.97
CA VAL B 93 -36.66 -29.70 8.59
C VAL B 93 -37.72 -29.24 7.59
N SER B 94 -38.23 -30.19 6.80
CA SER B 94 -39.17 -29.88 5.71
C SER B 94 -40.56 -29.44 6.20
N ASN B 95 -40.89 -29.76 7.44
CA ASN B 95 -42.15 -29.34 8.04
C ASN B 95 -41.98 -28.23 9.08
N LEU B 96 -40.96 -27.40 8.87
CA LEU B 96 -40.63 -26.31 9.79
C LEU B 96 -41.77 -25.31 9.92
N PRO B 97 -42.06 -24.88 11.17
CA PRO B 97 -43.05 -23.82 11.39
C PRO B 97 -42.57 -22.50 10.79
N GLY B 98 -43.49 -21.55 10.63
CA GLY B 98 -43.16 -20.24 10.07
C GLY B 98 -42.31 -19.38 11.00
N TYR B 99 -41.24 -18.83 10.45
CA TYR B 99 -40.37 -17.90 11.17
C TYR B 99 -40.09 -16.67 10.32
N THR B 100 -40.08 -15.52 10.97
CA THR B 100 -39.51 -14.31 10.38
C THR B 100 -38.09 -14.21 10.92
N ILE B 101 -37.13 -14.03 10.01
CA ILE B 101 -35.71 -14.03 10.40
C ILE B 101 -35.00 -12.69 10.16
N ILE B 102 -35.34 -12.04 9.06
CA ILE B 102 -34.78 -10.72 8.72
C ILE B 102 -35.92 -9.80 8.31
N ASP B 103 -36.27 -8.85 9.18
CA ASP B 103 -37.44 -8.01 8.98
C ASP B 103 -37.08 -6.53 8.79
N SER B 104 -37.66 -5.91 7.78
CA SER B 104 -37.55 -4.46 7.59
C SER B 104 -38.92 -3.86 7.25
N VAL B 105 -39.87 -4.08 8.17
CA VAL B 105 -41.24 -3.59 8.01
C VAL B 105 -41.57 -2.62 9.14
N LYS B 106 -42.09 -1.44 8.79
CA LYS B 106 -42.36 -0.38 9.75
C LYS B 106 -43.86 -0.21 9.98
N ASN B 107 -44.53 0.48 9.07
CA ASN B 107 -45.98 0.70 9.18
C ASN B 107 -46.75 -0.22 8.25
N ASN B 108 -46.60 -1.53 8.47
CA ASN B 108 -47.14 -2.57 7.59
C ASN B 108 -46.63 -2.44 6.15
N SER B 109 -45.45 -1.83 6.01
CA SER B 109 -44.85 -1.60 4.71
C SER B 109 -43.35 -1.90 4.76
N GLY B 110 -42.79 -2.31 3.62
CA GLY B 110 -41.36 -2.58 3.52
C GLY B 110 -41.05 -3.95 2.91
N TRP B 111 -39.98 -4.58 3.40
CA TRP B 111 -39.63 -5.93 2.97
C TRP B 111 -39.30 -6.84 4.15
N SER B 112 -39.40 -8.15 3.93
CA SER B 112 -39.14 -9.14 4.98
C SER B 112 -38.64 -10.46 4.40
N ILE B 113 -37.77 -11.13 5.14
CA ILE B 113 -37.28 -12.45 4.75
C ILE B 113 -37.71 -13.46 5.82
N GLY B 114 -38.39 -14.51 5.39
CA GLY B 114 -38.88 -15.53 6.31
C GLY B 114 -38.65 -16.94 5.83
N ILE B 115 -38.73 -17.89 6.77
CA ILE B 115 -38.64 -19.31 6.45
C ILE B 115 -39.87 -20.06 6.96
N ILE B 116 -40.37 -20.97 6.12
CA ILE B 116 -41.52 -21.81 6.46
C ILE B 116 -41.42 -23.11 5.64
N SER B 117 -41.63 -24.24 6.31
CA SER B 117 -41.41 -25.55 5.70
C SER B 117 -40.02 -25.60 5.07
N ASN B 118 -39.97 -25.91 3.78
CA ASN B 118 -38.71 -25.93 3.03
C ASN B 118 -38.50 -24.68 2.17
N PHE B 119 -39.16 -23.58 2.55
CA PHE B 119 -39.12 -22.34 1.79
C PHE B 119 -38.35 -21.25 2.50
N LEU B 120 -37.58 -20.48 1.73
CA LEU B 120 -37.10 -19.17 2.15
C LEU B 120 -37.81 -18.14 1.29
N VAL B 121 -38.57 -17.26 1.94
CA VAL B 121 -39.47 -16.35 1.23
C VAL B 121 -39.08 -14.90 1.45
N PHE B 122 -38.88 -14.18 0.34
CA PHE B 122 -38.68 -12.74 0.36
C PHE B 122 -40.00 -12.05 0.06
N THR B 123 -40.47 -11.25 1.01
CA THR B 123 -41.76 -10.59 0.88
C THR B 123 -41.57 -9.08 0.71
N LEU B 124 -42.18 -8.55 -0.35
CA LEU B 124 -42.20 -7.11 -0.59
C LEU B 124 -43.59 -6.61 -0.22
N LYS B 125 -43.71 -6.10 1.01
CA LYS B 125 -45.01 -5.80 1.61
C LYS B 125 -45.48 -4.35 1.33
N GLN B 126 -46.52 -4.24 0.52
CA GLN B 126 -47.13 -2.96 0.15
C GLN B 126 -47.79 -2.29 1.37
N ASN B 127 -48.86 -2.90 1.86
CA ASN B 127 -49.57 -2.44 3.05
C ASN B 127 -50.09 -3.62 3.88
N GLU B 128 -50.91 -3.31 4.88
CA GLU B 128 -51.51 -4.31 5.77
C GLU B 128 -52.35 -5.36 5.01
N ASN B 129 -52.85 -4.95 3.83
CA ASN B 129 -53.78 -5.77 3.06
C ASN B 129 -53.11 -6.60 1.95
N SER B 130 -52.18 -5.98 1.22
CA SER B 130 -51.57 -6.61 0.06
C SER B 130 -50.04 -6.71 0.13
N GLU B 131 -49.51 -7.82 -0.37
CA GLU B 131 -48.06 -8.04 -0.44
C GLU B 131 -47.68 -8.94 -1.61
N GLN B 132 -46.41 -8.87 -2.01
CA GLN B 132 -45.90 -9.68 -3.12
C GLN B 132 -44.62 -10.40 -2.67
N ASP B 133 -44.57 -11.70 -2.91
CA ASP B 133 -43.43 -12.49 -2.46
C ASP B 133 -42.80 -13.43 -3.48
N ILE B 134 -41.54 -13.76 -3.24
CA ILE B 134 -40.76 -14.64 -4.10
C ILE B 134 -39.97 -15.59 -3.20
N ASN B 135 -39.78 -16.83 -3.65
CA ASN B 135 -39.21 -17.85 -2.76
C ASN B 135 -38.25 -18.85 -3.38
N PHE B 136 -37.49 -19.50 -2.50
CA PHE B 136 -36.65 -20.64 -2.84
C PHE B 136 -37.07 -21.83 -1.98
N SER B 137 -37.35 -22.96 -2.62
CA SER B 137 -37.69 -24.18 -1.91
C SER B 137 -36.64 -25.25 -2.18
N TYR B 138 -36.00 -25.73 -1.11
CA TYR B 138 -34.94 -26.71 -1.25
C TYR B 138 -35.48 -28.10 -1.56
N ASP B 139 -34.66 -28.91 -2.24
CA ASP B 139 -35.03 -30.27 -2.62
C ASP B 139 -35.06 -31.18 -1.39
N ILE B 140 -36.26 -31.59 -1.00
CA ILE B 140 -36.47 -32.42 0.18
C ILE B 140 -35.80 -33.80 0.04
N SER B 141 -35.96 -34.43 -1.12
CA SER B 141 -35.41 -35.77 -1.35
C SER B 141 -33.88 -35.78 -1.32
N LYS B 142 -33.26 -34.65 -1.66
CA LYS B 142 -31.80 -34.53 -1.61
C LYS B 142 -31.29 -34.09 -0.24
N ASN B 143 -32.21 -33.74 0.66
CA ASN B 143 -31.85 -33.24 1.99
C ASN B 143 -32.70 -33.85 3.09
N ALA B 144 -32.69 -35.18 3.17
CA ALA B 144 -33.53 -35.95 4.10
C ALA B 144 -33.27 -35.63 5.58
N ALA B 145 -32.03 -35.25 5.90
CA ALA B 145 -31.67 -34.90 7.28
C ALA B 145 -31.85 -33.39 7.55
N GLY B 146 -32.45 -32.69 6.59
CA GLY B 146 -32.64 -31.25 6.70
C GLY B 146 -31.61 -30.48 5.91
N TYR B 147 -31.98 -29.28 5.47
CA TYR B 147 -31.09 -28.42 4.69
C TYR B 147 -30.27 -27.56 5.65
N ASN B 148 -29.23 -28.17 6.21
CA ASN B 148 -28.49 -27.57 7.32
C ASN B 148 -27.13 -26.98 6.93
N LYS B 149 -26.99 -26.63 5.65
CA LYS B 149 -25.71 -26.16 5.12
C LYS B 149 -25.69 -24.67 4.77
N TRP B 150 -24.49 -24.11 4.76
CA TRP B 150 -24.26 -22.73 4.31
C TRP B 150 -24.70 -22.57 2.86
N PHE B 151 -25.47 -21.51 2.59
CA PHE B 151 -25.81 -21.13 1.22
C PHE B 151 -25.85 -19.63 1.03
N PHE B 152 -25.72 -19.20 -0.22
CA PHE B 152 -25.62 -17.78 -0.55
C PHE B 152 -26.90 -17.25 -1.20
N VAL B 153 -27.52 -16.28 -0.54
CA VAL B 153 -28.75 -15.68 -1.03
C VAL B 153 -28.43 -14.37 -1.73
N THR B 154 -29.05 -14.14 -2.88
CA THR B 154 -29.03 -12.83 -3.51
C THR B 154 -30.42 -12.48 -4.04
N ILE B 155 -30.96 -11.38 -3.54
CA ILE B 155 -32.28 -10.90 -3.96
C ILE B 155 -32.11 -9.55 -4.65
N THR B 156 -32.43 -9.50 -5.94
CA THR B 156 -32.38 -8.25 -6.70
C THR B 156 -33.79 -7.73 -6.94
N THR B 157 -33.96 -6.41 -6.79
CA THR B 157 -35.27 -5.79 -6.93
C THR B 157 -35.24 -4.50 -7.76
N ASN B 158 -36.01 -4.50 -8.84
CA ASN B 158 -36.23 -3.30 -9.64
C ASN B 158 -37.72 -2.96 -9.58
N MET B 159 -38.03 -1.83 -8.97
CA MET B 159 -39.41 -1.41 -8.75
C MET B 159 -40.18 -1.15 -10.05
N MET B 160 -39.44 -0.88 -11.13
CA MET B 160 -40.01 -0.71 -12.46
C MET B 160 -39.70 -1.90 -13.37
N GLY B 161 -39.37 -3.03 -12.76
CA GLY B 161 -39.01 -4.23 -13.51
C GLY B 161 -39.30 -5.52 -12.77
N ASN B 162 -38.25 -6.27 -12.45
CA ASN B 162 -38.39 -7.61 -11.87
C ASN B 162 -37.87 -7.78 -10.46
N MET B 163 -38.43 -8.77 -9.78
CA MET B 163 -38.01 -9.19 -8.45
C MET B 163 -37.39 -10.58 -8.63
N MET B 164 -36.12 -10.71 -8.29
CA MET B 164 -35.40 -11.96 -8.54
C MET B 164 -34.70 -12.51 -7.31
N ILE B 165 -34.66 -13.84 -7.20
CA ILE B 165 -33.95 -14.51 -6.12
C ILE B 165 -32.91 -15.52 -6.67
N TYR B 166 -31.70 -15.44 -6.14
CA TYR B 166 -30.61 -16.33 -6.51
C TYR B 166 -30.15 -17.10 -5.29
N ILE B 167 -29.78 -18.37 -5.52
CA ILE B 167 -29.18 -19.21 -4.50
C ILE B 167 -27.89 -19.76 -5.07
N ASN B 168 -26.79 -19.50 -4.37
CA ASN B 168 -25.44 -19.91 -4.81
C ASN B 168 -25.11 -19.45 -6.22
N GLY B 169 -25.59 -18.26 -6.58
CA GLY B 169 -25.33 -17.66 -7.89
C GLY B 169 -26.25 -18.14 -8.99
N LYS B 170 -27.13 -19.09 -8.66
CA LYS B 170 -28.06 -19.66 -9.63
C LYS B 170 -29.44 -19.02 -9.47
N LEU B 171 -30.01 -18.58 -10.59
CA LEU B 171 -31.35 -17.98 -10.60
C LEU B 171 -32.42 -19.02 -10.31
N ILE B 172 -33.25 -18.72 -9.33
CA ILE B 172 -34.27 -19.66 -8.85
C ILE B 172 -35.66 -19.23 -9.31
N ASP B 173 -36.01 -17.97 -9.08
CA ASP B 173 -37.32 -17.47 -9.40
C ASP B 173 -37.28 -16.01 -9.86
N THR B 174 -38.24 -15.63 -10.68
CA THR B 174 -38.38 -14.25 -11.14
C THR B 174 -39.85 -13.85 -11.26
N ILE B 175 -40.21 -12.72 -10.66
CA ILE B 175 -41.58 -12.21 -10.70
C ILE B 175 -41.59 -10.71 -10.99
N LYS B 176 -42.50 -10.29 -11.88
CA LYS B 176 -42.70 -8.87 -12.20
C LYS B 176 -43.34 -8.13 -11.02
N VAL B 177 -42.74 -7.01 -10.65
CA VAL B 177 -43.21 -6.20 -9.51
C VAL B 177 -44.51 -5.46 -9.89
N LYS B 178 -45.56 -5.69 -9.10
CA LYS B 178 -46.90 -5.15 -9.39
C LYS B 178 -47.04 -3.65 -9.13
N GLU B 179 -46.10 -2.87 -9.65
CA GLU B 179 -46.06 -1.40 -9.51
C GLU B 179 -46.61 -0.87 -8.18
N LEU B 180 -46.22 -1.54 -7.10
CA LEU B 180 -46.72 -1.27 -5.75
C LEU B 180 -46.69 0.23 -5.39
N THR B 181 -47.86 0.84 -5.44
CA THR B 181 -48.00 2.27 -5.10
C THR B 181 -48.27 2.47 -3.61
N GLY B 182 -47.51 3.37 -3.00
CA GLY B 182 -47.66 3.67 -1.58
C GLY B 182 -46.76 2.85 -0.68
N ILE B 183 -45.82 2.13 -1.31
CA ILE B 183 -44.82 1.35 -0.58
C ILE B 183 -43.83 2.28 0.12
N ASN B 184 -43.60 2.02 1.41
CA ASN B 184 -42.64 2.79 2.21
C ASN B 184 -41.61 1.87 2.86
N PHE B 185 -40.34 2.12 2.57
CA PHE B 185 -39.26 1.28 3.09
C PHE B 185 -38.73 1.77 4.44
N SER B 186 -38.45 0.82 5.32
CA SER B 186 -38.00 1.10 6.67
C SER B 186 -36.49 1.36 6.73
N LYS B 187 -36.08 2.17 7.71
CA LYS B 187 -34.67 2.45 7.95
C LYS B 187 -34.05 1.37 8.84
N THR B 188 -34.90 0.56 9.45
CA THR B 188 -34.46 -0.45 10.41
C THR B 188 -34.57 -1.87 9.85
N ILE B 189 -33.50 -2.64 10.05
CA ILE B 189 -33.48 -4.06 9.73
C ILE B 189 -33.26 -4.85 11.02
N THR B 190 -34.16 -5.79 11.30
CA THR B 190 -34.11 -6.57 12.52
C THR B 190 -33.77 -8.04 12.24
N PHE B 191 -32.63 -8.48 12.76
CA PHE B 191 -32.25 -9.88 12.71
C PHE B 191 -32.66 -10.54 14.01
N GLN B 192 -33.72 -11.34 13.92
CA GLN B 192 -34.26 -12.05 15.08
C GLN B 192 -35.14 -13.18 14.58
N MET B 193 -35.05 -14.33 15.24
CA MET B 193 -35.85 -15.49 14.87
C MET B 193 -37.18 -15.46 15.60
N ASN B 194 -38.22 -15.00 14.90
CA ASN B 194 -39.53 -14.84 15.50
C ASN B 194 -40.56 -15.79 14.90
N LYS B 195 -41.08 -16.69 15.74
CA LYS B 195 -42.07 -17.67 15.31
C LYS B 195 -43.41 -16.98 15.03
N ILE B 196 -43.97 -17.28 13.87
CA ILE B 196 -45.29 -16.76 13.50
C ILE B 196 -46.37 -17.48 14.32
N PRO B 197 -47.23 -16.70 15.02
CA PRO B 197 -48.29 -17.28 15.85
C PRO B 197 -49.30 -18.08 15.04
N ASP B 207 -39.44 -27.19 19.24
CA ASP B 207 -38.10 -27.61 18.87
C ASP B 207 -37.31 -26.43 18.29
N ASN B 208 -36.26 -26.03 19.00
CA ASN B 208 -35.50 -24.81 18.66
C ASN B 208 -34.54 -24.95 17.50
N ILE B 209 -34.40 -23.86 16.73
CA ILE B 209 -33.48 -23.80 15.60
C ILE B 209 -32.46 -22.68 15.78
N ASN B 210 -31.31 -22.85 15.13
CA ASN B 210 -30.28 -21.81 15.08
C ASN B 210 -30.06 -21.35 13.66
N MET B 211 -29.65 -20.08 13.51
CA MET B 211 -29.18 -19.60 12.22
C MET B 211 -27.88 -18.82 12.31
N TRP B 212 -27.06 -18.97 11.27
CA TRP B 212 -25.80 -18.26 11.17
C TRP B 212 -25.87 -17.34 9.94
N ILE B 213 -25.41 -16.10 10.11
CA ILE B 213 -25.35 -15.14 9.01
C ILE B 213 -23.95 -14.54 8.95
N ARG B 214 -23.46 -14.30 7.74
CA ARG B 214 -22.23 -13.51 7.55
C ARG B 214 -22.24 -12.71 6.25
N ASP B 215 -21.58 -11.55 6.27
CA ASP B 215 -21.48 -10.64 5.13
C ASP B 215 -22.83 -10.27 4.53
N PHE B 216 -23.69 -9.66 5.34
CA PHE B 216 -24.98 -9.16 4.89
C PHE B 216 -24.79 -7.82 4.18
N TYR B 217 -24.96 -7.83 2.85
CA TYR B 217 -24.75 -6.63 2.03
C TYR B 217 -26.05 -6.14 1.41
N ILE B 218 -26.16 -4.82 1.28
CA ILE B 218 -27.20 -4.20 0.47
C ILE B 218 -26.57 -3.28 -0.58
N PHE B 219 -26.96 -3.47 -1.84
CA PHE B 219 -26.44 -2.68 -2.94
C PHE B 219 -27.51 -1.76 -3.50
N ALA B 220 -27.08 -0.56 -3.91
CA ALA B 220 -27.99 0.45 -4.45
C ALA B 220 -28.19 0.29 -5.96
N LYS B 221 -28.21 -0.95 -6.41
CA LYS B 221 -28.45 -1.29 -7.82
C LYS B 221 -28.95 -2.72 -7.98
N GLU B 222 -29.51 -3.00 -9.15
CA GLU B 222 -29.92 -4.36 -9.51
C GLU B 222 -28.71 -5.07 -10.10
N LEU B 223 -28.16 -6.02 -9.34
CA LEU B 223 -27.00 -6.80 -9.79
C LEU B 223 -27.42 -7.83 -10.83
N ASP B 224 -26.58 -8.00 -11.85
CA ASP B 224 -26.84 -9.00 -12.89
C ASP B 224 -26.22 -10.37 -12.58
N ASP B 225 -26.52 -11.35 -13.42
CA ASP B 225 -26.06 -12.72 -13.23
C ASP B 225 -24.55 -12.85 -13.04
N LYS B 226 -23.78 -12.13 -13.85
CA LYS B 226 -22.32 -12.18 -13.76
C LYS B 226 -21.79 -11.55 -12.48
N ASP B 227 -22.28 -10.36 -12.15
CA ASP B 227 -21.87 -9.65 -10.94
C ASP B 227 -22.16 -10.43 -9.66
N ILE B 228 -23.30 -11.12 -9.63
CA ILE B 228 -23.68 -11.97 -8.51
C ILE B 228 -22.68 -13.13 -8.33
N ASN B 229 -22.30 -13.75 -9.44
CA ASN B 229 -21.36 -14.86 -9.40
C ASN B 229 -19.94 -14.45 -9.03
N ILE B 230 -19.54 -13.25 -9.45
CA ILE B 230 -18.25 -12.68 -9.02
C ILE B 230 -18.26 -12.47 -7.50
N LEU B 231 -19.35 -11.90 -6.99
CA LEU B 231 -19.51 -11.69 -5.56
C LEU B 231 -19.49 -13.02 -4.79
N PHE B 232 -20.30 -13.96 -5.26
CA PHE B 232 -20.41 -15.31 -4.69
C PHE B 232 -19.04 -15.98 -4.54
N ASN B 233 -18.22 -15.87 -5.57
CA ASN B 233 -16.88 -16.44 -5.58
C ASN B 233 -15.87 -15.65 -4.75
N SER B 234 -15.97 -14.33 -4.76
CA SER B 234 -15.04 -13.47 -4.02
C SER B 234 -15.22 -13.56 -2.51
N LEU B 235 -16.35 -14.13 -2.08
CA LEU B 235 -16.65 -14.33 -0.66
C LEU B 235 -16.25 -15.71 -0.15
N GLN B 236 -15.58 -16.48 -1.00
CA GLN B 236 -15.16 -17.84 -0.65
C GLN B 236 -13.67 -18.04 -0.82
N TYR B 237 -13.11 -18.98 -0.05
CA TYR B 237 -11.81 -19.54 -0.34
C TYR B 237 -12.05 -20.87 -1.01
N THR B 238 -12.07 -20.87 -2.35
CA THR B 238 -12.46 -22.05 -3.11
C THR B 238 -11.47 -23.22 -3.01
N ASN B 239 -10.23 -22.92 -2.65
CA ASN B 239 -9.23 -23.97 -2.46
C ASN B 239 -9.33 -24.68 -1.11
N VAL B 240 -10.06 -24.10 -0.16
CA VAL B 240 -10.33 -24.75 1.11
C VAL B 240 -11.50 -25.72 0.93
N VAL B 241 -11.24 -27.01 1.12
CA VAL B 241 -12.27 -28.04 1.04
C VAL B 241 -13.30 -27.84 2.15
N LYS B 242 -14.56 -28.10 1.85
CA LYS B 242 -15.63 -27.91 2.81
C LYS B 242 -16.25 -29.23 3.26
N ASP B 243 -16.76 -29.26 4.49
CA ASP B 243 -17.54 -30.39 4.96
C ASP B 243 -18.97 -30.30 4.42
N TYR B 244 -19.78 -31.30 4.73
CA TYR B 244 -21.14 -31.37 4.18
C TYR B 244 -21.99 -30.13 4.46
N TRP B 245 -21.73 -29.45 5.58
CA TRP B 245 -22.51 -28.27 5.94
C TRP B 245 -21.92 -26.96 5.40
N GLY B 246 -20.82 -27.06 4.68
CA GLY B 246 -20.18 -25.89 4.06
C GLY B 246 -19.08 -25.25 4.89
N ASN B 247 -18.82 -25.81 6.07
CA ASN B 247 -17.73 -25.33 6.90
C ASN B 247 -16.39 -25.87 6.42
N ASP B 248 -15.30 -25.20 6.79
CA ASP B 248 -13.95 -25.62 6.40
C ASP B 248 -13.68 -27.03 6.89
N LEU B 249 -13.22 -27.89 5.98
CA LEU B 249 -12.81 -29.24 6.35
C LEU B 249 -11.49 -29.16 7.11
N ARG B 250 -11.40 -29.93 8.18
CA ARG B 250 -10.23 -29.87 9.06
C ARG B 250 -9.56 -31.23 9.22
N TYR B 251 -8.26 -31.19 9.49
CA TYR B 251 -7.52 -32.39 9.88
C TYR B 251 -7.78 -32.67 11.36
N ASP B 252 -7.50 -33.90 11.78
CA ASP B 252 -7.59 -34.31 13.19
C ASP B 252 -8.99 -34.14 13.76
N LYS B 253 -10.01 -34.37 12.94
CA LYS B 253 -11.40 -34.25 13.36
C LYS B 253 -12.22 -35.41 12.81
N GLU B 254 -13.07 -35.97 13.67
CA GLU B 254 -13.94 -37.07 13.27
C GLU B 254 -15.02 -36.62 12.30
N TYR B 255 -15.12 -37.36 11.19
CA TYR B 255 -16.18 -37.15 10.21
C TYR B 255 -16.79 -38.47 9.81
N TYR B 256 -18.07 -38.43 9.43
CA TYR B 256 -18.68 -39.53 8.70
C TYR B 256 -18.40 -39.31 7.21
N MET B 257 -17.73 -40.28 6.59
CA MET B 257 -17.43 -40.24 5.16
C MET B 257 -18.54 -40.91 4.37
N ILE B 258 -19.15 -40.16 3.45
CA ILE B 258 -20.28 -40.65 2.68
C ILE B 258 -20.11 -40.34 1.19
N ASN B 259 -20.50 -41.28 0.34
CA ASN B 259 -20.52 -41.07 -1.10
C ASN B 259 -21.80 -40.38 -1.54
N VAL B 260 -21.66 -39.38 -2.40
CA VAL B 260 -22.77 -38.57 -2.90
C VAL B 260 -23.93 -39.41 -3.45
N ASN B 261 -23.61 -40.52 -4.13
CA ASN B 261 -24.63 -41.39 -4.71
C ASN B 261 -25.26 -42.37 -3.72
N TYR B 262 -24.70 -42.42 -2.51
CA TYR B 262 -25.13 -43.40 -1.52
C TYR B 262 -25.28 -42.76 -0.14
N MET B 263 -26.19 -41.79 -0.03
CA MET B 263 -26.37 -41.04 1.21
C MET B 263 -26.99 -41.89 2.30
N ASN B 264 -27.74 -42.91 1.91
CA ASN B 264 -28.34 -43.85 2.85
C ASN B 264 -27.44 -45.03 3.22
N ARG B 265 -26.14 -44.84 3.08
CA ARG B 265 -25.14 -45.84 3.48
C ARG B 265 -24.16 -45.28 4.51
N TYR B 266 -23.78 -46.12 5.48
CA TYR B 266 -22.74 -45.76 6.44
C TYR B 266 -21.57 -46.75 6.37
N MET B 267 -20.45 -46.38 6.97
CA MET B 267 -19.25 -47.22 6.95
C MET B 267 -19.22 -48.29 8.03
N SER B 268 -18.92 -49.50 7.59
CA SER B 268 -18.69 -50.61 8.48
C SER B 268 -17.41 -51.35 8.06
N LYS B 269 -17.12 -52.46 8.73
CA LYS B 269 -15.91 -53.22 8.48
C LYS B 269 -16.18 -54.72 8.58
N LYS B 270 -15.60 -55.47 7.66
CA LYS B 270 -15.64 -56.93 7.73
C LYS B 270 -14.32 -57.44 7.19
N GLY B 271 -13.57 -58.16 8.05
CA GLY B 271 -12.21 -58.55 7.75
C GLY B 271 -11.38 -57.32 7.43
N ASN B 272 -10.64 -57.40 6.32
CA ASN B 272 -9.85 -56.25 5.85
C ASN B 272 -10.70 -55.14 5.26
N GLY B 273 -11.90 -55.48 4.82
CA GLY B 273 -12.70 -54.57 4.00
C GLY B 273 -13.55 -53.57 4.75
N ILE B 274 -13.58 -52.35 4.20
CA ILE B 274 -14.61 -51.37 4.55
C ILE B 274 -15.84 -51.73 3.71
N VAL B 275 -16.98 -51.88 4.38
CA VAL B 275 -18.24 -52.15 3.68
C VAL B 275 -19.26 -51.08 4.02
N PHE B 276 -20.21 -50.87 3.11
CA PHE B 276 -21.27 -49.89 3.34
C PHE B 276 -22.61 -50.56 3.61
N ASN B 277 -23.22 -50.20 4.75
CA ASN B 277 -24.54 -50.73 5.12
C ASN B 277 -25.61 -49.65 5.04
N THR B 278 -26.86 -50.09 4.82
CA THR B 278 -28.01 -49.18 4.81
C THR B 278 -28.26 -48.61 6.20
N ARG B 279 -28.34 -47.29 6.30
CA ARG B 279 -28.57 -46.64 7.58
C ARG B 279 -30.00 -46.82 8.10
N LYS B 280 -30.18 -46.68 9.42
CA LYS B 280 -31.46 -46.92 10.07
C LYS B 280 -32.54 -45.92 9.65
N ASN B 281 -32.21 -44.63 9.74
CA ASN B 281 -33.13 -43.56 9.36
C ASN B 281 -32.39 -42.28 8.98
N ASN B 282 -33.14 -41.22 8.68
CA ASN B 282 -32.55 -39.95 8.28
C ASN B 282 -32.65 -38.85 9.34
N ASN B 283 -32.75 -39.24 10.62
CA ASN B 283 -32.74 -38.26 11.71
C ASN B 283 -31.44 -37.44 11.68
N ASP B 284 -30.33 -38.13 11.48
CA ASP B 284 -29.02 -37.53 11.31
C ASP B 284 -28.11 -38.52 10.60
N PHE B 285 -26.80 -38.30 10.68
CA PHE B 285 -25.83 -39.17 10.02
C PHE B 285 -24.99 -39.95 11.02
N ASN B 286 -25.45 -39.98 12.27
CA ASN B 286 -24.69 -40.60 13.35
C ASN B 286 -24.86 -42.11 13.44
N GLU B 287 -24.24 -42.81 12.51
CA GLU B 287 -24.26 -44.27 12.45
C GLU B 287 -22.96 -44.75 11.81
N GLY B 288 -22.42 -45.84 12.34
CA GLY B 288 -21.23 -46.46 11.79
C GLY B 288 -19.94 -45.83 12.23
N TYR B 289 -18.85 -46.19 11.55
CA TYR B 289 -17.52 -45.75 11.95
C TYR B 289 -17.18 -44.38 11.37
N LYS B 290 -16.31 -43.67 12.09
CA LYS B 290 -15.90 -42.33 11.71
C LYS B 290 -14.45 -42.33 11.24
N ILE B 291 -14.13 -41.42 10.31
CA ILE B 291 -12.74 -41.25 9.88
C ILE B 291 -12.11 -39.97 10.45
N ILE B 292 -10.78 -39.98 10.53
CA ILE B 292 -10.01 -38.78 10.85
C ILE B 292 -9.03 -38.56 9.69
N ILE B 293 -9.01 -37.35 9.14
CA ILE B 293 -8.12 -37.02 8.03
C ILE B 293 -6.78 -36.53 8.57
N LYS B 294 -5.70 -37.09 8.05
CA LYS B 294 -4.35 -36.78 8.52
C LYS B 294 -3.47 -36.23 7.38
N ARG B 295 -2.78 -35.14 7.66
CA ARG B 295 -1.98 -34.44 6.65
C ARG B 295 -0.62 -35.09 6.39
N ILE B 296 -0.23 -35.19 5.12
CA ILE B 296 1.14 -35.58 4.77
C ILE B 296 1.87 -34.42 4.09
N ARG B 297 1.28 -33.87 3.04
CA ARG B 297 1.86 -32.75 2.29
C ARG B 297 0.84 -31.65 2.03
N GLY B 298 1.32 -30.41 2.07
CA GLY B 298 0.52 -29.24 1.71
C GLY B 298 1.41 -28.00 1.71
N ASN B 299 0.83 -26.86 1.39
CA ASN B 299 1.55 -25.58 1.41
C ASN B 299 1.37 -24.87 2.74
N THR B 300 0.12 -24.49 3.03
CA THR B 300 -0.21 -23.90 4.33
C THR B 300 -0.33 -25.04 5.33
N ASN B 301 0.02 -24.76 6.59
CA ASN B 301 -0.18 -25.74 7.66
C ASN B 301 -0.98 -25.11 8.82
N ASP B 302 -2.30 -25.10 8.68
CA ASP B 302 -3.18 -24.43 9.63
C ASP B 302 -4.41 -25.25 10.03
N THR B 303 -4.33 -26.58 9.91
CA THR B 303 -5.42 -27.50 10.24
C THR B 303 -6.50 -27.63 9.15
N ARG B 304 -6.56 -26.67 8.24
CA ARG B 304 -7.55 -26.73 7.16
C ARG B 304 -7.09 -27.62 6.00
N VAL B 305 -8.04 -28.36 5.43
CA VAL B 305 -7.77 -29.23 4.30
C VAL B 305 -7.95 -28.42 3.01
N ARG B 306 -6.88 -28.33 2.22
CA ARG B 306 -6.91 -27.58 0.98
C ARG B 306 -6.70 -28.50 -0.21
N GLY B 307 -7.21 -28.07 -1.37
CA GLY B 307 -7.01 -28.80 -2.62
C GLY B 307 -5.54 -29.05 -2.90
N GLU B 308 -5.24 -30.24 -3.41
CA GLU B 308 -3.88 -30.67 -3.75
C GLU B 308 -3.04 -31.09 -2.54
N ASN B 309 -3.65 -31.14 -1.37
CA ASN B 309 -3.00 -31.71 -0.20
C ASN B 309 -2.89 -33.22 -0.34
N VAL B 310 -1.83 -33.80 0.23
CA VAL B 310 -1.68 -35.24 0.30
C VAL B 310 -2.05 -35.67 1.71
N LEU B 311 -2.91 -36.67 1.83
CA LEU B 311 -3.47 -37.06 3.11
C LEU B 311 -3.80 -38.54 3.22
N TYR B 312 -4.08 -38.99 4.43
CA TYR B 312 -4.56 -40.35 4.67
C TYR B 312 -5.66 -40.35 5.73
N PHE B 313 -6.28 -41.51 5.93
CA PHE B 313 -7.43 -41.62 6.82
C PHE B 313 -7.21 -42.64 7.92
N ASN B 314 -7.51 -42.22 9.16
CA ASN B 314 -7.56 -43.11 10.30
C ASN B 314 -9.00 -43.39 10.67
N THR B 315 -9.25 -44.55 11.29
CA THR B 315 -10.56 -44.87 11.84
C THR B 315 -10.43 -45.76 13.06
N THR B 316 -11.21 -45.46 14.10
CA THR B 316 -11.24 -46.27 15.32
C THR B 316 -12.36 -47.30 15.29
N ILE B 317 -11.98 -48.57 15.41
CA ILE B 317 -12.91 -49.68 15.36
C ILE B 317 -12.54 -50.71 16.42
N ASP B 318 -13.48 -50.98 17.34
CA ASP B 318 -13.30 -51.93 18.44
C ASP B 318 -11.98 -51.71 19.19
N ASN B 319 -11.78 -50.49 19.66
CA ASN B 319 -10.61 -50.10 20.47
C ASN B 319 -9.26 -50.29 19.79
N LYS B 320 -9.28 -50.27 18.45
CA LYS B 320 -8.07 -50.25 17.66
C LYS B 320 -8.23 -49.16 16.61
N GLN B 321 -7.11 -48.54 16.23
CA GLN B 321 -7.15 -47.56 15.16
C GLN B 321 -6.53 -48.14 13.89
N TYR B 322 -7.29 -48.06 12.81
CA TYR B 322 -6.86 -48.55 11.50
C TYR B 322 -6.63 -47.36 10.59
N SER B 323 -5.94 -47.60 9.48
CA SER B 323 -5.84 -46.61 8.42
C SER B 323 -6.40 -47.23 7.15
N LEU B 324 -7.00 -46.40 6.31
CA LEU B 324 -7.54 -46.87 5.05
C LEU B 324 -6.40 -47.16 4.08
N GLY B 325 -6.48 -48.29 3.39
CA GLY B 325 -5.46 -48.72 2.44
C GLY B 325 -5.92 -49.84 1.52
N MET B 326 -5.19 -50.03 0.42
CA MET B 326 -5.53 -51.07 -0.54
C MET B 326 -5.24 -52.46 0.01
N TYR B 327 -6.06 -53.43 -0.41
CA TYR B 327 -5.83 -54.83 -0.05
C TYR B 327 -6.15 -55.75 -1.22
N LYS B 328 -5.56 -56.93 -1.22
CA LYS B 328 -5.81 -57.94 -2.24
C LYS B 328 -7.14 -58.64 -1.95
N PRO B 329 -8.13 -58.52 -2.85
CA PRO B 329 -9.41 -59.18 -2.61
C PRO B 329 -9.32 -60.69 -2.88
N SER B 330 -10.22 -61.47 -2.28
CA SER B 330 -10.21 -62.94 -2.42
C SER B 330 -10.25 -63.38 -3.88
N ARG B 331 -10.94 -62.61 -4.71
CA ARG B 331 -10.94 -62.80 -6.16
C ARG B 331 -11.08 -61.44 -6.83
N ASN B 332 -10.70 -61.36 -8.11
CA ASN B 332 -10.72 -60.11 -8.87
C ASN B 332 -12.12 -59.50 -8.99
N LEU B 333 -12.18 -58.18 -8.90
CA LEU B 333 -13.46 -57.47 -8.92
C LEU B 333 -13.77 -56.93 -10.31
N GLY B 334 -12.71 -56.62 -11.06
CA GLY B 334 -12.83 -56.05 -12.40
C GLY B 334 -11.51 -55.40 -12.77
N THR B 335 -11.32 -55.18 -14.07
CA THR B 335 -10.09 -54.57 -14.59
C THR B 335 -9.81 -53.23 -13.93
N ASP B 336 -8.59 -53.09 -13.40
CA ASP B 336 -8.08 -51.86 -12.79
C ASP B 336 -8.79 -51.45 -11.50
N LEU B 337 -9.41 -52.42 -10.83
CA LEU B 337 -10.09 -52.17 -9.57
C LEU B 337 -9.33 -52.77 -8.38
N VAL B 338 -9.00 -51.93 -7.41
CA VAL B 338 -8.41 -52.38 -6.15
C VAL B 338 -9.29 -51.88 -5.01
N PRO B 339 -9.74 -52.79 -4.13
CA PRO B 339 -10.60 -52.38 -3.02
C PRO B 339 -9.83 -51.62 -1.94
N LEU B 340 -10.51 -50.70 -1.28
CA LEU B 340 -9.95 -49.95 -0.16
C LEU B 340 -10.49 -50.50 1.15
N GLY B 341 -9.59 -50.82 2.09
CA GLY B 341 -9.99 -51.42 3.36
C GLY B 341 -9.37 -50.76 4.57
N ALA B 342 -9.58 -51.35 5.73
CA ALA B 342 -9.04 -50.84 6.98
C ALA B 342 -7.90 -51.73 7.46
N LEU B 343 -6.72 -51.15 7.59
CA LEU B 343 -5.51 -51.92 7.90
C LEU B 343 -4.74 -51.34 9.08
N ASP B 344 -4.25 -52.23 9.94
CA ASP B 344 -3.34 -51.83 11.01
C ASP B 344 -1.91 -51.92 10.47
N GLN B 345 -1.47 -50.82 9.85
CA GLN B 345 -0.21 -50.82 9.10
C GLN B 345 0.68 -49.62 9.44
N PRO B 346 2.02 -49.80 9.37
CA PRO B 346 2.94 -48.68 9.63
C PRO B 346 2.95 -47.64 8.51
N MET B 347 3.57 -46.48 8.79
CA MET B 347 3.52 -45.32 7.90
C MET B 347 4.08 -45.59 6.49
N ASP B 348 5.13 -46.40 6.40
CA ASP B 348 5.69 -46.78 5.10
C ASP B 348 4.64 -47.40 4.17
N GLU B 349 3.74 -48.18 4.74
CA GLU B 349 2.67 -48.82 3.97
C GLU B 349 1.57 -47.82 3.59
N ILE B 350 1.29 -46.89 4.50
CA ILE B 350 0.31 -45.83 4.25
C ILE B 350 0.77 -44.94 3.10
N ARG B 351 2.05 -44.57 3.10
CA ARG B 351 2.61 -43.72 2.05
C ARG B 351 2.58 -44.41 0.69
N LYS B 352 2.80 -45.73 0.66
CA LYS B 352 2.77 -46.50 -0.58
C LYS B 352 1.35 -46.80 -1.07
N TYR B 353 0.47 -47.22 -0.17
CA TYR B 353 -0.80 -47.79 -0.59
C TYR B 353 -2.07 -47.18 0.02
N GLY B 354 -1.92 -46.06 0.72
CA GLY B 354 -3.06 -45.45 1.41
C GLY B 354 -3.10 -43.94 1.44
N SER B 355 -2.29 -43.30 0.60
CA SER B 355 -2.27 -41.84 0.52
C SER B 355 -3.12 -41.31 -0.62
N PHE B 356 -3.71 -40.14 -0.41
CA PHE B 356 -4.64 -39.56 -1.37
C PHE B 356 -4.39 -38.08 -1.58
N ILE B 357 -4.68 -37.63 -2.80
CA ILE B 357 -4.65 -36.22 -3.14
C ILE B 357 -6.10 -35.75 -3.25
N ILE B 358 -6.44 -34.72 -2.47
CA ILE B 358 -7.81 -34.21 -2.43
C ILE B 358 -8.01 -33.05 -3.41
N GLN B 359 -9.18 -33.02 -4.03
CA GLN B 359 -9.54 -31.97 -4.97
C GLN B 359 -11.02 -31.64 -4.73
N PRO B 360 -11.31 -30.40 -4.26
CA PRO B 360 -12.70 -30.07 -3.98
C PRO B 360 -13.52 -30.00 -5.25
N CYS B 361 -14.75 -30.46 -5.18
CA CYS B 361 -15.72 -30.21 -6.24
C CYS B 361 -17.07 -29.87 -5.63
N ASN B 362 -17.38 -28.58 -5.67
CA ASN B 362 -18.63 -28.09 -5.13
C ASN B 362 -19.63 -27.90 -6.24
N THR B 363 -20.86 -28.32 -5.98
CA THR B 363 -21.96 -28.10 -6.90
C THR B 363 -23.02 -27.30 -6.16
N PHE B 364 -24.09 -26.95 -6.86
CA PHE B 364 -25.25 -26.30 -6.24
C PHE B 364 -25.79 -27.16 -5.10
N ASP B 365 -25.82 -28.48 -5.32
CA ASP B 365 -26.43 -29.41 -4.37
C ASP B 365 -25.59 -29.70 -3.14
N TYR B 366 -24.29 -29.85 -3.31
CA TYR B 366 -23.45 -30.32 -2.21
C TYR B 366 -22.03 -29.76 -2.18
N TYR B 367 -21.43 -29.78 -0.98
CA TYR B 367 -20.02 -29.54 -0.80
C TYR B 367 -19.37 -30.92 -0.74
N ALA B 368 -18.51 -31.19 -1.72
CA ALA B 368 -17.87 -32.50 -1.83
C ALA B 368 -16.44 -32.38 -2.34
N SER B 369 -15.77 -33.52 -2.47
CA SER B 369 -14.40 -33.57 -2.97
C SER B 369 -14.12 -34.90 -3.67
N GLN B 370 -13.12 -34.88 -4.54
CA GLN B 370 -12.60 -36.09 -5.18
C GLN B 370 -11.27 -36.46 -4.55
N LEU B 371 -10.99 -37.76 -4.50
CA LEU B 371 -9.75 -38.26 -3.90
C LEU B 371 -8.99 -39.12 -4.88
N PHE B 372 -7.78 -38.70 -5.20
CA PHE B 372 -6.94 -39.43 -6.15
C PHE B 372 -5.85 -40.20 -5.41
N LEU B 373 -5.66 -41.46 -5.80
CA LEU B 373 -4.60 -42.28 -5.23
C LEU B 373 -3.25 -41.65 -5.50
N SER B 374 -2.49 -41.45 -4.44
CA SER B 374 -1.18 -40.83 -4.52
C SER B 374 -0.09 -41.84 -4.82
N SER B 375 0.89 -41.43 -5.62
CA SER B 375 2.10 -42.21 -5.84
C SER B 375 3.14 -41.85 -4.79
N ASN B 376 3.37 -42.77 -3.85
CA ASN B 376 4.36 -42.60 -2.76
C ASN B 376 4.25 -41.27 -2.01
N ALA B 377 3.02 -40.90 -1.67
CA ALA B 377 2.71 -39.67 -0.94
C ALA B 377 3.14 -38.40 -1.68
N THR B 378 3.19 -38.45 -3.00
CA THR B 378 3.45 -37.26 -3.82
C THR B 378 2.15 -36.80 -4.49
N THR B 379 2.21 -35.71 -5.26
CA THR B 379 1.02 -35.25 -5.98
C THR B 379 0.83 -35.94 -7.34
N ASN B 380 1.65 -36.94 -7.63
CA ASN B 380 1.45 -37.79 -8.81
C ASN B 380 0.31 -38.77 -8.60
N ARG B 381 -0.61 -38.81 -9.56
CA ARG B 381 -1.87 -39.55 -9.41
C ARG B 381 -1.82 -40.91 -10.08
N LEU B 382 -2.39 -41.91 -9.42
CA LEU B 382 -2.41 -43.27 -9.95
C LEU B 382 -3.83 -43.80 -10.17
N GLY B 383 -4.81 -43.13 -9.59
CA GLY B 383 -6.20 -43.57 -9.67
C GLY B 383 -7.17 -42.65 -8.95
N ILE B 384 -8.45 -43.02 -9.01
CA ILE B 384 -9.51 -42.23 -8.40
C ILE B 384 -10.37 -43.12 -7.49
N LEU B 385 -10.70 -42.60 -6.31
CA LEU B 385 -11.52 -43.34 -5.35
C LEU B 385 -13.00 -43.29 -5.72
N SER B 386 -13.57 -44.47 -5.95
CA SER B 386 -14.98 -44.60 -6.30
C SER B 386 -15.68 -45.60 -5.39
N ILE B 387 -16.86 -46.07 -5.80
CA ILE B 387 -17.68 -46.96 -4.99
C ILE B 387 -18.45 -47.92 -5.89
N GLY B 388 -18.72 -49.14 -5.41
CA GLY B 388 -19.45 -50.12 -6.19
C GLY B 388 -19.67 -51.42 -5.46
N SER B 389 -20.59 -52.23 -5.96
CA SER B 389 -20.91 -53.52 -5.37
C SER B 389 -20.21 -54.66 -6.11
N TYR B 390 -19.51 -55.51 -5.36
CA TYR B 390 -18.76 -56.63 -5.94
C TYR B 390 -18.91 -57.90 -5.11
N SER B 391 -18.92 -59.03 -5.79
CA SER B 391 -19.08 -60.33 -5.14
C SER B 391 -17.75 -61.00 -4.85
N PHE B 392 -17.39 -61.05 -3.57
CA PHE B 392 -16.17 -61.74 -3.11
C PHE B 392 -16.29 -62.15 -1.63
N LYS B 393 -15.16 -62.46 -1.01
CA LYS B 393 -15.17 -62.99 0.37
C LYS B 393 -14.40 -62.11 1.33
N LEU B 394 -15.04 -61.79 2.46
CA LEU B 394 -14.43 -60.98 3.51
C LEU B 394 -14.64 -61.62 4.88
N GLY B 395 -13.69 -61.41 5.78
CA GLY B 395 -13.78 -61.90 7.14
C GLY B 395 -13.93 -63.41 7.19
N ASP B 396 -15.00 -63.88 7.82
CA ASP B 396 -15.23 -65.32 7.99
C ASP B 396 -16.08 -65.95 6.88
N ASP B 397 -16.25 -65.24 5.76
CA ASP B 397 -16.82 -65.83 4.56
C ASP B 397 -15.98 -67.01 4.14
N TYR B 398 -16.62 -68.10 3.76
CA TYR B 398 -15.89 -69.30 3.37
C TYR B 398 -16.53 -70.02 2.19
N TRP B 399 -17.77 -70.47 2.37
CA TRP B 399 -18.44 -71.32 1.38
C TRP B 399 -18.89 -70.57 0.13
N PHE B 400 -19.28 -69.30 0.30
CA PHE B 400 -19.86 -68.53 -0.80
C PHE B 400 -19.26 -67.15 -0.91
N ASN B 401 -19.34 -66.59 -2.11
CA ASN B 401 -19.05 -65.19 -2.34
C ASN B 401 -20.27 -64.35 -1.98
N HIS B 402 -20.04 -63.11 -1.54
CA HIS B 402 -21.12 -62.20 -1.17
C HIS B 402 -20.92 -60.84 -1.82
N GLU B 403 -22.03 -60.22 -2.23
CA GLU B 403 -22.02 -58.86 -2.74
C GLU B 403 -21.74 -57.87 -1.63
N TYR B 404 -20.68 -57.08 -1.77
CA TYR B 404 -20.36 -56.01 -0.83
C TYR B 404 -20.25 -54.66 -1.56
N LEU B 405 -20.94 -53.65 -1.04
CA LEU B 405 -20.77 -52.29 -1.52
C LEU B 405 -19.54 -51.71 -0.83
N ILE B 406 -18.52 -51.45 -1.62
CA ILE B 406 -17.19 -51.12 -1.09
C ILE B 406 -16.60 -49.85 -1.71
N PRO B 407 -15.70 -49.17 -0.99
CA PRO B 407 -14.91 -48.14 -1.65
C PRO B 407 -13.84 -48.81 -2.52
N VAL B 408 -13.69 -48.33 -3.76
CA VAL B 408 -12.83 -49.00 -4.74
C VAL B 408 -12.03 -47.99 -5.56
N ILE B 409 -10.75 -48.28 -5.76
CA ILE B 409 -9.91 -47.42 -6.56
C ILE B 409 -9.83 -47.95 -7.99
N LYS B 410 -10.09 -47.08 -8.95
CA LYS B 410 -9.85 -47.38 -10.35
C LYS B 410 -8.48 -46.83 -10.70
N ILE B 411 -7.54 -47.72 -11.02
CA ILE B 411 -6.16 -47.32 -11.32
C ILE B 411 -5.91 -47.16 -12.82
N GLU B 412 -4.99 -46.24 -13.15
CA GLU B 412 -4.48 -46.04 -14.52
C GLU B 412 -5.47 -45.46 -15.54
N HIS B 413 -6.55 -46.18 -15.80
CA HIS B 413 -7.55 -45.76 -16.79
C HIS B 413 -8.84 -45.35 -16.11
N TYR B 414 -8.95 -44.06 -15.79
CA TYR B 414 -10.10 -43.56 -15.02
C TYR B 414 -10.65 -42.25 -15.60
N ALA B 415 -10.42 -42.03 -16.90
CA ALA B 415 -10.86 -40.82 -17.58
C ALA B 415 -12.36 -40.62 -17.53
N SER B 416 -13.11 -41.71 -17.67
CA SER B 416 -14.56 -41.65 -17.71
C SER B 416 -15.20 -41.56 -16.31
N LEU B 417 -14.37 -41.68 -15.27
CA LEU B 417 -14.85 -41.56 -13.89
C LEU B 417 -14.68 -40.15 -13.31
N LEU B 418 -13.88 -39.32 -13.97
CA LEU B 418 -13.63 -37.95 -13.51
C LEU B 418 -14.91 -37.13 -13.39
N GLU B 419 -15.87 -37.44 -14.26
CA GLU B 419 -17.11 -36.68 -14.37
C GLU B 419 -18.26 -37.36 -13.62
N SER B 420 -17.97 -38.50 -13.00
CA SER B 420 -18.99 -39.29 -12.31
C SER B 420 -19.17 -38.85 -10.86
N THR B 421 -20.43 -38.71 -10.45
CA THR B 421 -20.77 -38.32 -9.08
C THR B 421 -20.44 -39.40 -8.05
N SER B 422 -20.19 -40.62 -8.53
CA SER B 422 -19.81 -41.72 -7.65
C SER B 422 -18.37 -41.58 -7.16
N THR B 423 -17.67 -40.55 -7.65
CA THR B 423 -16.33 -40.24 -7.16
C THR B 423 -16.36 -39.03 -6.22
N HIS B 424 -17.56 -38.55 -5.90
CA HIS B 424 -17.75 -37.38 -5.05
C HIS B 424 -18.00 -37.82 -3.62
N TRP B 425 -17.12 -37.39 -2.71
CA TRP B 425 -17.21 -37.80 -1.32
C TRP B 425 -17.50 -36.61 -0.42
N VAL B 426 -18.35 -36.82 0.58
CA VAL B 426 -18.69 -35.77 1.55
C VAL B 426 -18.27 -36.17 2.96
N PHE B 427 -18.06 -35.16 3.80
CA PHE B 427 -17.68 -35.39 5.19
C PHE B 427 -18.63 -34.67 6.12
N VAL B 428 -19.38 -35.43 6.91
CA VAL B 428 -20.30 -34.87 7.88
C VAL B 428 -19.64 -34.87 9.25
N PRO B 429 -19.60 -33.70 9.93
CA PRO B 429 -19.03 -33.63 11.28
C PRO B 429 -19.75 -34.57 12.24
N ALA B 430 -18.97 -35.26 13.07
CA ALA B 430 -19.52 -36.10 14.13
C ALA B 430 -19.91 -35.25 15.34
N SER B 431 -19.00 -34.35 15.72
CA SER B 431 -19.17 -33.44 16.86
C SER B 431 -19.40 -34.12 18.22
N ILE C 11 12.20 7.64 11.51
CA ILE C 11 13.50 7.13 12.01
C ILE C 11 14.64 8.08 11.60
N ASN C 12 15.53 8.34 12.54
CA ASN C 12 16.69 9.21 12.31
C ASN C 12 17.72 8.62 11.34
N ASP C 13 17.60 7.33 11.06
CA ASP C 13 18.51 6.63 10.14
C ASP C 13 18.45 7.20 8.72
N SER C 14 17.28 7.70 8.32
CA SER C 14 17.07 8.26 7.00
C SER C 14 17.30 9.78 6.96
N LYS C 15 17.63 10.36 8.11
CA LYS C 15 17.89 11.80 8.22
C LYS C 15 19.21 12.14 7.54
N ILE C 16 19.13 12.92 6.46
CA ILE C 16 20.32 13.28 5.68
C ILE C 16 20.70 14.76 5.79
N LEU C 17 19.85 15.54 6.44
CA LEU C 17 20.14 16.94 6.77
C LEU C 17 19.45 17.34 8.07
N SER C 18 20.22 17.98 8.95
CA SER C 18 19.71 18.46 10.24
C SER C 18 20.30 19.83 10.56
N LEU C 19 19.70 20.88 10.01
CA LEU C 19 20.14 22.24 10.23
C LEU C 19 19.67 22.75 11.60
N GLN C 20 20.64 22.95 12.49
CA GLN C 20 20.38 23.36 13.86
C GLN C 20 21.36 24.41 14.36
N ASN C 21 20.88 25.29 15.23
CA ASN C 21 21.73 26.28 15.90
C ASN C 21 22.34 25.67 17.15
N LYS C 22 23.65 25.47 17.11
CA LYS C 22 24.39 24.86 18.22
C LYS C 22 25.50 25.78 18.70
N LYS C 23 25.36 26.25 19.94
CA LYS C 23 26.28 27.20 20.58
C LYS C 23 26.63 28.40 19.68
N ASN C 24 25.57 29.15 19.32
CA ASN C 24 25.68 30.36 18.51
C ASN C 24 26.23 30.14 17.10
N THR C 25 26.03 28.94 16.56
CA THR C 25 26.48 28.59 15.20
C THR C 25 25.50 27.62 14.53
N LEU C 26 25.10 27.95 13.31
CA LEU C 26 24.30 27.04 12.48
C LEU C 26 25.19 25.97 11.85
N MET C 27 24.80 24.71 12.03
CA MET C 27 25.58 23.58 11.50
C MET C 27 24.71 22.36 11.22
N ASP C 28 25.21 21.47 10.35
CA ASP C 28 24.54 20.21 10.02
C ASP C 28 24.92 19.13 11.02
N THR C 29 23.92 18.56 11.69
CA THR C 29 24.14 17.54 12.72
C THR C 29 23.65 16.15 12.29
N SER C 30 23.47 15.97 10.98
CA SER C 30 22.92 14.71 10.44
C SER C 30 23.96 13.59 10.31
N GLY C 31 25.21 13.88 10.68
CA GLY C 31 26.31 12.93 10.54
C GLY C 31 27.17 13.29 9.35
N TYR C 32 26.51 13.59 8.23
CA TYR C 32 27.16 14.15 7.05
C TYR C 32 27.42 15.62 7.34
N ASN C 33 28.55 16.14 6.85
CA ASN C 33 28.92 17.52 7.13
C ASN C 33 28.66 18.45 5.96
N ALA C 34 27.40 18.83 5.79
CA ALA C 34 27.03 19.85 4.81
C ALA C 34 27.60 21.19 5.26
N GLU C 35 28.12 21.95 4.30
CA GLU C 35 28.66 23.27 4.59
C GLU C 35 27.54 24.27 4.81
N VAL C 36 27.58 24.95 5.95
CA VAL C 36 26.58 25.95 6.31
C VAL C 36 27.22 27.33 6.34
N ARG C 37 26.70 28.23 5.50
CA ARG C 37 27.25 29.56 5.34
C ARG C 37 26.22 30.63 5.71
N VAL C 38 26.59 31.51 6.62
CA VAL C 38 25.69 32.55 7.12
C VAL C 38 26.14 33.95 6.64
N GLU C 39 25.20 34.71 6.11
CA GLU C 39 25.49 36.05 5.59
C GLU C 39 24.41 37.06 5.98
N GLY C 40 24.85 38.28 6.28
CA GLY C 40 23.95 39.38 6.59
C GLY C 40 23.35 39.32 7.98
N ASN C 41 22.18 39.95 8.14
CA ASN C 41 21.49 40.02 9.43
C ASN C 41 20.69 38.75 9.75
N VAL C 42 21.39 37.78 10.33
CA VAL C 42 20.76 36.56 10.81
C VAL C 42 20.90 36.47 12.32
N GLN C 43 19.76 36.50 13.02
CA GLN C 43 19.74 36.49 14.48
C GLN C 43 19.47 35.09 15.01
N LEU C 44 20.35 34.65 15.91
CA LEU C 44 20.25 33.32 16.51
C LEU C 44 19.67 33.42 17.92
N ASN C 45 18.88 32.42 18.30
CA ASN C 45 18.24 32.38 19.60
C ASN C 45 19.05 31.55 20.60
N PRO C 46 19.56 32.20 21.67
CA PRO C 46 20.35 31.49 22.69
C PRO C 46 19.53 30.53 23.56
N ILE C 47 18.21 30.70 23.56
CA ILE C 47 17.31 29.81 24.29
C ILE C 47 16.37 29.05 23.36
N PHE C 48 15.68 28.04 23.92
CA PHE C 48 14.72 27.24 23.17
C PHE C 48 13.67 28.11 22.47
N PRO C 49 13.28 27.76 21.23
CA PRO C 49 13.69 26.58 20.44
C PRO C 49 14.93 26.78 19.53
N PHE C 50 15.87 27.61 19.99
CA PHE C 50 17.15 27.85 19.29
C PHE C 50 16.95 28.19 17.81
N ASP C 51 15.95 29.03 17.53
CA ASP C 51 15.59 29.40 16.16
C ASP C 51 16.53 30.42 15.55
N PHE C 52 16.40 30.65 14.25
CA PHE C 52 17.10 31.75 13.59
C PHE C 52 16.12 32.65 12.83
N LYS C 53 16.43 33.95 12.83
CA LYS C 53 15.50 34.97 12.35
C LYS C 53 16.04 35.70 11.11
N LEU C 54 15.22 35.77 10.08
CA LEU C 54 15.57 36.44 8.83
C LEU C 54 14.56 37.54 8.48
N GLY C 55 15.06 38.61 7.86
CA GLY C 55 14.22 39.72 7.41
C GLY C 55 14.20 39.85 5.90
N SER C 56 13.49 40.86 5.40
CA SER C 56 13.36 41.09 3.97
C SER C 56 13.77 42.49 3.52
N SER C 57 13.95 43.39 4.48
CA SER C 57 14.30 44.78 4.19
C SER C 57 15.79 44.96 3.86
N GLY C 58 16.05 45.80 2.85
CA GLY C 58 17.42 46.16 2.45
C GLY C 58 18.23 45.02 1.83
N ASP C 59 19.46 45.35 1.43
CA ASP C 59 20.40 44.38 0.88
C ASP C 59 21.16 43.66 1.98
N ASP C 60 21.07 44.18 3.19
CA ASP C 60 21.73 43.61 4.36
C ASP C 60 20.94 42.45 4.96
N ARG C 61 19.86 42.06 4.30
CA ARG C 61 18.98 40.98 4.77
C ARG C 61 19.71 39.64 4.85
N GLY C 62 19.25 38.78 5.74
CA GLY C 62 19.91 37.50 6.02
C GLY C 62 19.89 36.51 4.89
N LYS C 63 20.95 35.70 4.81
CA LYS C 63 21.08 34.66 3.79
C LYS C 63 21.84 33.47 4.36
N VAL C 64 21.21 32.29 4.31
CA VAL C 64 21.84 31.06 4.77
C VAL C 64 22.03 30.12 3.58
N ILE C 65 23.29 29.72 3.34
CA ILE C 65 23.63 28.82 2.25
C ILE C 65 24.02 27.44 2.80
N VAL C 66 23.35 26.41 2.30
CA VAL C 66 23.63 25.03 2.70
C VAL C 66 24.03 24.19 1.48
N THR C 67 25.29 23.75 1.46
CA THR C 67 25.78 22.89 0.39
C THR C 67 26.14 21.51 0.94
N GLN C 68 25.51 20.48 0.37
CA GLN C 68 25.64 19.11 0.87
C GLN C 68 26.96 18.44 0.49
N ASN C 69 27.46 18.75 -0.71
CA ASN C 69 28.71 18.17 -1.22
C ASN C 69 29.94 18.58 -0.41
N GLU C 70 30.81 17.61 -0.06
CA GLU C 70 30.69 16.20 -0.43
C GLU C 70 30.02 15.39 0.70
N ASN C 71 29.49 14.19 0.42
CA ASN C 71 29.54 13.52 -0.88
C ASN C 71 28.27 12.74 -1.21
N ILE C 72 27.72 12.91 -2.41
CA ILE C 72 26.67 12.02 -2.99
C ILE C 72 25.44 11.71 -2.15
N VAL C 73 25.22 12.47 -1.11
CA VAL C 73 24.16 12.11 -0.16
C VAL C 73 22.75 12.36 -0.72
N TYR C 74 22.67 13.21 -1.74
CA TYR C 74 21.38 13.66 -2.28
C TYR C 74 20.81 12.80 -3.42
N ASN C 75 21.44 11.66 -3.69
CA ASN C 75 20.94 10.75 -4.73
C ASN C 75 19.55 10.17 -4.41
N ALA C 76 19.25 10.02 -3.13
CA ALA C 76 17.97 9.50 -2.65
C ALA C 76 16.79 10.41 -2.99
N MET C 77 17.09 11.68 -3.27
CA MET C 77 16.09 12.68 -3.64
C MET C 77 15.33 12.31 -4.93
N TYR C 78 15.99 11.54 -5.79
CA TYR C 78 15.39 11.10 -7.06
C TYR C 78 14.36 9.97 -6.88
N GLU C 79 14.24 9.45 -5.67
CA GLU C 79 13.23 8.44 -5.34
C GLU C 79 12.20 8.99 -4.36
N SER C 80 12.54 8.97 -3.07
CA SER C 80 11.65 9.45 -2.01
C SER C 80 12.40 10.31 -1.00
N PHE C 81 11.84 11.48 -0.68
CA PHE C 81 12.42 12.37 0.32
C PHE C 81 11.37 13.20 1.06
N SER C 82 11.69 13.60 2.28
CA SER C 82 10.79 14.40 3.11
C SER C 82 11.49 15.64 3.66
N ILE C 83 10.75 16.75 3.70
CA ILE C 83 11.25 17.99 4.29
C ILE C 83 10.34 18.39 5.46
N SER C 84 10.94 18.59 6.62
CA SER C 84 10.22 19.04 7.80
C SER C 84 10.92 20.22 8.48
N PHE C 85 10.14 21.17 8.98
CA PHE C 85 10.67 22.34 9.69
C PHE C 85 9.58 23.14 10.39
N TRP C 86 9.98 23.81 11.47
CA TRP C 86 9.12 24.79 12.15
C TRP C 86 9.33 26.17 11.56
N ILE C 87 8.24 26.87 11.28
CA ILE C 87 8.30 28.19 10.68
C ILE C 87 7.29 29.17 11.29
N ARG C 88 7.67 30.44 11.31
CA ARG C 88 6.78 31.52 11.72
C ARG C 88 7.08 32.75 10.88
N ILE C 89 6.02 33.37 10.34
CA ILE C 89 6.15 34.58 9.55
C ILE C 89 5.37 35.69 10.24
N ASN C 90 6.04 36.81 10.53
CA ASN C 90 5.38 37.94 11.19
C ASN C 90 4.74 38.93 10.22
N LYS C 91 3.48 39.23 10.53
CA LYS C 91 2.57 39.97 9.65
C LYS C 91 2.43 39.26 8.29
N TRP C 92 2.04 37.99 8.36
CA TRP C 92 1.65 37.26 7.17
C TRP C 92 0.20 37.61 6.83
N VAL C 93 0.05 38.76 6.18
CA VAL C 93 -1.26 39.27 5.74
C VAL C 93 -1.77 38.48 4.55
N SER C 94 -3.08 38.47 4.36
CA SER C 94 -3.71 37.69 3.29
C SER C 94 -3.44 38.24 1.89
N ASN C 95 -2.99 39.50 1.81
CA ASN C 95 -2.64 40.12 0.53
C ASN C 95 -1.12 40.28 0.34
N LEU C 96 -0.36 39.39 0.98
CA LEU C 96 1.10 39.42 0.94
C LEU C 96 1.62 39.25 -0.49
N PRO C 97 2.62 40.07 -0.89
CA PRO C 97 3.29 39.89 -2.18
C PRO C 97 4.09 38.58 -2.22
N GLY C 98 4.54 38.21 -3.42
CA GLY C 98 5.28 36.96 -3.61
C GLY C 98 6.69 36.99 -3.04
N TYR C 99 7.04 35.92 -2.31
CA TYR C 99 8.37 35.76 -1.74
C TYR C 99 8.84 34.32 -1.88
N THR C 100 10.08 34.14 -2.33
CA THR C 100 10.75 32.86 -2.22
C THR C 100 11.56 32.88 -0.91
N ILE C 101 11.44 31.82 -0.12
CA ILE C 101 12.05 31.79 1.22
C ILE C 101 13.06 30.65 1.40
N ILE C 102 12.80 29.49 0.80
CA ILE C 102 13.71 28.35 0.83
C ILE C 102 13.89 27.82 -0.60
N ASP C 103 15.05 28.10 -1.19
CA ASP C 103 15.29 27.78 -2.60
C ASP C 103 16.36 26.72 -2.81
N SER C 104 16.03 25.72 -3.65
CA SER C 104 16.99 24.70 -4.08
C SER C 104 16.84 24.42 -5.58
N VAL C 105 16.98 25.49 -6.37
CA VAL C 105 16.83 25.41 -7.82
C VAL C 105 18.08 25.91 -8.52
N LYS C 106 18.66 25.07 -9.38
CA LYS C 106 19.74 25.45 -10.28
C LYS C 106 19.37 25.12 -11.72
N ASN C 107 19.68 26.04 -12.63
CA ASN C 107 19.43 25.88 -14.06
C ASN C 107 18.00 25.40 -14.39
N ASN C 108 17.03 26.08 -13.79
CA ASN C 108 15.60 25.78 -13.97
C ASN C 108 15.17 24.38 -13.51
N SER C 109 15.84 23.83 -12.50
CA SER C 109 15.49 22.51 -11.99
C SER C 109 15.75 22.35 -10.48
N GLY C 110 14.89 21.58 -9.83
CA GLY C 110 14.99 21.32 -8.39
C GLY C 110 13.67 21.52 -7.65
N TRP C 111 13.75 22.01 -6.42
CA TRP C 111 12.57 22.34 -5.63
C TRP C 111 12.68 23.71 -4.95
N SER C 112 11.54 24.34 -4.69
CA SER C 112 11.50 25.64 -4.04
C SER C 112 10.28 25.82 -3.13
N ILE C 113 10.48 26.53 -2.03
CA ILE C 113 9.40 26.86 -1.11
C ILE C 113 9.22 28.38 -1.07
N GLY C 114 8.00 28.82 -1.34
CA GLY C 114 7.69 30.25 -1.37
C GLY C 114 6.38 30.61 -0.67
N ILE C 115 6.16 31.90 -0.49
CA ILE C 115 4.91 32.42 0.07
C ILE C 115 4.30 33.51 -0.80
N ILE C 116 2.98 33.49 -0.95
CA ILE C 116 2.23 34.50 -1.69
C ILE C 116 0.80 34.53 -1.18
N SER C 117 0.28 35.73 -0.96
CA SER C 117 -1.03 35.92 -0.32
C SER C 117 -1.09 35.11 0.98
N ASN C 118 -2.10 34.24 1.10
CA ASN C 118 -2.19 33.37 2.26
C ASN C 118 -1.70 31.94 1.99
N PHE C 119 -0.83 31.79 1.00
CA PHE C 119 -0.33 30.49 0.55
C PHE C 119 1.13 30.27 0.93
N LEU C 120 1.43 29.08 1.45
CA LEU C 120 2.79 28.55 1.48
C LEU C 120 2.86 27.48 0.39
N VAL C 121 3.72 27.69 -0.60
CA VAL C 121 3.73 26.83 -1.78
C VAL C 121 5.08 26.13 -2.02
N PHE C 122 5.01 24.80 -2.13
CA PHE C 122 6.17 23.99 -2.49
C PHE C 122 6.12 23.67 -3.97
N THR C 123 7.17 24.07 -4.69
CA THR C 123 7.24 23.86 -6.13
C THR C 123 8.31 22.83 -6.48
N LEU C 124 7.90 21.82 -7.26
CA LEU C 124 8.81 20.81 -7.78
C LEU C 124 9.03 21.08 -9.28
N LYS C 125 10.15 21.74 -9.58
CA LYS C 125 10.42 22.22 -10.94
C LYS C 125 11.15 21.18 -11.79
N GLN C 126 10.49 20.71 -12.85
CA GLN C 126 11.07 19.79 -13.82
C GLN C 126 12.14 20.52 -14.62
N ASN C 127 11.67 21.47 -15.44
CA ASN C 127 12.51 22.29 -16.30
C ASN C 127 11.94 23.70 -16.40
N GLU C 128 12.42 24.47 -17.37
CA GLU C 128 12.02 25.87 -17.57
C GLU C 128 10.53 26.02 -17.90
N ASN C 129 9.94 24.97 -18.50
CA ASN C 129 8.56 25.03 -18.98
C ASN C 129 7.53 24.38 -18.06
N SER C 130 7.82 23.16 -17.62
CA SER C 130 6.91 22.42 -16.76
C SER C 130 7.36 22.46 -15.29
N GLU C 131 6.41 22.77 -14.41
CA GLU C 131 6.64 22.74 -12.97
C GLU C 131 5.36 22.37 -12.22
N GLN C 132 5.50 21.57 -11.17
CA GLN C 132 4.38 21.18 -10.34
C GLN C 132 4.49 21.81 -8.96
N ASP C 133 3.39 22.36 -8.47
CA ASP C 133 3.38 22.94 -7.13
C ASP C 133 2.23 22.47 -6.26
N ILE C 134 2.46 22.48 -4.94
CA ILE C 134 1.49 22.06 -3.95
C ILE C 134 1.50 23.08 -2.81
N ASN C 135 0.31 23.41 -2.28
CA ASN C 135 0.20 24.52 -1.34
C ASN C 135 -0.71 24.31 -0.13
N PHE C 136 -0.45 25.11 0.91
CA PHE C 136 -1.34 25.24 2.05
C PHE C 136 -1.82 26.69 2.10
N SER C 137 -3.13 26.87 2.18
CA SER C 137 -3.72 28.19 2.34
C SER C 137 -4.42 28.29 3.69
N TYR C 138 -3.98 29.25 4.51
CA TYR C 138 -4.55 29.40 5.85
C TYR C 138 -5.93 30.06 5.79
N ASP C 139 -6.76 29.74 6.79
CA ASP C 139 -8.11 30.28 6.91
C ASP C 139 -8.05 31.76 7.26
N ILE C 140 -8.41 32.60 6.30
CA ILE C 140 -8.33 34.06 6.46
C ILE C 140 -9.26 34.57 7.55
N SER C 141 -10.50 34.06 7.57
CA SER C 141 -11.49 34.48 8.56
C SER C 141 -11.06 34.13 9.99
N LYS C 142 -10.28 33.07 10.13
CA LYS C 142 -9.78 32.65 11.43
C LYS C 142 -8.48 33.35 11.82
N ASN C 143 -7.89 34.10 10.89
CA ASN C 143 -6.63 34.80 11.14
C ASN C 143 -6.66 36.22 10.58
N ALA C 144 -7.65 36.99 11.04
CA ALA C 144 -7.90 38.34 10.52
C ALA C 144 -6.73 39.31 10.71
N ALA C 145 -5.92 39.09 11.74
CA ALA C 145 -4.74 39.91 11.99
C ALA C 145 -3.48 39.31 11.37
N GLY C 146 -3.65 38.29 10.53
CA GLY C 146 -2.53 37.62 9.89
C GLY C 146 -2.14 36.31 10.57
N TYR C 147 -1.59 35.40 9.79
CA TYR C 147 -1.14 34.10 10.29
C TYR C 147 0.29 34.24 10.81
N ASN C 148 0.40 34.76 12.03
CA ASN C 148 1.70 35.11 12.61
C ASN C 148 2.16 34.13 13.69
N LYS C 149 1.70 32.88 13.57
CA LYS C 149 2.01 31.86 14.58
C LYS C 149 2.98 30.79 14.07
N TRP C 150 3.68 30.15 15.01
CA TRP C 150 4.52 29.00 14.72
C TRP C 150 3.69 27.85 14.14
N PHE C 151 4.19 27.24 13.07
CA PHE C 151 3.57 26.04 12.53
C PHE C 151 4.60 25.06 11.95
N PHE C 152 4.27 23.78 12.02
CA PHE C 152 5.16 22.71 11.59
C PHE C 152 4.80 22.21 10.19
N VAL C 153 5.71 22.41 9.25
CA VAL C 153 5.53 21.98 7.86
C VAL C 153 6.20 20.63 7.61
N THR C 154 5.52 19.77 6.87
CA THR C 154 6.14 18.53 6.38
C THR C 154 5.75 18.30 4.92
N ILE C 155 6.76 18.23 4.06
CA ILE C 155 6.57 17.95 2.65
C ILE C 155 7.20 16.60 2.30
N THR C 156 6.37 15.62 1.97
CA THR C 156 6.85 14.30 1.54
C THR C 156 6.70 14.16 0.02
N THR C 157 7.70 13.56 -0.61
CA THR C 157 7.72 13.47 -2.07
C THR C 157 8.14 12.08 -2.53
N ASN C 158 7.34 11.53 -3.44
CA ASN C 158 7.63 10.24 -4.07
C ASN C 158 7.43 10.37 -5.58
N MET C 159 8.53 10.19 -6.32
CA MET C 159 8.53 10.39 -7.77
C MET C 159 7.69 9.35 -8.51
N MET C 160 7.53 8.18 -7.89
CA MET C 160 6.67 7.13 -8.42
C MET C 160 5.29 7.15 -7.76
N GLY C 161 5.05 8.16 -6.92
CA GLY C 161 3.81 8.27 -6.16
C GLY C 161 3.23 9.67 -6.15
N ASN C 162 3.19 10.27 -4.96
CA ASN C 162 2.55 11.58 -4.76
C ASN C 162 3.44 12.63 -4.10
N MET C 163 3.08 13.90 -4.33
CA MET C 163 3.54 15.01 -3.52
C MET C 163 2.49 15.26 -2.45
N MET C 164 2.94 15.38 -1.20
CA MET C 164 2.03 15.63 -0.07
C MET C 164 2.57 16.74 0.83
N ILE C 165 1.65 17.54 1.38
CA ILE C 165 2.02 18.60 2.32
C ILE C 165 1.25 18.48 3.63
N TYR C 166 1.98 18.55 4.74
CA TYR C 166 1.40 18.46 6.08
C TYR C 166 1.66 19.74 6.86
N ILE C 167 0.64 20.20 7.57
CA ILE C 167 0.76 21.31 8.50
C ILE C 167 0.33 20.82 9.88
N ASN C 168 1.20 21.02 10.87
CA ASN C 168 0.95 20.59 12.25
C ASN C 168 0.57 19.11 12.35
N GLY C 169 1.14 18.30 11.46
CA GLY C 169 0.87 16.87 11.42
C GLY C 169 -0.42 16.48 10.72
N LYS C 170 -1.13 17.46 10.18
CA LYS C 170 -2.36 17.22 9.43
C LYS C 170 -2.14 17.29 7.92
N LEU C 171 -2.62 16.28 7.20
CA LEU C 171 -2.55 16.26 5.75
C LEU C 171 -3.47 17.33 5.15
N ILE C 172 -2.89 18.19 4.33
CA ILE C 172 -3.64 19.32 3.76
C ILE C 172 -3.93 19.10 2.27
N ASP C 173 -2.90 18.77 1.51
CA ASP C 173 -3.03 18.60 0.07
C ASP C 173 -2.13 17.48 -0.44
N THR C 174 -2.61 16.75 -1.45
CA THR C 174 -1.85 15.69 -2.10
C THR C 174 -2.14 15.65 -3.60
N ILE C 175 -1.09 15.69 -4.42
CA ILE C 175 -1.24 15.59 -5.87
C ILE C 175 -0.30 14.57 -6.50
N LYS C 176 -0.73 13.98 -7.60
CA LYS C 176 0.01 12.95 -8.32
C LYS C 176 1.23 13.53 -9.03
N VAL C 177 2.40 12.95 -8.75
CA VAL C 177 3.64 13.33 -9.43
C VAL C 177 3.63 12.72 -10.83
N LYS C 178 3.87 13.55 -11.84
CA LYS C 178 3.77 13.11 -13.24
C LYS C 178 5.08 12.57 -13.85
N GLU C 179 6.00 12.15 -12.98
CA GLU C 179 7.23 11.43 -13.36
C GLU C 179 8.41 12.32 -13.83
N LEU C 180 8.11 13.57 -14.18
CA LEU C 180 9.12 14.62 -14.50
C LEU C 180 9.96 14.35 -15.75
N THR C 181 10.85 13.34 -15.68
CA THR C 181 11.66 12.87 -16.83
C THR C 181 12.95 13.65 -17.13
N GLY C 182 13.01 14.91 -16.71
CA GLY C 182 14.21 15.73 -16.91
C GLY C 182 14.68 16.43 -15.64
N ILE C 183 14.28 15.88 -14.49
CA ILE C 183 14.57 16.47 -13.18
C ILE C 183 16.04 16.35 -12.76
N ASN C 184 16.57 17.45 -12.24
CA ASN C 184 17.93 17.50 -11.71
C ASN C 184 17.95 18.27 -10.39
N PHE C 185 18.34 17.60 -9.31
CA PHE C 185 18.30 18.19 -7.96
C PHE C 185 19.57 18.95 -7.59
N SER C 186 19.37 20.10 -6.95
CA SER C 186 20.46 20.96 -6.52
C SER C 186 21.08 20.47 -5.22
N LYS C 187 22.39 20.67 -5.08
CA LYS C 187 23.13 20.35 -3.88
C LYS C 187 23.06 21.50 -2.87
N THR C 188 22.53 22.63 -3.32
CA THR C 188 22.50 23.87 -2.55
C THR C 188 21.08 24.23 -2.10
N ILE C 189 20.96 24.63 -0.83
CA ILE C 189 19.71 25.15 -0.28
C ILE C 189 19.94 26.55 0.28
N THR C 190 19.15 27.51 -0.20
CA THR C 190 19.31 28.92 0.17
C THR C 190 18.12 29.44 0.97
N PHE C 191 18.38 29.78 2.23
CA PHE C 191 17.39 30.39 3.11
C PHE C 191 17.55 31.91 3.04
N GLN C 192 16.61 32.56 2.36
CA GLN C 192 16.63 34.01 2.17
C GLN C 192 15.25 34.49 1.74
N MET C 193 14.84 35.65 2.26
CA MET C 193 13.56 36.24 1.88
C MET C 193 13.73 37.12 0.65
N ASN C 194 13.34 36.59 -0.51
CA ASN C 194 13.49 37.29 -1.78
C ASN C 194 12.16 37.59 -2.45
N LYS C 195 11.85 38.87 -2.57
CA LYS C 195 10.63 39.34 -3.21
C LYS C 195 10.68 39.07 -4.71
N ILE C 196 9.64 38.43 -5.23
CA ILE C 196 9.55 38.12 -6.65
C ILE C 196 9.20 39.40 -7.42
N PRO C 197 9.98 39.72 -8.48
CA PRO C 197 9.66 40.86 -9.35
C PRO C 197 8.35 40.64 -10.13
N ASN C 198 7.56 41.70 -10.30
CA ASN C 198 6.26 41.60 -10.95
C ASN C 198 5.99 42.73 -11.97
N ASP C 207 5.64 47.03 6.02
CA ASP C 207 5.95 46.37 4.74
C ASP C 207 7.00 45.27 4.91
N ASN C 208 7.99 45.51 5.76
CA ASN C 208 9.02 44.51 6.07
C ASN C 208 8.43 43.33 6.84
N ILE C 209 8.71 42.12 6.36
CA ILE C 209 8.27 40.89 7.04
C ILE C 209 9.45 40.13 7.65
N ASN C 210 9.17 39.41 8.73
CA ASN C 210 10.18 38.57 9.38
C ASN C 210 9.84 37.09 9.31
N MET C 211 10.87 36.25 9.43
CA MET C 211 10.71 34.81 9.34
C MET C 211 11.62 34.11 10.35
N TRP C 212 11.03 33.18 11.11
CA TRP C 212 11.76 32.37 12.08
C TRP C 212 11.71 30.90 11.67
N ILE C 213 12.86 30.22 11.72
CA ILE C 213 12.95 28.80 11.39
C ILE C 213 13.74 28.08 12.48
N ARG C 214 13.30 26.86 12.80
CA ARG C 214 14.07 25.95 13.65
C ARG C 214 13.87 24.49 13.27
N ASP C 215 14.94 23.70 13.40
CA ASP C 215 14.95 22.26 13.11
C ASP C 215 14.52 21.92 11.68
N PHE C 216 15.32 22.38 10.71
CA PHE C 216 15.07 22.07 9.31
C PHE C 216 15.72 20.73 8.98
N TYR C 217 14.87 19.72 8.77
CA TYR C 217 15.32 18.37 8.50
C TYR C 217 14.97 17.91 7.09
N ILE C 218 15.84 17.11 6.49
CA ILE C 218 15.52 16.40 5.26
C ILE C 218 15.76 14.90 5.48
N PHE C 219 14.74 14.10 5.12
CA PHE C 219 14.81 12.65 5.27
C PHE C 219 14.86 11.97 3.90
N ALA C 220 15.61 10.87 3.84
CA ALA C 220 15.81 10.12 2.60
C ALA C 220 14.74 9.07 2.35
N LYS C 221 13.49 9.40 2.72
CA LYS C 221 12.34 8.52 2.52
C LYS C 221 11.02 9.29 2.59
N GLU C 222 9.95 8.65 2.15
CA GLU C 222 8.61 9.23 2.22
C GLU C 222 7.94 8.87 3.55
N LEU C 223 7.87 9.85 4.45
CA LEU C 223 7.30 9.64 5.78
C LEU C 223 5.78 9.52 5.74
N ASP C 224 5.25 8.57 6.52
CA ASP C 224 3.80 8.39 6.61
C ASP C 224 3.19 9.23 7.74
N ASP C 225 1.86 9.29 7.77
CA ASP C 225 1.12 10.07 8.76
C ASP C 225 1.53 9.79 10.20
N LYS C 226 1.71 8.50 10.52
CA LYS C 226 2.14 8.06 11.85
C LYS C 226 3.51 8.61 12.22
N ASP C 227 4.45 8.54 11.27
CA ASP C 227 5.82 9.03 11.47
C ASP C 227 5.87 10.54 11.70
N ILE C 228 5.08 11.26 10.92
CA ILE C 228 5.05 12.73 10.95
C ILE C 228 4.59 13.27 12.30
N ASN C 229 3.53 12.67 12.85
CA ASN C 229 2.99 13.08 14.14
C ASN C 229 3.94 12.80 15.31
N ILE C 230 4.69 11.71 15.22
CA ILE C 230 5.72 11.38 16.21
C ILE C 230 6.80 12.47 16.19
N LEU C 231 7.28 12.79 14.99
CA LEU C 231 8.25 13.86 14.79
C LEU C 231 7.70 15.19 15.32
N PHE C 232 6.46 15.50 14.94
CA PHE C 232 5.76 16.71 15.34
C PHE C 232 5.73 16.91 16.86
N ASN C 233 5.37 15.87 17.59
CA ASN C 233 5.27 15.95 19.05
C ASN C 233 6.62 15.95 19.77
N SER C 234 7.59 15.23 19.22
CA SER C 234 8.92 15.12 19.83
C SER C 234 9.72 16.41 19.75
N LEU C 235 9.27 17.34 18.91
CA LEU C 235 9.94 18.64 18.74
C LEU C 235 9.37 19.75 19.63
N GLN C 236 8.39 19.40 20.46
CA GLN C 236 7.75 20.36 21.37
C GLN C 236 7.83 19.92 22.82
N TYR C 237 7.77 20.91 23.72
CA TYR C 237 7.46 20.67 25.12
C TYR C 237 5.96 20.85 25.27
N THR C 238 5.24 19.74 25.40
CA THR C 238 3.78 19.73 25.42
C THR C 238 3.20 20.35 26.69
N ASN C 239 3.94 20.20 27.79
CA ASN C 239 3.48 20.72 29.07
C ASN C 239 3.70 22.22 29.24
N VAL C 240 4.52 22.81 28.38
CA VAL C 240 4.72 24.26 28.37
C VAL C 240 3.58 24.92 27.59
N VAL C 241 2.76 25.70 28.29
CA VAL C 241 1.63 26.40 27.68
C VAL C 241 2.17 27.46 26.72
N LYS C 242 1.47 27.64 25.60
CA LYS C 242 1.91 28.57 24.56
C LYS C 242 1.02 29.82 24.48
N ASP C 243 1.61 30.93 24.04
CA ASP C 243 0.86 32.14 23.73
C ASP C 243 0.22 32.00 22.35
N TYR C 244 -0.50 33.04 21.91
CA TYR C 244 -1.24 32.97 20.65
C TYR C 244 -0.37 32.70 19.42
N TRP C 245 0.86 33.19 19.44
CA TRP C 245 1.78 32.99 18.31
C TRP C 245 2.61 31.71 18.41
N GLY C 246 2.41 30.95 19.50
CA GLY C 246 3.06 29.66 19.65
C GLY C 246 4.34 29.68 20.48
N ASN C 247 4.74 30.86 20.93
CA ASN C 247 5.89 31.00 21.81
C ASN C 247 5.52 30.63 23.25
N ASP C 248 6.53 30.29 24.06
CA ASP C 248 6.31 29.91 25.45
C ASP C 248 5.59 31.00 26.22
N LEU C 249 4.47 30.64 26.86
CA LEU C 249 3.75 31.56 27.72
C LEU C 249 4.56 31.80 29.00
N ARG C 250 4.59 33.05 29.44
CA ARG C 250 5.42 33.42 30.59
C ARG C 250 4.65 34.17 31.68
N TYR C 251 5.14 34.04 32.91
CA TYR C 251 4.66 34.84 34.03
C TYR C 251 5.30 36.22 33.98
N ASP C 252 4.70 37.18 34.69
CA ASP C 252 5.24 38.55 34.79
C ASP C 252 5.36 39.24 33.41
N LYS C 253 4.38 39.00 32.55
CA LYS C 253 4.34 39.57 31.21
C LYS C 253 2.92 39.94 30.81
N GLU C 254 2.76 41.14 30.25
CA GLU C 254 1.46 41.61 29.78
C GLU C 254 0.96 40.83 28.56
N TYR C 255 -0.28 40.38 28.64
CA TYR C 255 -0.95 39.69 27.55
C TYR C 255 -2.37 40.23 27.38
N TYR C 256 -2.85 40.21 26.14
CA TYR C 256 -4.28 40.37 25.89
C TYR C 256 -4.92 39.00 25.99
N MET C 257 -5.85 38.87 26.94
CA MET C 257 -6.56 37.62 27.17
C MET C 257 -7.84 37.62 26.36
N ILE C 258 -7.99 36.62 25.50
CA ILE C 258 -9.11 36.54 24.57
C ILE C 258 -9.69 35.13 24.57
N ASN C 259 -11.02 35.03 24.48
CA ASN C 259 -11.68 33.75 24.31
C ASN C 259 -11.76 33.37 22.83
N VAL C 260 -11.49 32.10 22.54
CA VAL C 260 -11.47 31.57 21.17
C VAL C 260 -12.76 31.86 20.41
N ASN C 261 -13.90 31.78 21.09
CA ASN C 261 -15.19 32.05 20.47
C ASN C 261 -15.49 33.53 20.27
N TYR C 262 -14.65 34.39 20.85
CA TYR C 262 -14.88 35.83 20.82
C TYR C 262 -13.61 36.61 20.51
N MET C 263 -13.01 36.33 19.36
CA MET C 263 -11.76 36.95 18.92
C MET C 263 -11.91 38.44 18.65
N ASN C 264 -13.11 38.87 18.29
CA ASN C 264 -13.39 40.29 18.10
C ASN C 264 -13.82 41.02 19.39
N ARG C 265 -13.43 40.48 20.53
CA ARG C 265 -13.69 41.12 21.82
C ARG C 265 -12.41 41.44 22.56
N TYR C 266 -12.41 42.57 23.27
CA TYR C 266 -11.33 42.94 24.18
C TYR C 266 -11.87 43.11 25.59
N MET C 267 -10.97 43.15 26.57
CA MET C 267 -11.35 43.25 27.96
C MET C 267 -11.53 44.69 28.43
N SER C 268 -12.64 44.92 29.12
CA SER C 268 -12.94 46.21 29.74
C SER C 268 -13.46 45.98 31.16
N LYS C 269 -13.78 47.07 31.86
CA LYS C 269 -14.24 46.99 33.24
C LYS C 269 -15.41 47.93 33.51
N LYS C 270 -16.42 47.43 34.20
CA LYS C 270 -17.50 48.25 34.73
C LYS C 270 -17.86 47.77 36.14
N GLY C 271 -17.72 48.67 37.10
CA GLY C 271 -17.86 48.32 38.52
C GLY C 271 -16.90 47.19 38.87
N ASN C 272 -17.43 46.16 39.53
CA ASN C 272 -16.66 44.98 39.88
C ASN C 272 -16.31 44.09 38.69
N GLY C 273 -17.11 44.19 37.63
CA GLY C 273 -17.06 43.21 36.55
C GLY C 273 -16.10 43.49 35.42
N ILE C 274 -15.52 42.41 34.89
CA ILE C 274 -14.83 42.45 33.62
C ILE C 274 -15.90 42.28 32.54
N VAL C 275 -15.90 43.18 31.55
CA VAL C 275 -16.84 43.08 30.43
C VAL C 275 -16.09 43.02 29.10
N PHE C 276 -16.70 42.38 28.11
CA PHE C 276 -16.11 42.29 26.78
C PHE C 276 -16.80 43.24 25.79
N ASN C 277 -16.00 44.10 25.18
CA ASN C 277 -16.48 45.02 24.15
C ASN C 277 -15.94 44.63 22.77
N THR C 278 -16.69 44.98 21.72
CA THR C 278 -16.27 44.74 20.36
C THR C 278 -15.07 45.62 19.99
N ARG C 279 -14.01 44.99 19.47
CA ARG C 279 -12.81 45.73 19.08
C ARG C 279 -13.02 46.57 17.82
N LYS C 280 -12.19 47.60 17.68
CA LYS C 280 -12.31 48.58 16.59
C LYS C 280 -12.03 47.96 15.21
N ASN C 281 -10.89 47.29 15.08
CA ASN C 281 -10.51 46.62 13.84
C ASN C 281 -9.56 45.44 14.06
N ASN C 282 -9.14 44.81 12.96
CA ASN C 282 -8.27 43.62 13.02
C ASN C 282 -6.82 43.86 12.62
N ASN C 283 -6.38 45.12 12.68
CA ASN C 283 -4.97 45.45 12.45
C ASN C 283 -4.05 44.68 13.39
N ASP C 284 -4.43 44.62 14.66
CA ASP C 284 -3.72 43.86 15.69
C ASP C 284 -4.66 43.58 16.85
N PHE C 285 -4.11 43.18 17.99
CA PHE C 285 -4.93 42.90 19.16
C PHE C 285 -4.75 43.94 20.27
N ASN C 286 -4.06 45.03 19.93
CA ASN C 286 -3.74 46.08 20.89
C ASN C 286 -4.92 47.00 21.20
N GLU C 287 -5.84 46.51 22.03
CA GLU C 287 -6.99 47.27 22.50
C GLU C 287 -7.48 46.74 23.84
N GLY C 288 -7.86 47.66 24.72
CA GLY C 288 -8.39 47.31 26.04
C GLY C 288 -7.33 47.02 27.08
N TYR C 289 -7.76 46.46 28.20
CA TYR C 289 -6.85 46.17 29.32
C TYR C 289 -6.10 44.85 29.14
N LYS C 290 -4.90 44.80 29.72
CA LYS C 290 -4.03 43.63 29.61
C LYS C 290 -3.92 42.94 30.96
N ILE C 291 -3.63 41.64 30.93
CA ILE C 291 -3.42 40.88 32.15
C ILE C 291 -1.96 40.46 32.32
N ILE C 292 -1.57 40.23 33.56
CA ILE C 292 -0.26 39.65 33.86
C ILE C 292 -0.51 38.37 34.63
N ILE C 293 0.14 37.29 34.22
CA ILE C 293 0.00 36.00 34.89
C ILE C 293 1.00 35.89 36.03
N LYS C 294 0.51 35.51 37.21
CA LYS C 294 1.33 35.44 38.41
C LYS C 294 1.27 34.05 39.03
N ARG C 295 2.45 33.53 39.38
CA ARG C 295 2.59 32.16 39.85
C ARG C 295 2.23 32.01 41.33
N ILE C 296 1.51 30.93 41.65
CA ILE C 296 1.34 30.48 43.03
C ILE C 296 2.08 29.17 43.24
N ARG C 297 1.76 28.16 42.42
CA ARG C 297 2.43 26.87 42.44
C ARG C 297 3.02 26.51 41.07
N GLY C 298 4.32 26.21 41.06
CA GLY C 298 5.03 25.87 39.83
C GLY C 298 6.54 26.03 39.93
N ASN C 299 7.23 25.67 38.85
CA ASN C 299 8.70 25.79 38.78
C ASN C 299 9.17 27.24 38.99
N THR C 300 9.79 27.50 40.15
CA THR C 300 10.28 28.83 40.48
C THR C 300 11.58 29.18 39.75
N ASN C 301 12.25 28.16 39.23
CA ASN C 301 13.52 28.34 38.51
C ASN C 301 13.40 28.99 37.12
N ASP C 302 12.21 28.95 36.53
CA ASP C 302 11.98 29.65 35.26
C ASP C 302 10.64 30.40 35.21
N THR C 303 10.44 31.12 34.10
CA THR C 303 9.31 32.03 33.95
C THR C 303 8.18 31.41 33.13
N ARG C 304 8.41 30.19 32.66
CA ARG C 304 7.46 29.52 31.76
C ARG C 304 6.26 28.94 32.51
N VAL C 305 5.08 29.18 31.93
CA VAL C 305 3.82 28.67 32.47
C VAL C 305 3.63 27.24 31.98
N ARG C 306 3.50 26.31 32.92
CA ARG C 306 3.33 24.90 32.58
C ARG C 306 1.98 24.37 33.02
N GLY C 307 1.52 23.30 32.37
CA GLY C 307 0.26 22.65 32.74
C GLY C 307 0.24 22.23 34.19
N GLU C 308 -0.93 22.36 34.81
CA GLU C 308 -1.14 22.05 36.23
C GLU C 308 -0.56 23.07 37.21
N ASN C 309 0.03 24.15 36.68
CA ASN C 309 0.45 25.27 37.50
C ASN C 309 -0.79 25.96 38.10
N VAL C 310 -0.66 26.39 39.35
CA VAL C 310 -1.69 27.17 40.01
C VAL C 310 -1.27 28.65 39.92
N LEU C 311 -2.17 29.49 39.41
CA LEU C 311 -1.84 30.87 39.09
C LEU C 311 -3.01 31.83 39.31
N TYR C 312 -2.75 33.13 39.19
CA TYR C 312 -3.79 34.15 39.20
C TYR C 312 -3.47 35.28 38.21
N PHE C 313 -4.42 36.19 38.01
CA PHE C 313 -4.27 37.24 37.01
C PHE C 313 -4.33 38.64 37.61
N ASN C 314 -3.34 39.46 37.29
CA ASN C 314 -3.34 40.87 37.63
C ASN C 314 -3.68 41.71 36.41
N THR C 315 -4.30 42.88 36.64
CA THR C 315 -4.58 43.82 35.56
C THR C 315 -4.52 45.27 36.06
N THR C 316 -3.88 46.13 35.26
CA THR C 316 -3.79 47.56 35.60
C THR C 316 -4.86 48.36 34.88
N ILE C 317 -5.68 49.06 35.68
CA ILE C 317 -6.76 49.89 35.16
C ILE C 317 -6.75 51.22 35.91
N ASP C 318 -6.60 52.31 35.15
CA ASP C 318 -6.58 53.67 35.69
C ASP C 318 -5.61 53.83 36.86
N ASN C 319 -4.36 53.43 36.65
CA ASN C 319 -3.28 53.57 37.63
C ASN C 319 -3.52 52.82 38.95
N LYS C 320 -4.33 51.76 38.86
CA LYS C 320 -4.56 50.85 39.97
C LYS C 320 -4.42 49.43 39.43
N GLN C 321 -3.94 48.53 40.26
CA GLN C 321 -3.84 47.13 39.85
C GLN C 321 -4.85 46.27 40.59
N TYR C 322 -5.60 45.50 39.82
CA TYR C 322 -6.61 44.59 40.35
C TYR C 322 -6.18 43.16 40.07
N SER C 323 -6.80 42.21 40.77
CA SER C 323 -6.65 40.80 40.44
C SER C 323 -8.02 40.26 40.03
N LEU C 324 -8.02 39.25 39.17
CA LEU C 324 -9.28 38.63 38.77
C LEU C 324 -9.81 37.78 39.91
N GLY C 325 -11.12 37.87 40.14
CA GLY C 325 -11.75 37.14 41.24
C GLY C 325 -13.26 37.08 41.10
N MET C 326 -13.86 36.12 41.81
CA MET C 326 -15.31 35.97 41.79
C MET C 326 -15.98 37.09 42.58
N TYR C 327 -17.20 37.43 42.19
CA TYR C 327 -18.01 38.41 42.91
C TYR C 327 -19.49 38.05 42.82
N LYS C 328 -20.27 38.56 43.77
CA LYS C 328 -21.71 38.33 43.79
C LYS C 328 -22.39 39.26 42.80
N PRO C 329 -23.10 38.70 41.80
CA PRO C 329 -23.81 39.55 40.84
C PRO C 329 -25.09 40.14 41.44
N SER C 330 -25.57 41.24 40.86
CA SER C 330 -26.76 41.95 41.35
C SER C 330 -28.00 41.04 41.40
N ARG C 331 -28.11 40.14 40.43
CA ARG C 331 -29.08 39.05 40.45
C ARG C 331 -28.46 37.79 39.86
N ASN C 332 -29.10 36.64 40.08
CA ASN C 332 -28.58 35.36 39.59
C ASN C 332 -28.44 35.29 38.08
N LEU C 333 -27.38 34.65 37.62
CA LEU C 333 -27.09 34.54 36.18
C LEU C 333 -27.56 33.20 35.64
N GLY C 334 -27.53 32.19 36.50
CA GLY C 334 -27.89 30.82 36.12
C GLY C 334 -27.30 29.82 37.10
N THR C 335 -27.80 28.60 37.05
CA THR C 335 -27.35 27.55 37.95
C THR C 335 -25.84 27.32 37.84
N ASP C 336 -25.17 27.33 38.99
CA ASP C 336 -23.75 27.04 39.11
C ASP C 336 -22.83 28.07 38.43
N LEU C 337 -23.36 29.27 38.17
CA LEU C 337 -22.59 30.32 37.50
C LEU C 337 -22.18 31.43 38.45
N VAL C 338 -20.88 31.70 38.51
CA VAL C 338 -20.35 32.83 39.25
C VAL C 338 -19.52 33.70 38.31
N PRO C 339 -19.81 35.01 38.25
CA PRO C 339 -19.05 35.88 37.37
C PRO C 339 -17.64 36.15 37.89
N LEU C 340 -16.71 36.37 36.96
CA LEU C 340 -15.34 36.75 37.30
C LEU C 340 -15.14 38.24 37.05
N GLY C 341 -14.58 38.93 38.03
CA GLY C 341 -14.39 40.38 37.93
C GLY C 341 -13.00 40.83 38.29
N ALA C 342 -12.80 42.15 38.33
CA ALA C 342 -11.52 42.75 38.67
C ALA C 342 -11.61 43.38 40.07
N LEU C 343 -10.85 42.83 41.01
CA LEU C 343 -10.98 43.20 42.42
C LEU C 343 -9.66 43.64 43.05
N ASP C 344 -9.73 44.68 43.88
CA ASP C 344 -8.60 45.12 44.67
C ASP C 344 -8.66 44.42 46.02
N GLN C 345 -8.08 43.22 46.08
CA GLN C 345 -8.13 42.39 47.28
C GLN C 345 -6.79 41.74 47.63
N PRO C 346 -6.58 41.43 48.92
CA PRO C 346 -5.33 40.82 49.37
C PRO C 346 -5.17 39.35 48.96
N MET C 347 -3.98 38.81 49.19
CA MET C 347 -3.60 37.48 48.72
C MET C 347 -4.48 36.36 49.27
N ASP C 348 -4.91 36.49 50.53
CA ASP C 348 -5.81 35.51 51.14
C ASP C 348 -7.11 35.32 50.34
N GLU C 349 -7.64 36.42 49.82
CA GLU C 349 -8.87 36.40 49.02
C GLU C 349 -8.62 35.84 47.62
N ILE C 350 -7.44 36.14 47.07
CA ILE C 350 -7.03 35.64 45.77
C ILE C 350 -6.92 34.11 45.78
N ARG C 351 -6.33 33.57 46.85
CA ARG C 351 -6.18 32.13 47.01
C ARG C 351 -7.53 31.43 47.11
N LYS C 352 -8.49 32.09 47.76
CA LYS C 352 -9.83 31.51 47.94
C LYS C 352 -10.70 31.65 46.69
N TYR C 353 -10.66 32.80 46.02
CA TYR C 353 -11.66 33.09 44.98
C TYR C 353 -11.10 33.59 43.65
N GLY C 354 -9.79 33.51 43.46
CA GLY C 354 -9.18 34.01 42.23
C GLY C 354 -8.02 33.20 41.68
N SER C 355 -7.87 31.97 42.17
CA SER C 355 -6.77 31.10 41.74
C SER C 355 -7.23 30.07 40.73
N PHE C 356 -6.39 29.80 39.72
CA PHE C 356 -6.74 28.89 38.65
C PHE C 356 -5.65 27.87 38.36
N ILE C 357 -6.08 26.69 37.91
CA ILE C 357 -5.18 25.66 37.41
C ILE C 357 -5.22 25.72 35.88
N ILE C 358 -4.06 25.90 35.26
CA ILE C 358 -3.98 26.00 33.80
C ILE C 358 -3.69 24.64 33.15
N GLN C 359 -4.31 24.43 32.00
CA GLN C 359 -4.15 23.20 31.23
C GLN C 359 -4.15 23.54 29.75
N PRO C 360 -3.04 23.24 29.05
CA PRO C 360 -2.97 23.57 27.63
C PRO C 360 -3.93 22.75 26.80
N CYS C 361 -4.48 23.35 25.76
CA CYS C 361 -5.16 22.60 24.70
C CYS C 361 -4.87 23.23 23.35
N ASN C 362 -3.97 22.60 22.62
CA ASN C 362 -3.57 23.07 21.30
C ASN C 362 -4.36 22.32 20.24
N THR C 363 -4.91 23.06 19.29
CA THR C 363 -5.57 22.47 18.15
C THR C 363 -4.82 22.92 16.90
N PHE C 364 -5.23 22.39 15.74
CA PHE C 364 -4.67 22.84 14.47
C PHE C 364 -4.84 24.35 14.29
N ASP C 365 -5.98 24.87 14.76
CA ASP C 365 -6.35 26.26 14.56
C ASP C 365 -5.60 27.24 15.47
N TYR C 366 -5.39 26.87 16.73
CA TYR C 366 -4.88 27.82 17.72
C TYR C 366 -4.09 27.20 18.88
N TYR C 367 -3.24 28.02 19.48
CA TYR C 367 -2.59 27.69 20.74
C TYR C 367 -3.42 28.30 21.87
N ALA C 368 -4.04 27.45 22.69
CA ALA C 368 -4.90 27.92 23.76
C ALA C 368 -4.74 27.10 25.03
N SER C 369 -5.51 27.45 26.06
CA SER C 369 -5.52 26.74 27.32
C SER C 369 -6.87 26.82 28.01
N GLN C 370 -7.12 25.86 28.90
CA GLN C 370 -8.32 25.88 29.74
C GLN C 370 -7.94 26.26 31.16
N LEU C 371 -8.84 26.96 31.84
CA LEU C 371 -8.59 27.41 33.20
C LEU C 371 -9.65 26.90 34.16
N PHE C 372 -9.20 26.18 35.19
CA PHE C 372 -10.08 25.61 36.19
C PHE C 372 -9.92 26.35 37.50
N LEU C 373 -11.05 26.71 38.13
CA LEU C 373 -11.02 27.36 39.43
C LEU C 373 -10.38 26.45 40.47
N SER C 374 -9.41 27.00 41.20
CA SER C 374 -8.68 26.25 42.22
C SER C 374 -9.37 26.29 43.58
N SER C 375 -9.24 25.20 44.32
CA SER C 375 -9.69 25.13 45.69
C SER C 375 -8.54 25.50 46.61
N ASN C 376 -8.58 26.72 47.15
CA ASN C 376 -7.56 27.25 48.07
C ASN C 376 -6.12 27.15 47.52
N ALA C 377 -5.96 27.54 46.26
CA ALA C 377 -4.66 27.55 45.58
C ALA C 377 -4.00 26.16 45.48
N THR C 378 -4.82 25.10 45.51
CA THR C 378 -4.33 23.73 45.29
C THR C 378 -4.73 23.26 43.90
N THR C 379 -4.35 22.03 43.55
CA THR C 379 -4.67 21.46 42.24
C THR C 379 -6.08 20.86 42.17
N ASN C 380 -6.84 20.96 43.26
CA ASN C 380 -8.23 20.52 43.29
C ASN C 380 -9.14 21.48 42.55
N ARG C 381 -9.97 20.94 41.66
CA ARG C 381 -10.77 21.74 40.74
C ARG C 381 -12.20 21.93 41.22
N LEU C 382 -12.65 23.18 41.19
CA LEU C 382 -14.00 23.53 41.61
C LEU C 382 -14.92 23.91 40.45
N GLY C 383 -14.33 24.34 39.34
CA GLY C 383 -15.09 24.76 38.17
C GLY C 383 -14.22 25.12 36.98
N ILE C 384 -14.86 25.53 35.88
CA ILE C 384 -14.14 25.90 34.66
C ILE C 384 -14.50 27.32 34.22
N LEU C 385 -13.50 28.05 33.72
CA LEU C 385 -13.71 29.42 33.24
C LEU C 385 -14.29 29.40 31.84
N SER C 386 -15.46 30.01 31.69
CA SER C 386 -16.15 30.12 30.41
C SER C 386 -16.50 31.59 30.14
N ILE C 387 -17.43 31.80 29.21
CA ILE C 387 -17.83 33.13 28.78
C ILE C 387 -19.30 33.09 28.33
N GLY C 388 -20.02 34.20 28.56
CA GLY C 388 -21.42 34.29 28.17
C GLY C 388 -22.02 35.65 28.43
N SER C 389 -23.17 35.90 27.80
CA SER C 389 -23.89 37.15 27.97
C SER C 389 -25.05 36.98 28.95
N TYR C 390 -25.11 37.85 29.96
CA TYR C 390 -26.11 37.76 31.02
C TYR C 390 -26.63 39.13 31.41
N SER C 391 -27.90 39.19 31.77
CA SER C 391 -28.57 40.45 32.05
C SER C 391 -28.61 40.75 33.55
N PHE C 392 -27.78 41.70 33.97
CA PHE C 392 -27.74 42.17 35.35
C PHE C 392 -27.23 43.61 35.43
N LYS C 393 -26.88 44.06 36.64
CA LYS C 393 -26.49 45.45 36.86
C LYS C 393 -25.03 45.57 37.31
N LEU C 394 -24.30 46.49 36.69
CA LEU C 394 -22.90 46.73 37.01
C LEU C 394 -22.58 48.20 37.12
N GLY C 395 -21.66 48.54 38.02
CA GLY C 395 -21.27 49.92 38.26
C GLY C 395 -22.46 50.76 38.65
N ASP C 396 -22.70 51.83 37.89
CA ASP C 396 -23.76 52.78 38.21
C ASP C 396 -25.11 52.45 37.56
N ASP C 397 -25.27 51.22 37.07
CA ASP C 397 -26.57 50.73 36.62
C ASP C 397 -27.54 50.82 37.78
N TYR C 398 -28.73 51.36 37.52
CA TYR C 398 -29.72 51.52 38.58
C TYR C 398 -31.12 51.04 38.16
N TRP C 399 -31.65 51.64 37.09
CA TRP C 399 -33.04 51.40 36.70
C TRP C 399 -33.28 50.08 35.98
N PHE C 400 -32.34 49.70 35.12
CA PHE C 400 -32.54 48.53 34.27
C PHE C 400 -31.38 47.55 34.33
N ASN C 401 -31.66 46.31 33.97
CA ASN C 401 -30.62 45.31 33.75
C ASN C 401 -30.07 45.45 32.34
N HIS C 402 -28.80 45.10 32.19
CA HIS C 402 -28.13 45.20 30.90
C HIS C 402 -27.44 43.89 30.58
N GLU C 403 -27.49 43.51 29.31
CA GLU C 403 -26.78 42.35 28.81
C GLU C 403 -25.28 42.64 28.81
N TYR C 404 -24.52 41.86 29.56
CA TYR C 404 -23.07 42.00 29.61
C TYR C 404 -22.40 40.69 29.20
N LEU C 405 -21.48 40.77 28.25
CA LEU C 405 -20.61 39.65 27.90
C LEU C 405 -19.46 39.60 28.91
N ILE C 406 -19.47 38.56 29.74
CA ILE C 406 -18.57 38.47 30.90
C ILE C 406 -17.84 37.14 30.97
N PRO C 407 -16.67 37.11 31.66
CA PRO C 407 -16.10 35.80 32.00
C PRO C 407 -16.89 35.21 33.16
N VAL C 408 -17.19 33.92 33.08
CA VAL C 408 -18.06 33.27 34.06
C VAL C 408 -17.53 31.88 34.41
N ILE C 409 -17.60 31.52 35.69
CA ILE C 409 -17.16 30.20 36.13
C ILE C 409 -18.37 29.29 36.36
N LYS C 410 -18.35 28.12 35.73
CA LYS C 410 -19.34 27.10 35.99
C LYS C 410 -18.78 26.16 37.04
N ILE C 411 -19.44 26.11 38.20
CA ILE C 411 -18.93 25.33 39.33
C ILE C 411 -19.62 23.97 39.47
N GLU C 412 -18.88 23.02 40.05
CA GLU C 412 -19.36 21.66 40.35
C GLU C 412 -19.75 20.82 39.15
N HIS C 413 -20.76 21.26 38.40
CA HIS C 413 -21.27 20.52 37.25
C HIS C 413 -20.90 21.22 35.95
N TYR C 414 -19.85 20.73 35.30
CA TYR C 414 -19.35 21.36 34.08
C TYR C 414 -18.83 20.34 33.06
N ALA C 415 -19.35 19.12 33.10
CA ALA C 415 -18.88 18.02 32.26
C ALA C 415 -18.99 18.31 30.75
N SER C 416 -20.08 18.96 30.34
CA SER C 416 -20.33 19.23 28.93
C SER C 416 -19.65 20.51 28.43
N LEU C 417 -19.16 21.33 29.36
CA LEU C 417 -18.37 22.51 28.99
C LEU C 417 -16.89 22.15 28.78
N LEU C 418 -16.53 20.93 29.18
CA LEU C 418 -15.15 20.46 29.11
C LEU C 418 -14.64 20.36 27.68
N GLU C 419 -15.52 19.99 26.76
CA GLU C 419 -15.15 19.86 25.34
C GLU C 419 -15.62 21.04 24.49
N SER C 420 -16.10 22.10 25.16
CA SER C 420 -16.58 23.30 24.49
C SER C 420 -15.44 24.31 24.26
N THR C 421 -15.43 24.92 23.07
CA THR C 421 -14.38 25.88 22.71
C THR C 421 -14.53 27.21 23.45
N SER C 422 -15.71 27.44 24.03
CA SER C 422 -15.99 28.63 24.84
C SER C 422 -15.19 28.65 26.15
N THR C 423 -14.45 27.57 26.40
CA THR C 423 -13.57 27.47 27.56
C THR C 423 -12.09 27.54 27.18
N HIS C 424 -11.82 27.75 25.90
CA HIS C 424 -10.45 27.87 25.41
C HIS C 424 -10.02 29.32 25.43
N TRP C 425 -8.95 29.59 26.16
CA TRP C 425 -8.44 30.94 26.34
C TRP C 425 -7.07 31.14 25.71
N VAL C 426 -6.91 32.32 25.12
CA VAL C 426 -5.74 32.66 24.32
C VAL C 426 -5.03 33.89 24.92
N PHE C 427 -3.72 33.96 24.78
CA PHE C 427 -2.94 35.09 25.28
C PHE C 427 -2.05 35.68 24.20
N VAL C 428 -2.36 36.91 23.79
CA VAL C 428 -1.57 37.62 22.78
C VAL C 428 -0.62 38.60 23.49
N PRO C 429 0.69 38.48 23.22
CA PRO C 429 1.66 39.39 23.84
C PRO C 429 1.39 40.84 23.48
N ALA C 430 1.47 41.73 24.47
CA ALA C 430 1.28 43.16 24.27
C ALA C 430 2.46 43.77 23.52
N SER C 431 3.65 43.26 23.81
CA SER C 431 4.92 43.75 23.21
C SER C 431 5.06 45.26 23.32
N SER D 3 25.52 35.83 -23.91
CA SER D 3 24.12 35.38 -24.15
C SER D 3 24.07 34.22 -25.15
N GLN D 4 22.89 33.61 -25.27
CA GLN D 4 22.68 32.51 -26.21
C GLN D 4 22.76 32.97 -27.67
N GLU D 5 22.13 34.10 -27.96
CA GLU D 5 22.13 34.70 -29.30
C GLU D 5 23.55 35.01 -29.78
N ASP D 6 24.43 35.38 -28.84
CA ASP D 6 25.84 35.63 -29.14
C ASP D 6 26.57 34.34 -29.47
N MET D 7 26.26 33.27 -28.74
CA MET D 7 26.90 31.97 -28.98
C MET D 7 26.47 31.33 -30.29
N PHE D 8 25.21 31.52 -30.68
CA PHE D 8 24.71 31.03 -31.96
C PHE D 8 25.34 31.80 -33.12
N ALA D 9 25.50 33.12 -32.93
CA ALA D 9 26.13 33.98 -33.93
C ALA D 9 27.59 33.62 -34.11
N LYS D 10 28.25 33.25 -33.01
CA LYS D 10 29.64 32.81 -33.03
C LYS D 10 29.78 31.50 -33.79
N LEU D 11 28.86 30.58 -33.54
CA LEU D 11 28.88 29.28 -34.21
C LEU D 11 28.62 29.40 -35.70
N LYS D 12 27.72 30.31 -36.06
CA LYS D 12 27.43 30.56 -37.48
C LYS D 12 28.66 31.11 -38.19
N ASP D 13 29.33 32.06 -37.54
CA ASP D 13 30.51 32.71 -38.08
C ASP D 13 31.67 31.73 -38.26
N LYS D 14 31.83 30.82 -37.31
CA LYS D 14 32.97 29.91 -37.29
C LYS D 14 32.78 28.63 -38.12
N PHE D 15 31.58 28.05 -38.10
CA PHE D 15 31.38 26.73 -38.69
C PHE D 15 30.46 26.67 -39.91
N PHE D 16 30.08 27.83 -40.45
CA PHE D 16 29.24 27.86 -41.64
C PHE D 16 29.88 28.64 -42.79
N ASN D 17 29.63 28.16 -44.01
CA ASN D 17 29.97 28.90 -45.23
C ASN D 17 28.74 29.69 -45.65
N GLU D 18 28.86 30.98 -45.98
CA GLU D 18 30.01 31.86 -45.75
C GLU D 18 29.70 33.22 -46.36
N SER E 3 8.81 -44.05 -11.06
CA SER E 3 8.25 -44.24 -12.43
C SER E 3 6.80 -44.68 -12.36
N GLN E 4 5.95 -44.03 -13.18
CA GLN E 4 4.51 -44.29 -13.17
C GLN E 4 4.17 -45.70 -13.66
N GLU E 5 4.88 -46.15 -14.69
CA GLU E 5 4.67 -47.48 -15.28
C GLU E 5 5.09 -48.57 -14.29
N ASP E 6 6.16 -48.29 -13.54
CA ASP E 6 6.65 -49.20 -12.51
C ASP E 6 5.66 -49.34 -11.36
N MET E 7 4.98 -48.24 -11.04
CA MET E 7 3.99 -48.23 -9.95
C MET E 7 2.73 -49.03 -10.29
N PHE E 8 2.30 -48.97 -11.54
CA PHE E 8 1.16 -49.76 -12.01
C PHE E 8 1.48 -51.27 -12.01
N ALA E 9 2.71 -51.61 -12.39
CA ALA E 9 3.18 -52.99 -12.36
C ALA E 9 3.27 -53.52 -10.94
N LYS E 10 3.67 -52.66 -10.01
CA LYS E 10 3.77 -52.99 -8.60
C LYS E 10 2.39 -53.27 -7.99
N LEU E 11 1.42 -52.41 -8.30
CA LEU E 11 0.05 -52.57 -7.82
C LEU E 11 -0.61 -53.82 -8.38
N LYS E 12 -0.37 -54.11 -9.66
CA LYS E 12 -0.86 -55.33 -10.28
C LYS E 12 -0.30 -56.57 -9.57
N ASP E 13 1.00 -56.53 -9.29
CA ASP E 13 1.68 -57.66 -8.67
C ASP E 13 1.20 -57.87 -7.23
N LYS E 14 0.99 -56.78 -6.50
CA LYS E 14 0.64 -56.85 -5.09
C LYS E 14 -0.84 -57.09 -4.82
N PHE E 15 -1.71 -56.50 -5.63
CA PHE E 15 -3.13 -56.47 -5.30
C PHE E 15 -4.06 -57.23 -6.25
N PHE E 16 -3.50 -57.91 -7.25
CA PHE E 16 -4.34 -58.66 -8.19
C PHE E 16 -4.03 -60.15 -8.21
N ASN E 17 -5.08 -60.94 -8.42
CA ASN E 17 -4.94 -62.35 -8.74
C ASN E 17 -4.97 -62.48 -10.26
N GLU E 18 -4.15 -63.32 -10.91
CA GLU E 18 -2.98 -64.06 -10.40
C GLU E 18 -2.62 -65.14 -11.42
N SER F 3 -14.78 19.44 53.37
CA SER F 3 -14.06 19.70 52.09
C SER F 3 -14.92 19.34 50.88
N GLN F 4 -14.60 19.97 49.73
CA GLN F 4 -15.32 19.79 48.45
C GLN F 4 -16.78 20.25 48.53
N GLU F 5 -17.63 19.45 49.17
CA GLU F 5 -19.03 19.84 49.41
C GLU F 5 -19.10 21.09 50.29
N ASP F 6 -18.14 21.22 51.20
CA ASP F 6 -17.99 22.40 52.06
C ASP F 6 -17.66 23.65 51.26
N MET F 7 -16.80 23.50 50.25
CA MET F 7 -16.42 24.62 49.39
C MET F 7 -17.55 25.06 48.46
N PHE F 8 -18.31 24.11 47.95
CA PHE F 8 -19.46 24.41 47.08
C PHE F 8 -20.57 25.11 47.85
N ALA F 9 -20.75 24.71 49.11
CA ALA F 9 -21.67 25.39 50.03
C ALA F 9 -21.18 26.81 50.34
N LYS F 10 -19.85 26.96 50.44
CA LYS F 10 -19.24 28.26 50.71
C LYS F 10 -19.44 29.23 49.56
N LEU F 11 -19.28 28.74 48.33
CA LEU F 11 -19.45 29.57 47.14
C LEU F 11 -20.91 29.97 46.95
N LYS F 12 -21.83 29.04 47.21
CA LYS F 12 -23.27 29.29 47.17
C LYS F 12 -23.65 30.41 48.14
N ASP F 13 -23.10 30.33 49.35
CA ASP F 13 -23.38 31.29 50.41
C ASP F 13 -22.85 32.68 50.09
N LYS F 14 -21.64 32.75 49.54
CA LYS F 14 -20.97 34.03 49.32
C LYS F 14 -21.36 34.73 48.01
N PHE F 15 -21.57 33.95 46.96
CA PHE F 15 -21.69 34.52 45.61
C PHE F 15 -23.06 34.40 44.92
N PHE F 16 -24.03 33.79 45.60
CA PHE F 16 -25.38 33.67 45.03
C PHE F 16 -26.45 34.39 45.86
N ASN F 17 -27.47 34.91 45.17
CA ASN F 17 -28.67 35.44 45.82
C ASN F 17 -29.79 34.39 45.74
N GLU F 18 -30.49 34.08 46.83
CA GLU F 18 -30.17 34.45 48.21
C GLU F 18 -31.10 33.67 49.14
S SO4 G . 37.73 12.55 -55.68
O1 SO4 G . 38.76 13.55 -56.04
O2 SO4 G . 36.62 13.25 -55.01
O3 SO4 G . 37.24 11.87 -56.89
O4 SO4 G . 38.32 11.53 -54.77
S SO4 H . 28.05 16.72 -56.53
O1 SO4 H . 27.51 17.90 -55.83
O2 SO4 H . 27.92 15.52 -55.68
O3 SO4 H . 27.29 16.50 -57.78
O4 SO4 H . 29.49 16.96 -56.86
S SO4 I . 32.04 -10.05 -13.87
O1 SO4 I . 31.34 -9.03 -14.68
O2 SO4 I . 31.14 -10.52 -12.79
O3 SO4 I . 32.44 -11.17 -14.73
O4 SO4 I . 33.25 -9.44 -13.26
S SO4 J . 37.56 31.42 -31.39
O1 SO4 J . 38.48 32.57 -31.23
O2 SO4 J . 36.46 31.54 -30.41
O3 SO4 J . 37.02 31.42 -32.77
O4 SO4 J . 38.27 30.14 -31.16
S SO4 K . -20.37 -68.40 3.97
O1 SO4 K . -19.78 -67.70 2.80
O2 SO4 K . -20.70 -67.41 5.01
O3 SO4 K . -21.60 -69.09 3.54
O4 SO4 K . -19.39 -69.39 4.49
S SO4 L . -20.98 -66.89 -6.90
O1 SO4 L . -19.87 -66.43 -7.78
O2 SO4 L . -21.78 -65.72 -6.45
O3 SO4 L . -21.86 -67.79 -7.67
O4 SO4 L . -20.42 -67.62 -5.74
S SO4 M . 5.08 -29.03 6.52
O1 SO4 M . 4.83 -28.40 5.20
O2 SO4 M . 4.11 -28.50 7.50
O3 SO4 M . 4.94 -30.50 6.41
O4 SO4 M . 6.45 -28.71 6.99
S SO4 N . -8.72 -19.07 5.84
O1 SO4 N . -8.90 -17.91 6.73
O2 SO4 N . -10.03 -19.77 5.67
O3 SO4 N . -8.20 -18.65 4.52
O4 SO4 N . -7.74 -20.00 6.46
S SO4 O . -29.86 52.39 33.95
O1 SO4 O . -31.01 53.07 33.34
O2 SO4 O . -29.73 52.77 35.38
O3 SO4 O . -30.08 50.93 33.87
O4 SO4 O . -28.63 52.76 33.21
S SO4 P . 9.81 40.73 27.02
O1 SO4 P . 9.86 42.19 26.75
O2 SO4 P . 9.73 40.47 28.47
O3 SO4 P . 8.60 40.15 26.38
O4 SO4 P . 11.02 40.10 26.45
S SO4 Q . -14.90 34.52 53.76
O1 SO4 Q . -14.02 35.37 52.93
O2 SO4 Q . -14.96 35.04 55.15
O3 SO4 Q . -16.26 34.52 53.18
O4 SO4 Q . -14.36 33.15 53.79
S SO4 R . 6.39 -54.06 -0.87
O1 SO4 R . 7.47 -53.70 -1.83
O2 SO4 R . 5.57 -52.88 -0.56
O3 SO4 R . 5.55 -55.13 -1.45
O4 SO4 R . 7.02 -54.57 0.37
#